data_4D41
#
_entry.id   4D41
#
_cell.length_a   89.440
_cell.length_b   94.830
_cell.length_c   94.800
_cell.angle_alpha   98.30
_cell.angle_beta   111.35
_cell.angle_gamma   97.52
#
_symmetry.space_group_name_H-M   'P 1'
#
loop_
_entity.id
_entity.type
_entity.pdbx_description
1 polymer 'ENOYL-[ACYL-CARRIER-PROTEIN] REDUCTASE [NADPH]'
2 non-polymer (4S)-2-METHYL-2,4-PENTANEDIOL
3 non-polymer 'NADP NICOTINAMIDE-ADENINE-DINUCLEOTIDE PHOSPHATE'
4 non-polymer 5-HEXYL-2-(4-NITROPHENOXY)PHENOL
5 non-polymer 'GLUTAMIC ACID'
6 non-polymer (4R)-2-METHYLPENTANE-2,4-DIOL
7 water water
#
_entity_poly.entity_id   1
_entity_poly.type   'polypeptide(L)'
_entity_poly.pdbx_seq_one_letter_code
;MKHHHHHHPMSDYDIPTTENLYFQGAMVNLENKTYVIMGIANKRSIAFGVAKVLDQLGAKLVFTYRKERSRKELEKLLEQ
LNQPEAHLYQIDVQSDEEVINGFEQIGKDVGNIDGVYHSIAFANMEDLRGRFSETSREGFLLAQDISSYSLTIVAHEAKK
LMPEGGSIVATTYLGGEFAVQNYNVMGVAKASLEANVKYLALDLGPDNIRVNAISAGPIRTLSAKGVGGFNTILKEIEER
APLKRNVDQVEVGKTAAYLLSDLSSGVTGENIHVDSGFHAIK
;
_entity_poly.pdbx_strand_id   A,B,C,D,E,F,G,H
#
loop_
_chem_comp.id
_chem_comp.type
_chem_comp.name
_chem_comp.formula
JA1 non-polymer 5-HEXYL-2-(4-NITROPHENOXY)PHENOL 'C18 H21 N O4'
MPD non-polymer (4S)-2-METHYL-2,4-PENTANEDIOL 'C6 H14 O2'
MRD non-polymer (4R)-2-METHYLPENTANE-2,4-DIOL 'C6 H14 O2'
NAP non-polymer 'NADP NICOTINAMIDE-ADENINE-DINUCLEOTIDE PHOSPHATE' 'C21 H28 N7 O17 P3'
#
# COMPACT_ATOMS: atom_id res chain seq x y z
N ASN A 29 33.29 -10.17 -15.63
CA ASN A 29 32.80 -10.00 -17.03
C ASN A 29 31.87 -11.12 -17.51
N LEU A 30 30.65 -10.75 -17.88
CA LEU A 30 29.63 -11.74 -18.19
C LEU A 30 29.25 -11.74 -19.67
N GLU A 31 30.20 -11.35 -20.51
CA GLU A 31 29.98 -11.34 -21.93
C GLU A 31 29.71 -12.76 -22.37
N ASN A 32 28.76 -12.94 -23.28
CA ASN A 32 28.46 -14.27 -23.74
C ASN A 32 27.83 -15.15 -22.67
N LYS A 33 27.43 -14.56 -21.56
CA LYS A 33 26.46 -15.20 -20.69
C LYS A 33 25.03 -14.72 -20.99
N THR A 34 24.06 -15.61 -20.76
CA THR A 34 22.66 -15.25 -20.85
C THR A 34 21.96 -15.51 -19.50
N TYR A 35 21.34 -14.49 -18.92
CA TYR A 35 20.58 -14.72 -17.69
C TYR A 35 19.11 -14.36 -17.90
N VAL A 36 18.23 -15.16 -17.32
CA VAL A 36 16.79 -14.83 -17.24
C VAL A 36 16.44 -14.11 -15.93
N ILE A 37 15.83 -12.93 -16.04
CA ILE A 37 15.46 -12.14 -14.86
C ILE A 37 13.94 -12.04 -14.75
N MET A 38 13.38 -12.54 -13.64
CA MET A 38 11.94 -12.68 -13.43
C MET A 38 11.44 -11.73 -12.33
N GLY A 39 10.54 -10.81 -12.67
CA GLY A 39 9.93 -9.97 -11.67
C GLY A 39 10.29 -8.49 -11.63
N ILE A 40 10.72 -7.91 -12.74
CA ILE A 40 10.66 -6.45 -12.88
C ILE A 40 9.23 -5.94 -13.09
N ALA A 41 8.77 -5.05 -12.22
CA ALA A 41 7.54 -4.31 -12.48
C ALA A 41 7.83 -2.86 -12.87
N ASN A 42 8.87 -2.26 -12.30
CA ASN A 42 9.24 -0.88 -12.62
C ASN A 42 10.70 -0.56 -12.28
N LYS A 43 11.06 0.71 -12.35
CA LYS A 43 12.45 1.12 -12.13
C LYS A 43 12.89 0.89 -10.69
N ARG A 44 11.96 0.73 -9.77
CA ARG A 44 12.36 0.49 -8.40
C ARG A 44 12.53 -1.00 -8.06
N SER A 45 12.15 -1.89 -8.98
CA SER A 45 12.24 -3.32 -8.71
C SER A 45 13.66 -3.73 -8.37
N ILE A 46 13.79 -4.59 -7.36
CA ILE A 46 15.09 -5.19 -7.05
C ILE A 46 15.70 -5.82 -8.30
N ALA A 47 14.88 -6.57 -9.05
CA ALA A 47 15.34 -7.20 -10.29
C ALA A 47 15.84 -6.21 -11.33
N PHE A 48 15.36 -4.96 -11.30
CA PHE A 48 15.93 -3.99 -12.23
C PHE A 48 17.32 -3.56 -11.75
N GLY A 49 17.56 -3.56 -10.45
CA GLY A 49 18.90 -3.36 -9.93
C GLY A 49 19.78 -4.48 -10.44
N VAL A 50 19.29 -5.71 -10.35
CA VAL A 50 20.05 -6.85 -10.88
C VAL A 50 20.35 -6.61 -12.35
N ALA A 51 19.33 -6.19 -13.11
CA ALA A 51 19.43 -6.05 -14.55
C ALA A 51 20.50 -5.03 -14.96
N LYS A 52 20.50 -3.87 -14.33
CA LYS A 52 21.52 -2.86 -14.61
C LYS A 52 22.92 -3.38 -14.39
N VAL A 53 23.11 -4.14 -13.30
CA VAL A 53 24.44 -4.63 -12.98
C VAL A 53 24.88 -5.65 -14.04
N LEU A 54 24.05 -6.66 -14.32
CA LEU A 54 24.40 -7.70 -15.28
C LEU A 54 24.56 -7.08 -16.67
N ASP A 55 23.74 -6.07 -16.96
CA ASP A 55 23.81 -5.41 -18.25
C ASP A 55 25.15 -4.70 -18.35
N GLN A 56 25.54 -3.99 -17.29
CA GLN A 56 26.81 -3.27 -17.26
C GLN A 56 27.93 -4.25 -17.56
N LEU A 57 27.85 -5.47 -17.02
CA LEU A 57 28.91 -6.46 -17.16
C LEU A 57 28.85 -7.30 -18.45
N GLY A 58 28.02 -6.93 -19.42
CA GLY A 58 28.04 -7.57 -20.75
C GLY A 58 27.07 -8.73 -20.96
N ALA A 59 26.24 -9.05 -19.98
CA ALA A 59 25.37 -10.23 -20.09
C ALA A 59 24.24 -10.00 -21.09
N LYS A 60 23.73 -11.08 -21.68
CA LYS A 60 22.47 -11.00 -22.40
C LYS A 60 21.32 -11.29 -21.43
N LEU A 61 20.23 -10.56 -21.55
CA LEU A 61 19.17 -10.61 -20.57
C LEU A 61 17.82 -10.94 -21.20
N VAL A 62 17.12 -11.89 -20.58
CA VAL A 62 15.78 -12.25 -21.00
C VAL A 62 14.89 -11.86 -19.83
N PHE A 63 13.80 -11.13 -20.08
CA PHE A 63 12.98 -10.68 -18.98
C PHE A 63 11.63 -11.37 -19.03
N THR A 64 11.20 -11.89 -17.89
CA THR A 64 9.82 -12.31 -17.82
C THR A 64 8.98 -11.43 -16.89
N TYR A 65 7.68 -11.31 -17.18
CA TYR A 65 6.77 -10.47 -16.42
C TYR A 65 5.43 -11.16 -16.30
N ARG A 66 4.57 -10.59 -15.44
CA ARG A 66 3.19 -11.03 -15.37
C ARG A 66 2.18 -10.08 -16.02
N LYS A 67 2.02 -8.87 -15.49
CA LYS A 67 1.07 -7.92 -16.03
C LYS A 67 1.56 -7.19 -17.27
N GLU A 68 0.60 -6.88 -18.14
CA GLU A 68 0.76 -5.98 -19.27
CA GLU A 68 0.89 -6.05 -19.29
C GLU A 68 1.53 -4.73 -18.86
N ARG A 69 1.05 -4.12 -17.79
CA ARG A 69 1.62 -2.87 -17.30
C ARG A 69 3.12 -3.01 -17.04
N SER A 70 3.54 -4.19 -16.57
CA SER A 70 4.97 -4.43 -16.32
C SER A 70 5.79 -4.62 -17.60
N ARG A 71 5.19 -5.25 -18.61
CA ARG A 71 5.83 -5.37 -19.93
C ARG A 71 6.02 -3.98 -20.48
N LYS A 72 5.07 -3.08 -20.21
CA LYS A 72 5.21 -1.70 -20.69
C LYS A 72 6.36 -1.02 -19.93
N GLU A 73 6.45 -1.26 -18.64
CA GLU A 73 7.58 -0.66 -17.93
C GLU A 73 8.89 -1.24 -18.43
N LEU A 74 8.88 -2.55 -18.73
CA LEU A 74 10.05 -3.24 -19.21
C LEU A 74 10.51 -2.64 -20.52
N GLU A 75 9.55 -2.29 -21.39
CA GLU A 75 9.89 -1.73 -22.68
C GLU A 75 10.59 -0.38 -22.54
N LYS A 76 10.09 0.47 -21.64
CA LYS A 76 10.70 1.77 -21.38
C LYS A 76 12.06 1.66 -20.65
N LEU A 77 12.17 0.70 -19.73
CA LEU A 77 13.44 0.50 -19.03
C LEU A 77 14.55 -0.06 -19.92
N LEU A 78 14.23 -0.84 -20.94
CA LEU A 78 15.26 -1.31 -21.90
C LEU A 78 16.08 -0.20 -22.55
N GLU A 79 15.47 0.98 -22.73
CA GLU A 79 16.18 2.08 -23.37
C GLU A 79 17.42 2.56 -22.64
N GLN A 80 17.51 2.33 -21.34
CA GLN A 80 18.74 2.64 -20.61
C GLN A 80 19.58 1.40 -20.27
N LEU A 81 19.30 0.27 -20.90
CA LEU A 81 20.23 -0.85 -20.87
C LEU A 81 20.96 -0.91 -22.21
N ASN A 82 22.01 -1.71 -22.29
CA ASN A 82 22.76 -1.87 -23.51
C ASN A 82 22.24 -3.02 -24.33
N GLN A 83 21.18 -3.69 -23.86
CA GLN A 83 20.64 -4.85 -24.57
C GLN A 83 20.23 -4.47 -25.97
N PRO A 84 20.85 -5.05 -27.02
CA PRO A 84 20.45 -4.74 -28.41
C PRO A 84 19.05 -5.27 -28.82
N GLU A 85 18.65 -6.45 -28.31
CA GLU A 85 17.31 -7.01 -28.52
C GLU A 85 16.49 -6.94 -27.24
N ALA A 86 15.19 -6.80 -27.37
CA ALA A 86 14.27 -7.00 -26.24
C ALA A 86 13.77 -8.44 -26.19
N HIS A 87 14.06 -9.16 -25.11
CA HIS A 87 13.52 -10.50 -24.97
C HIS A 87 12.53 -10.54 -23.80
N LEU A 88 11.25 -10.29 -24.08
CA LEU A 88 10.21 -10.17 -23.06
C LEU A 88 9.24 -11.34 -23.10
N TYR A 89 8.97 -11.99 -21.96
CA TYR A 89 8.04 -13.11 -21.89
C TYR A 89 7.07 -12.97 -20.74
N GLN A 90 5.78 -13.15 -21.02
CA GLN A 90 4.80 -13.24 -19.96
C GLN A 90 4.93 -14.59 -19.30
N ILE A 91 5.18 -14.58 -18.00
CA ILE A 91 5.07 -15.79 -17.26
C ILE A 91 4.53 -15.45 -15.89
N ASP A 92 3.31 -15.95 -15.66
CA ASP A 92 2.65 -15.94 -14.37
C ASP A 92 2.97 -17.27 -13.73
N VAL A 93 3.84 -17.24 -12.73
CA VAL A 93 4.32 -18.48 -12.13
C VAL A 93 3.24 -19.31 -11.44
N GLN A 94 1.98 -18.85 -11.39
CA GLN A 94 0.88 -19.67 -10.89
C GLN A 94 0.45 -20.70 -11.92
N SER A 95 0.91 -20.54 -13.15
CA SER A 95 0.57 -21.54 -14.17
C SER A 95 1.79 -22.33 -14.62
N ASP A 96 1.72 -23.64 -14.43
CA ASP A 96 2.69 -24.57 -14.99
C ASP A 96 2.91 -24.36 -16.48
N GLU A 97 1.82 -24.39 -17.28
CA GLU A 97 1.87 -24.16 -18.72
CA GLU A 97 1.99 -24.25 -18.73
C GLU A 97 2.72 -22.96 -19.09
N GLU A 98 2.46 -21.88 -18.36
CA GLU A 98 3.16 -20.63 -18.68
C GLU A 98 4.67 -20.67 -18.42
N VAL A 99 5.07 -21.34 -17.34
CA VAL A 99 6.48 -21.50 -17.01
C VAL A 99 7.18 -22.46 -17.96
N ILE A 100 6.51 -23.59 -18.22
CA ILE A 100 6.99 -24.57 -19.18
C ILE A 100 7.08 -23.95 -20.57
N ASN A 101 6.01 -23.34 -21.07
CA ASN A 101 6.05 -22.83 -22.44
C ASN A 101 6.95 -21.59 -22.49
N GLY A 102 6.96 -20.81 -21.41
CA GLY A 102 7.85 -19.65 -21.30
C GLY A 102 9.32 -19.98 -21.52
N PHE A 103 9.83 -20.87 -20.69
CA PHE A 103 11.22 -21.33 -20.83
C PHE A 103 11.43 -22.11 -22.14
N GLU A 104 10.47 -22.90 -22.59
CA GLU A 104 10.68 -23.51 -23.88
C GLU A 104 10.89 -22.44 -24.95
N GLN A 105 10.06 -21.40 -24.96
CA GLN A 105 10.24 -20.31 -25.94
C GLN A 105 11.59 -19.61 -25.79
N ILE A 106 12.05 -19.44 -24.55
CA ILE A 106 13.32 -18.78 -24.29
C ILE A 106 14.45 -19.60 -24.93
N GLY A 107 14.44 -20.91 -24.71
CA GLY A 107 15.46 -21.78 -25.30
C GLY A 107 15.46 -21.72 -26.81
N LYS A 108 14.29 -21.48 -27.40
CA LYS A 108 14.20 -21.50 -28.86
C LYS A 108 14.64 -20.15 -29.41
N ASP A 109 14.41 -19.07 -28.65
CA ASP A 109 14.77 -17.72 -29.07
C ASP A 109 16.21 -17.36 -28.79
N VAL A 110 16.76 -17.74 -27.64
CA VAL A 110 18.13 -17.33 -27.28
C VAL A 110 19.16 -18.45 -27.10
N GLY A 111 18.71 -19.70 -26.98
CA GLY A 111 19.59 -20.85 -26.75
C GLY A 111 19.72 -21.21 -25.29
N ASN A 112 20.76 -21.98 -24.96
CA ASN A 112 21.12 -22.25 -23.57
C ASN A 112 21.41 -21.00 -22.76
N ILE A 113 21.02 -21.04 -21.51
CA ILE A 113 21.22 -19.92 -20.62
C ILE A 113 22.17 -20.32 -19.51
N ASP A 114 22.59 -19.34 -18.72
CA ASP A 114 23.55 -19.59 -17.67
C ASP A 114 22.99 -19.35 -16.28
N GLY A 115 21.78 -18.83 -16.15
CA GLY A 115 21.16 -18.71 -14.84
C GLY A 115 19.85 -17.96 -14.82
N VAL A 116 19.18 -17.94 -13.66
CA VAL A 116 17.89 -17.30 -13.54
C VAL A 116 17.93 -16.47 -12.27
N TYR A 117 17.48 -15.21 -12.36
CA TYR A 117 17.28 -14.45 -11.13
C TYR A 117 15.78 -14.37 -10.81
N HIS A 118 15.38 -14.99 -9.70
CA HIS A 118 13.98 -15.03 -9.30
C HIS A 118 13.69 -13.91 -8.31
N SER A 119 12.83 -12.98 -8.70
CA SER A 119 12.50 -11.84 -7.85
C SER A 119 10.98 -11.69 -7.74
N ILE A 120 10.31 -12.75 -7.27
CA ILE A 120 8.86 -12.84 -7.38
C ILE A 120 8.29 -13.22 -6.03
N ALA A 121 7.35 -12.43 -5.52
CA ALA A 121 6.55 -12.85 -4.37
C ALA A 121 5.17 -12.22 -4.51
N PHE A 122 4.20 -12.74 -3.76
CA PHE A 122 2.90 -12.09 -3.61
C PHE A 122 2.21 -12.63 -2.37
N ALA A 123 1.54 -11.77 -1.61
CA ALA A 123 0.54 -12.22 -0.64
C ALA A 123 -0.64 -11.24 -0.60
N ASN A 124 -1.85 -11.68 -0.25
CA ASN A 124 -2.95 -10.74 -0.11
C ASN A 124 -2.70 -9.75 1.02
N MET A 125 -3.01 -8.50 0.75
CA MET A 125 -3.04 -7.46 1.75
C MET A 125 -3.88 -7.83 2.96
N GLU A 126 -5.09 -8.34 2.74
CA GLU A 126 -6.00 -8.87 3.76
C GLU A 126 -5.36 -9.85 4.75
N ASP A 127 -4.50 -10.75 4.27
CA ASP A 127 -3.68 -11.56 5.18
C ASP A 127 -2.47 -10.82 5.77
N LEU A 128 -1.72 -10.05 4.97
CA LEU A 128 -0.56 -9.30 5.48
C LEU A 128 -0.91 -8.34 6.60
N ARG A 129 -2.10 -7.77 6.54
CA ARG A 129 -2.47 -6.70 7.46
C ARG A 129 -3.41 -7.13 8.59
N GLY A 130 -3.59 -8.42 8.79
CA GLY A 130 -4.30 -8.93 9.97
C GLY A 130 -3.26 -9.56 10.88
N ARG A 131 -3.68 -10.04 12.06
CA ARG A 131 -2.83 -10.86 12.93
C ARG A 131 -2.41 -12.15 12.23
N PHE A 132 -1.17 -12.63 12.44
CA PHE A 132 -0.77 -13.83 11.72
C PHE A 132 -1.73 -15.02 11.90
N SER A 133 -2.18 -15.25 13.13
CA SER A 133 -3.05 -16.39 13.44
C SER A 133 -4.40 -16.34 12.71
N GLU A 134 -4.71 -15.22 12.06
CA GLU A 134 -6.02 -15.07 11.42
C GLU A 134 -5.89 -15.24 9.91
N THR A 135 -4.69 -15.59 9.48
CA THR A 135 -4.40 -15.83 8.06
C THR A 135 -5.37 -16.87 7.51
N SER A 136 -6.02 -16.55 6.40
CA SER A 136 -6.86 -17.48 5.64
C SER A 136 -6.02 -18.58 5.06
N ARG A 137 -6.60 -19.78 4.97
CA ARG A 137 -5.96 -20.89 4.30
C ARG A 137 -5.63 -20.55 2.83
N GLU A 138 -6.58 -19.94 2.13
CA GLU A 138 -6.36 -19.65 0.70
C GLU A 138 -5.22 -18.63 0.55
N GLY A 139 -5.17 -17.65 1.46
CA GLY A 139 -4.09 -16.65 1.44
C GLY A 139 -2.71 -17.23 1.75
N PHE A 140 -2.70 -18.14 2.72
CA PHE A 140 -1.46 -18.82 3.10
C PHE A 140 -0.95 -19.66 1.94
N LEU A 141 -1.84 -20.40 1.30
CA LEU A 141 -1.42 -21.24 0.21
C LEU A 141 -1.06 -20.42 -1.04
N LEU A 142 -1.77 -19.32 -1.28
CA LEU A 142 -1.41 -18.37 -2.32
C LEU A 142 0.04 -17.86 -2.19
N ALA A 143 0.43 -17.49 -0.97
CA ALA A 143 1.77 -16.95 -0.77
C ALA A 143 2.82 -18.03 -1.04
N GLN A 144 2.55 -19.26 -0.61
CA GLN A 144 3.47 -20.40 -0.82
C GLN A 144 3.64 -20.65 -2.31
N ASP A 145 2.51 -20.60 -3.00
CA ASP A 145 2.46 -20.97 -4.38
C ASP A 145 3.32 -20.00 -5.19
N ILE A 146 3.09 -18.70 -5.02
CA ILE A 146 3.83 -17.73 -5.80
C ILE A 146 5.26 -17.46 -5.30
N SER A 147 5.44 -17.41 -3.98
CA SER A 147 6.72 -16.96 -3.38
C SER A 147 7.75 -18.06 -3.16
N SER A 148 7.31 -19.32 -3.27
CA SER A 148 8.14 -20.48 -2.99
C SER A 148 8.02 -21.55 -4.06
N TYR A 149 6.85 -22.17 -4.19
CA TYR A 149 6.73 -23.24 -5.18
C TYR A 149 7.20 -22.73 -6.52
N SER A 150 6.92 -21.46 -6.83
CA SER A 150 7.34 -20.91 -8.11
C SER A 150 8.82 -21.22 -8.38
N LEU A 151 9.65 -21.13 -7.35
CA LEU A 151 11.10 -21.41 -7.56
C LEU A 151 11.36 -22.82 -8.09
N THR A 152 10.69 -23.80 -7.49
CA THR A 152 10.83 -25.22 -7.77
C THR A 152 10.59 -25.53 -9.25
N ILE A 153 9.42 -25.11 -9.73
CA ILE A 153 9.09 -25.31 -11.14
C ILE A 153 9.95 -24.48 -12.11
N VAL A 154 10.32 -23.26 -11.75
CA VAL A 154 11.28 -22.51 -12.57
C VAL A 154 12.62 -23.27 -12.75
N ALA A 155 13.15 -23.83 -11.66
CA ALA A 155 14.39 -24.58 -11.68
C ALA A 155 14.25 -25.79 -12.59
N HIS A 156 13.18 -26.54 -12.37
CA HIS A 156 12.91 -27.67 -13.23
C HIS A 156 13.02 -27.28 -14.71
N GLU A 157 12.39 -26.17 -15.09
CA GLU A 157 12.27 -25.82 -16.53
C GLU A 157 13.55 -25.16 -17.03
N ALA A 158 14.15 -24.34 -16.17
CA ALA A 158 15.41 -23.65 -16.51
C ALA A 158 16.57 -24.64 -16.66
N LYS A 159 16.54 -25.73 -15.88
CA LYS A 159 17.55 -26.77 -15.92
C LYS A 159 17.66 -27.36 -17.31
N LYS A 160 16.54 -27.46 -18.01
CA LYS A 160 16.54 -27.96 -19.39
C LYS A 160 17.40 -27.08 -20.30
N LEU A 161 17.63 -25.84 -19.89
CA LEU A 161 18.38 -24.89 -20.70
C LEU A 161 19.81 -24.75 -20.20
N MET A 162 20.19 -25.64 -19.29
CA MET A 162 21.51 -25.56 -18.65
C MET A 162 22.21 -26.90 -18.68
N PRO A 163 22.41 -27.45 -19.88
CA PRO A 163 23.02 -28.77 -20.02
C PRO A 163 24.35 -28.84 -19.31
N GLU A 164 25.07 -27.73 -19.30
CA GLU A 164 26.40 -27.71 -18.72
C GLU A 164 26.40 -27.18 -17.32
N GLY A 165 25.23 -26.80 -16.82
CA GLY A 165 25.15 -26.25 -15.48
C GLY A 165 24.90 -24.75 -15.52
N GLY A 166 24.96 -24.13 -14.35
CA GLY A 166 24.51 -22.77 -14.20
C GLY A 166 24.15 -22.38 -12.78
N SER A 167 23.46 -21.25 -12.67
CA SER A 167 23.26 -20.66 -11.36
C SER A 167 21.86 -20.06 -11.26
N ILE A 168 21.20 -20.29 -10.13
CA ILE A 168 19.90 -19.73 -9.81
C ILE A 168 19.84 -18.97 -8.47
N VAL A 169 19.29 -17.76 -8.49
CA VAL A 169 19.22 -16.94 -7.26
C VAL A 169 17.77 -16.50 -7.06
N ALA A 170 17.31 -16.67 -5.83
CA ALA A 170 16.01 -16.19 -5.37
C ALA A 170 16.22 -15.08 -4.33
N THR A 171 15.20 -14.25 -4.17
CA THR A 171 15.28 -13.09 -3.32
C THR A 171 14.49 -13.37 -2.06
N THR A 172 15.15 -13.35 -0.90
CA THR A 172 14.42 -13.55 0.32
C THR A 172 14.54 -12.37 1.30
N TYR A 173 13.94 -12.51 2.48
CA TYR A 173 13.96 -11.41 3.44
C TYR A 173 14.25 -11.99 4.82
N LEU A 174 14.99 -11.27 5.64
CA LEU A 174 15.25 -11.68 7.04
C LEU A 174 14.06 -12.34 7.74
N GLY A 175 12.83 -11.88 7.44
CA GLY A 175 11.59 -12.38 8.08
C GLY A 175 11.23 -13.83 7.76
N GLY A 176 12.03 -14.46 6.89
CA GLY A 176 11.99 -15.92 6.71
C GLY A 176 12.83 -16.73 7.69
N GLU A 177 13.63 -16.03 8.50
CA GLU A 177 14.55 -16.57 9.48
C GLU A 177 14.08 -16.20 10.88
N PHE A 178 13.31 -15.12 11.03
CA PHE A 178 12.85 -14.69 12.35
C PHE A 178 11.44 -14.16 12.20
N ALA A 179 10.71 -14.06 13.31
CA ALA A 179 9.43 -13.41 13.22
C ALA A 179 9.65 -11.90 13.27
N VAL A 180 9.33 -11.23 12.16
CA VAL A 180 9.40 -9.79 12.05
C VAL A 180 7.98 -9.20 12.05
N GLN A 181 7.62 -8.40 13.04
CA GLN A 181 6.26 -7.86 13.13
C GLN A 181 5.75 -7.35 11.79
N ASN A 182 4.53 -7.76 11.41
CA ASN A 182 3.82 -7.30 10.19
C ASN A 182 4.22 -8.00 8.89
N TYR A 183 5.28 -8.80 8.94
CA TYR A 183 5.63 -9.59 7.76
C TYR A 183 4.78 -10.88 7.65
N ASN A 184 4.28 -11.37 8.78
CA ASN A 184 3.19 -12.33 8.83
C ASN A 184 3.29 -13.49 7.82
N VAL A 185 2.27 -13.67 6.98
CA VAL A 185 2.19 -14.86 6.15
C VAL A 185 3.42 -14.87 5.22
N MET A 186 4.00 -13.72 4.90
CA MET A 186 5.10 -13.69 3.90
C MET A 186 6.39 -14.30 4.52
N GLY A 187 6.50 -14.14 5.84
CA GLY A 187 7.63 -14.67 6.57
C GLY A 187 7.65 -16.17 6.43
N VAL A 188 6.47 -16.76 6.65
CA VAL A 188 6.36 -18.19 6.48
C VAL A 188 6.62 -18.60 5.02
N ALA A 189 6.29 -17.76 4.04
CA ALA A 189 6.57 -18.11 2.64
C ALA A 189 8.06 -18.02 2.38
N LYS A 190 8.72 -17.08 3.05
CA LYS A 190 10.16 -16.92 2.83
C LYS A 190 10.94 -18.05 3.50
N ALA A 191 10.46 -18.51 4.65
CA ALA A 191 11.07 -19.66 5.32
C ALA A 191 11.00 -20.91 4.42
N SER A 192 9.82 -21.06 3.84
CA SER A 192 9.58 -22.07 2.81
C SER A 192 10.48 -21.88 1.58
N LEU A 193 10.66 -20.65 1.11
CA LEU A 193 11.58 -20.43 -0.06
C LEU A 193 13.06 -20.77 0.27
N GLU A 194 13.48 -20.37 1.47
CA GLU A 194 14.85 -20.58 1.88
C GLU A 194 15.21 -22.08 1.93
N ALA A 195 14.36 -22.89 2.58
CA ALA A 195 14.35 -24.36 2.41
C ALA A 195 14.29 -24.84 0.96
N ASN A 196 13.36 -24.30 0.17
CA ASN A 196 13.32 -24.61 -1.25
C ASN A 196 14.70 -24.51 -1.92
N VAL A 197 15.42 -23.40 -1.70
CA VAL A 197 16.80 -23.20 -2.16
C VAL A 197 17.78 -24.31 -1.73
N LYS A 198 17.69 -24.73 -0.47
CA LYS A 198 18.54 -25.78 0.08
C LYS A 198 18.19 -27.12 -0.57
N TYR A 199 16.92 -27.50 -0.63
CA TYR A 199 16.56 -28.74 -1.34
C TYR A 199 16.90 -28.70 -2.84
N LEU A 200 16.74 -27.55 -3.51
CA LEU A 200 17.11 -27.51 -4.93
C LEU A 200 18.64 -27.60 -5.09
N ALA A 201 19.37 -26.97 -4.17
CA ALA A 201 20.82 -27.05 -4.14
C ALA A 201 21.25 -28.50 -4.07
N LEU A 202 20.56 -29.25 -3.21
CA LEU A 202 20.98 -30.62 -2.96
C LEU A 202 20.63 -31.46 -4.18
N ASP A 203 19.46 -31.20 -4.77
CA ASP A 203 19.00 -31.99 -5.90
C ASP A 203 19.82 -31.72 -7.17
N LEU A 204 20.18 -30.46 -7.37
CA LEU A 204 20.64 -30.01 -8.69
C LEU A 204 22.14 -29.85 -8.72
N GLY A 205 22.74 -29.91 -7.53
CA GLY A 205 24.18 -29.96 -7.29
C GLY A 205 24.92 -30.86 -8.27
N PRO A 206 24.48 -32.12 -8.38
CA PRO A 206 25.23 -32.97 -9.32
C PRO A 206 24.97 -32.64 -10.79
N ASP A 207 24.08 -31.69 -11.05
CA ASP A 207 23.97 -31.20 -12.44
C ASP A 207 24.86 -29.99 -12.68
N ASN A 208 25.68 -29.64 -11.68
CA ASN A 208 26.51 -28.42 -11.68
C ASN A 208 25.65 -27.15 -11.75
N ILE A 209 24.44 -27.21 -11.18
CA ILE A 209 23.53 -26.08 -11.12
C ILE A 209 23.48 -25.68 -9.66
N ARG A 210 23.96 -24.47 -9.40
CA ARG A 210 23.95 -23.89 -8.06
C ARG A 210 22.66 -23.10 -7.79
N VAL A 211 22.17 -23.17 -6.56
CA VAL A 211 20.95 -22.46 -6.16
C VAL A 211 21.28 -21.78 -4.84
N ASN A 212 21.06 -20.47 -4.80
CA ASN A 212 21.42 -19.66 -3.65
C ASN A 212 20.32 -18.62 -3.49
N ALA A 213 20.38 -17.88 -2.40
CA ALA A 213 19.42 -16.80 -2.15
C ALA A 213 20.18 -15.53 -1.78
N ILE A 214 19.61 -14.37 -2.12
CA ILE A 214 20.01 -13.08 -1.52
C ILE A 214 18.90 -12.65 -0.54
N SER A 215 19.28 -12.35 0.70
CA SER A 215 18.36 -11.82 1.70
C SER A 215 18.55 -10.31 1.77
N ALA A 216 17.70 -9.58 1.06
CA ALA A 216 17.85 -8.12 0.91
C ALA A 216 17.31 -7.43 2.14
N GLY A 217 18.01 -6.37 2.54
CA GLY A 217 17.40 -5.39 3.41
C GLY A 217 16.18 -4.74 2.81
N PRO A 218 15.40 -4.04 3.65
CA PRO A 218 14.21 -3.34 3.17
C PRO A 218 14.54 -2.27 2.13
N ILE A 219 13.77 -2.23 1.03
CA ILE A 219 14.04 -1.27 -0.03
C ILE A 219 12.71 -0.73 -0.54
N ARG A 220 12.63 0.57 -0.73
CA ARG A 220 11.40 1.16 -1.31
C ARG A 220 11.09 0.59 -2.69
N THR A 221 10.18 -0.38 -2.74
CA THR A 221 9.61 -0.86 -3.98
C THR A 221 8.08 -0.73 -3.96
N LEU A 222 7.46 -0.99 -5.10
CA LEU A 222 6.02 -1.11 -5.21
C LEU A 222 5.46 -2.12 -4.22
N SER A 223 5.96 -3.36 -4.26
CA SER A 223 5.53 -4.38 -3.31
C SER A 223 5.75 -3.97 -1.86
N ALA A 224 6.81 -3.22 -1.56
CA ALA A 224 7.00 -2.75 -0.19
C ALA A 224 5.85 -1.93 0.38
N LYS A 225 5.04 -1.29 -0.47
CA LYS A 225 3.88 -0.53 0.02
C LYS A 225 2.81 -1.42 0.70
N GLY A 226 2.85 -2.72 0.41
CA GLY A 226 1.88 -3.63 1.01
C GLY A 226 2.19 -4.12 2.42
N VAL A 227 3.39 -3.85 2.94
CA VAL A 227 3.75 -4.34 4.27
C VAL A 227 3.55 -3.25 5.32
N GLY A 228 2.64 -3.44 6.26
CA GLY A 228 2.58 -2.57 7.44
C GLY A 228 3.95 -2.35 8.05
N GLY A 229 4.13 -1.18 8.66
CA GLY A 229 5.35 -0.87 9.40
C GLY A 229 6.66 -0.76 8.65
N PHE A 230 6.62 -0.63 7.32
CA PHE A 230 7.85 -0.58 6.46
C PHE A 230 8.81 0.62 6.72
N ASN A 231 8.31 1.86 6.68
CA ASN A 231 9.10 3.03 7.05
C ASN A 231 9.75 2.99 8.45
N THR A 232 9.08 2.34 9.41
CA THR A 232 9.63 2.15 10.74
C THR A 232 10.89 1.29 10.67
N ILE A 233 10.84 0.16 9.97
CA ILE A 233 11.97 -0.76 9.74
C ILE A 233 13.13 -0.04 9.04
N LEU A 234 12.86 0.68 7.96
CA LEU A 234 13.86 1.53 7.30
C LEU A 234 14.67 2.39 8.28
N LYS A 235 13.98 3.08 9.16
CA LYS A 235 14.63 3.97 10.11
C LYS A 235 15.46 3.13 11.06
N GLU A 236 14.89 2.02 11.49
CA GLU A 236 15.56 1.18 12.46
C GLU A 236 16.89 0.64 11.88
N ILE A 237 16.91 0.31 10.59
CA ILE A 237 18.13 -0.14 9.93
C ILE A 237 19.20 0.94 10.01
N GLU A 238 18.83 2.16 9.64
CA GLU A 238 19.73 3.29 9.69
C GLU A 238 20.31 3.49 11.07
N GLU A 239 19.51 3.33 12.11
CA GLU A 239 20.02 3.54 13.45
C GLU A 239 20.82 2.38 14.01
N ARG A 240 20.53 1.15 13.58
CA ARG A 240 20.97 -0.05 14.30
CA ARG A 240 20.99 -0.03 14.31
C ARG A 240 21.89 -0.96 13.50
N ALA A 241 21.66 -1.11 12.19
CA ALA A 241 22.50 -2.03 11.44
C ALA A 241 23.95 -1.55 11.49
N PRO A 242 24.95 -2.45 11.45
CA PRO A 242 26.37 -2.11 11.42
C PRO A 242 26.78 -0.98 10.47
N LEU A 243 26.23 -0.93 9.26
CA LEU A 243 26.69 0.12 8.35
C LEU A 243 25.88 1.37 8.56
N LYS A 244 24.83 1.33 9.39
CA LYS A 244 24.07 2.54 9.71
C LYS A 244 23.46 3.23 8.49
N ARG A 245 22.96 2.45 7.54
CA ARG A 245 22.39 2.99 6.31
C ARG A 245 21.62 1.86 5.68
N ASN A 246 20.71 2.16 4.76
CA ASN A 246 19.97 1.12 4.07
C ASN A 246 20.70 0.72 2.82
N VAL A 247 20.36 -0.45 2.27
CA VAL A 247 20.91 -0.90 0.98
C VAL A 247 20.01 -0.43 -0.17
N ASP A 248 20.49 -0.52 -1.40
CA ASP A 248 19.65 -0.26 -2.56
C ASP A 248 19.68 -1.44 -3.52
N GLN A 249 18.90 -1.32 -4.61
CA GLN A 249 18.69 -2.42 -5.52
C GLN A 249 20.01 -2.79 -6.20
N VAL A 250 20.85 -1.79 -6.41
CA VAL A 250 22.10 -2.01 -7.13
C VAL A 250 23.03 -2.87 -6.27
N GLU A 251 22.97 -2.68 -4.96
CA GLU A 251 23.80 -3.48 -4.11
C GLU A 251 23.33 -4.93 -4.09
N VAL A 252 22.03 -5.16 -4.19
CA VAL A 252 21.54 -6.53 -4.41
C VAL A 252 22.03 -7.04 -5.76
N GLY A 253 21.99 -6.18 -6.77
CA GLY A 253 22.47 -6.47 -8.10
C GLY A 253 23.92 -6.93 -8.13
N LYS A 254 24.82 -6.23 -7.44
CA LYS A 254 26.24 -6.64 -7.38
C LYS A 254 26.49 -7.99 -6.70
N THR A 255 25.77 -8.29 -5.62
CA THR A 255 25.84 -9.64 -5.06
C THR A 255 25.25 -10.72 -5.99
N ALA A 256 24.18 -10.38 -6.68
CA ALA A 256 23.60 -11.27 -7.65
C ALA A 256 24.63 -11.58 -8.74
N ALA A 257 25.40 -10.58 -9.14
CA ALA A 257 26.39 -10.80 -10.20
C ALA A 257 27.39 -11.80 -9.67
N TYR A 258 27.82 -11.66 -8.42
CA TYR A 258 28.74 -12.64 -7.87
C TYR A 258 28.13 -14.06 -7.84
N LEU A 259 26.93 -14.22 -7.31
CA LEU A 259 26.27 -15.53 -7.23
C LEU A 259 25.99 -16.19 -8.58
N LEU A 260 25.79 -15.37 -9.62
CA LEU A 260 25.42 -15.85 -10.93
C LEU A 260 26.64 -16.11 -11.82
N SER A 261 27.81 -15.72 -11.31
CA SER A 261 29.04 -15.88 -12.07
C SER A 261 29.91 -17.00 -11.49
N ASP A 262 31.04 -17.23 -12.16
CA ASP A 262 32.03 -18.23 -11.76
C ASP A 262 32.75 -17.79 -10.48
N LEU A 263 32.60 -16.53 -10.08
CA LEU A 263 33.31 -16.05 -8.90
C LEU A 263 32.86 -16.84 -7.69
N SER A 264 31.66 -17.41 -7.76
CA SER A 264 31.08 -18.03 -6.59
C SER A 264 30.88 -19.53 -6.81
N SER A 265 31.81 -20.15 -7.52
N SER A 265 31.80 -20.13 -7.56
CA SER A 265 31.57 -21.49 -8.10
CA SER A 265 31.85 -21.58 -7.69
C SER A 265 31.56 -22.59 -7.07
C SER A 265 32.27 -22.12 -6.34
N GLY A 266 32.00 -22.25 -5.86
N GLY A 266 31.67 -23.24 -5.98
CA GLY A 266 32.03 -23.20 -4.74
CA GLY A 266 31.78 -23.72 -4.61
C GLY A 266 30.90 -23.03 -3.76
C GLY A 266 30.64 -23.24 -3.73
N VAL A 267 29.93 -22.18 -4.11
CA VAL A 267 28.88 -21.70 -3.18
C VAL A 267 27.51 -22.14 -3.70
N THR A 268 26.84 -23.01 -2.93
CA THR A 268 25.44 -23.38 -3.20
C THR A 268 24.65 -23.66 -1.91
N GLY A 269 23.35 -23.45 -1.94
CA GLY A 269 22.54 -23.68 -0.75
C GLY A 269 22.80 -22.57 0.25
N GLU A 270 23.44 -21.50 -0.22
CA GLU A 270 23.83 -20.35 0.62
C GLU A 270 22.80 -19.22 0.60
N ASN A 271 22.79 -18.44 1.69
CA ASN A 271 21.89 -17.29 1.84
C ASN A 271 22.78 -16.10 2.21
N ILE A 272 22.97 -15.16 1.27
CA ILE A 272 23.79 -13.98 1.52
C ILE A 272 22.96 -12.74 1.86
N HIS A 273 23.14 -12.22 3.08
CA HIS A 273 22.39 -11.05 3.51
C HIS A 273 23.04 -9.82 2.92
N VAL A 274 22.29 -9.10 2.08
CA VAL A 274 22.76 -7.82 1.55
C VAL A 274 21.89 -6.79 2.22
N ASP A 275 22.28 -6.44 3.45
CA ASP A 275 21.38 -5.77 4.39
C ASP A 275 22.13 -4.89 5.40
N SER A 276 23.34 -4.45 5.05
CA SER A 276 24.13 -3.59 5.95
C SER A 276 24.49 -4.23 7.29
N GLY A 277 24.41 -5.55 7.35
CA GLY A 277 24.78 -6.29 8.55
C GLY A 277 23.65 -6.51 9.51
N PHE A 278 22.42 -6.12 9.19
CA PHE A 278 21.36 -6.11 10.19
C PHE A 278 21.08 -7.52 10.69
N HIS A 279 21.30 -8.52 9.84
CA HIS A 279 21.09 -9.89 10.24
C HIS A 279 22.03 -10.34 11.37
N ALA A 280 23.19 -9.73 11.53
CA ALA A 280 24.19 -10.29 12.46
C ALA A 280 24.03 -9.70 13.84
N ILE A 281 23.10 -8.78 14.02
CA ILE A 281 22.91 -8.11 15.29
C ILE A 281 21.55 -8.38 15.94
N LYS A 282 21.44 -8.02 17.20
CA LYS A 282 20.22 -8.31 17.92
C LYS A 282 20.05 -7.29 19.03
N ASN B 29 3.72 -32.04 37.08
CA ASN B 29 2.52 -32.33 37.92
C ASN B 29 1.27 -31.68 37.29
N LEU B 30 0.50 -32.44 36.51
CA LEU B 30 -0.43 -31.86 35.54
C LEU B 30 -1.89 -32.13 35.81
N GLU B 31 -2.25 -32.43 37.05
CA GLU B 31 -3.66 -32.57 37.36
C GLU B 31 -4.36 -31.25 37.13
N ASN B 32 -5.65 -31.33 36.84
CA ASN B 32 -6.44 -30.13 36.51
C ASN B 32 -6.13 -29.49 35.16
N LYS B 33 -5.16 -30.05 34.44
CA LYS B 33 -4.83 -29.55 33.12
C LYS B 33 -5.52 -30.44 32.07
N THR B 34 -5.89 -29.85 30.94
CA THR B 34 -6.45 -30.57 29.81
C THR B 34 -5.69 -30.18 28.57
N TYR B 35 -5.24 -31.19 27.82
CA TYR B 35 -4.49 -30.99 26.59
C TYR B 35 -5.18 -31.71 25.44
N VAL B 36 -5.18 -31.07 24.28
CA VAL B 36 -5.68 -31.68 23.06
C VAL B 36 -4.47 -32.25 22.30
N ILE B 37 -4.57 -33.51 21.90
CA ILE B 37 -3.50 -34.18 21.20
C ILE B 37 -4.01 -34.57 19.81
N MET B 38 -3.40 -34.03 18.76
CA MET B 38 -3.87 -34.30 17.39
C MET B 38 -2.89 -35.21 16.66
N GLY B 39 -3.37 -36.30 16.06
CA GLY B 39 -2.49 -37.12 15.22
C GLY B 39 -1.95 -38.45 15.76
N ILE B 40 -2.65 -39.07 16.72
CA ILE B 40 -2.46 -40.48 16.99
C ILE B 40 -3.09 -41.33 15.90
N ALA B 41 -2.30 -42.19 15.23
CA ALA B 41 -2.88 -43.24 14.36
C ALA B 41 -2.79 -44.64 14.96
N ASN B 42 -1.70 -44.92 15.66
CA ASN B 42 -1.53 -46.20 16.33
C ASN B 42 -0.57 -46.11 17.54
N LYS B 43 -0.18 -47.27 18.07
CA LYS B 43 0.58 -47.32 19.32
C LYS B 43 2.02 -46.80 19.11
N ARG B 44 2.46 -46.70 17.85
CA ARG B 44 3.79 -46.20 17.53
C ARG B 44 3.84 -44.69 17.24
N SER B 45 2.67 -44.06 17.09
CA SER B 45 2.64 -42.63 16.86
C SER B 45 3.39 -41.90 17.96
N ILE B 46 4.24 -40.99 17.51
CA ILE B 46 4.85 -40.03 18.42
C ILE B 46 3.78 -39.47 19.32
N ALA B 47 2.69 -38.95 18.77
CA ALA B 47 1.66 -38.38 19.63
C ALA B 47 1.19 -39.33 20.74
N PHE B 48 1.17 -40.64 20.51
CA PHE B 48 0.80 -41.57 21.57
C PHE B 48 1.88 -41.60 22.68
N GLY B 49 3.12 -41.27 22.33
CA GLY B 49 4.15 -41.13 23.34
C GLY B 49 3.90 -39.91 24.21
N VAL B 50 3.53 -38.81 23.55
CA VAL B 50 3.00 -37.66 24.27
C VAL B 50 1.90 -38.05 25.26
N ALA B 51 0.88 -38.75 24.74
CA ALA B 51 -0.27 -39.18 25.54
C ALA B 51 0.13 -39.96 26.79
N LYS B 52 0.91 -41.03 26.66
CA LYS B 52 1.31 -41.82 27.83
C LYS B 52 1.96 -40.96 28.90
N VAL B 53 2.83 -40.05 28.47
CA VAL B 53 3.51 -39.17 29.42
C VAL B 53 2.52 -38.21 30.08
N LEU B 54 1.71 -37.48 29.31
CA LEU B 54 0.75 -36.56 29.92
C LEU B 54 -0.23 -37.30 30.83
N ASP B 55 -0.66 -38.48 30.36
CA ASP B 55 -1.57 -39.32 31.10
C ASP B 55 -0.98 -39.71 32.45
N GLN B 56 0.18 -40.33 32.42
CA GLN B 56 0.94 -40.66 33.63
C GLN B 56 1.04 -39.48 34.58
N LEU B 57 0.97 -38.25 34.05
CA LEU B 57 1.21 -37.06 34.88
C LEU B 57 -0.07 -36.44 35.44
N GLY B 58 -1.20 -37.10 35.21
CA GLY B 58 -2.45 -36.62 35.77
C GLY B 58 -3.31 -35.74 34.88
N ALA B 59 -2.87 -35.47 33.65
CA ALA B 59 -3.58 -34.62 32.68
C ALA B 59 -4.88 -35.23 32.16
N LYS B 60 -5.88 -34.39 31.90
CA LYS B 60 -7.06 -34.85 31.18
C LYS B 60 -6.73 -34.68 29.72
N LEU B 61 -7.04 -35.69 28.92
CA LEU B 61 -6.62 -35.66 27.52
C LEU B 61 -7.76 -35.77 26.54
N VAL B 62 -7.62 -35.05 25.43
CA VAL B 62 -8.63 -34.96 24.39
C VAL B 62 -7.95 -35.30 23.09
N PHE B 63 -8.59 -36.16 22.30
CA PHE B 63 -7.91 -36.78 21.19
C PHE B 63 -8.59 -36.42 19.89
N THR B 64 -7.83 -35.96 18.90
CA THR B 64 -8.43 -35.77 17.60
C THR B 64 -7.77 -36.65 16.53
N TYR B 65 -8.54 -37.04 15.52
CA TYR B 65 -8.10 -38.06 14.56
C TYR B 65 -8.69 -37.76 13.17
N ARG B 66 -8.12 -38.34 12.12
CA ARG B 66 -8.72 -38.22 10.80
C ARG B 66 -9.53 -39.43 10.32
N LYS B 67 -8.92 -40.63 10.26
CA LYS B 67 -9.55 -41.79 9.62
C LYS B 67 -10.39 -42.53 10.65
N GLU B 68 -11.40 -43.28 10.22
CA GLU B 68 -12.14 -44.03 11.23
C GLU B 68 -11.24 -45.07 11.91
N ARG B 69 -10.29 -45.60 11.14
CA ARG B 69 -9.30 -46.54 11.66
C ARG B 69 -8.53 -45.99 12.88
N SER B 70 -8.19 -44.70 12.86
CA SER B 70 -7.40 -44.13 13.95
C SER B 70 -8.30 -43.99 15.19
N ARG B 71 -9.57 -43.70 14.97
CA ARG B 71 -10.51 -43.69 16.08
C ARG B 71 -10.53 -45.07 16.74
N LYS B 72 -10.69 -46.14 15.94
CA LYS B 72 -10.62 -47.50 16.45
C LYS B 72 -9.36 -47.76 17.28
N GLU B 73 -8.20 -47.33 16.77
CA GLU B 73 -6.97 -47.57 17.50
C GLU B 73 -6.99 -46.78 18.83
N LEU B 74 -7.57 -45.59 18.81
CA LEU B 74 -7.60 -44.70 19.98
C LEU B 74 -8.52 -45.30 21.06
N GLU B 75 -9.63 -45.90 20.63
CA GLU B 75 -10.45 -46.69 21.51
C GLU B 75 -9.64 -47.82 22.17
N LYS B 76 -8.84 -48.56 21.39
CA LYS B 76 -8.02 -49.68 21.90
C LYS B 76 -6.85 -49.17 22.77
N LEU B 77 -6.16 -48.13 22.32
CA LEU B 77 -5.07 -47.54 23.09
C LEU B 77 -5.52 -46.83 24.36
N LEU B 78 -6.77 -46.39 24.42
CA LEU B 78 -7.29 -45.77 25.64
C LEU B 78 -7.34 -46.68 26.87
N GLU B 79 -7.40 -47.99 26.64
CA GLU B 79 -7.56 -48.97 27.73
C GLU B 79 -6.30 -49.03 28.59
N GLN B 80 -5.18 -48.68 27.97
CA GLN B 80 -3.87 -48.59 28.62
C GLN B 80 -3.62 -47.30 29.38
N LEU B 81 -4.51 -46.33 29.26
CA LEU B 81 -4.33 -45.04 29.91
C LEU B 81 -5.12 -44.93 31.20
N ASN B 82 -4.82 -43.88 31.96
CA ASN B 82 -5.56 -43.57 33.17
C ASN B 82 -6.85 -42.82 32.87
N GLN B 83 -7.06 -42.39 31.62
CA GLN B 83 -8.20 -41.53 31.26
C GLN B 83 -9.51 -42.18 31.58
N PRO B 84 -10.28 -41.61 32.52
CA PRO B 84 -11.54 -42.28 32.86
C PRO B 84 -12.61 -42.04 31.80
N GLU B 85 -12.34 -41.10 30.89
CA GLU B 85 -13.30 -40.73 29.84
C GLU B 85 -12.61 -40.55 28.48
N ALA B 86 -13.15 -41.24 27.48
CA ALA B 86 -12.78 -41.05 26.09
C ALA B 86 -13.39 -39.75 25.58
N HIS B 87 -12.54 -38.82 25.16
CA HIS B 87 -12.97 -37.60 24.50
C HIS B 87 -12.30 -37.60 23.13
N LEU B 88 -12.99 -38.08 22.09
CA LEU B 88 -12.42 -38.21 20.72
C LEU B 88 -13.20 -37.46 19.65
N TYR B 89 -12.50 -36.74 18.76
CA TYR B 89 -13.13 -35.85 17.79
C TYR B 89 -12.44 -36.03 16.46
N GLN B 90 -13.26 -36.24 15.43
CA GLN B 90 -12.74 -36.35 14.09
C GLN B 90 -12.43 -34.95 13.62
N ILE B 91 -11.16 -34.66 13.37
CA ILE B 91 -10.78 -33.38 12.77
C ILE B 91 -9.81 -33.62 11.62
N ASP B 92 -10.30 -33.48 10.40
CA ASP B 92 -9.42 -33.37 9.26
C ASP B 92 -9.01 -31.89 9.12
N VAL B 93 -7.73 -31.59 9.43
CA VAL B 93 -7.23 -30.20 9.41
C VAL B 93 -7.22 -29.60 7.99
N GLN B 94 -7.51 -30.39 6.96
CA GLN B 94 -7.78 -29.81 5.63
C GLN B 94 -9.03 -28.95 5.54
N SER B 95 -9.92 -29.12 6.51
CA SER B 95 -11.22 -28.44 6.52
C SER B 95 -11.31 -27.44 7.67
N ASP B 96 -11.56 -26.17 7.32
CA ASP B 96 -11.67 -25.09 8.31
C ASP B 96 -12.86 -25.41 9.20
N GLU B 97 -13.92 -25.89 8.58
CA GLU B 97 -15.16 -26.16 9.27
C GLU B 97 -14.96 -27.25 10.35
N GLU B 98 -14.18 -28.27 10.04
CA GLU B 98 -13.94 -29.31 11.02
C GLU B 98 -13.09 -28.85 12.21
N VAL B 99 -12.10 -27.99 11.96
CA VAL B 99 -11.22 -27.50 13.01
C VAL B 99 -12.02 -26.55 13.89
N ILE B 100 -12.80 -25.68 13.24
CA ILE B 100 -13.68 -24.77 13.95
C ILE B 100 -14.70 -25.56 14.79
N ASN B 101 -15.54 -26.39 14.15
CA ASN B 101 -16.55 -27.15 14.91
C ASN B 101 -15.95 -28.07 15.96
N GLY B 102 -14.85 -28.75 15.62
CA GLY B 102 -14.19 -29.66 16.56
C GLY B 102 -13.79 -28.96 17.86
N PHE B 103 -13.03 -27.87 17.76
CA PHE B 103 -12.64 -27.16 18.97
C PHE B 103 -13.83 -26.59 19.71
N GLU B 104 -14.83 -26.07 18.99
CA GLU B 104 -16.02 -25.57 19.67
C GLU B 104 -16.70 -26.65 20.50
N GLN B 105 -16.85 -27.83 19.91
CA GLN B 105 -17.42 -28.97 20.60
C GLN B 105 -16.55 -29.38 21.79
N ILE B 106 -15.23 -29.37 21.62
CA ILE B 106 -14.29 -29.69 22.70
C ILE B 106 -14.51 -28.79 23.93
N GLY B 107 -14.64 -27.50 23.68
CA GLY B 107 -14.91 -26.53 24.74
C GLY B 107 -16.28 -26.72 25.37
N LYS B 108 -17.29 -27.11 24.60
CA LYS B 108 -18.61 -27.43 25.14
C LYS B 108 -18.53 -28.62 26.09
N ASP B 109 -17.60 -29.54 25.81
CA ASP B 109 -17.53 -30.85 26.48
C ASP B 109 -16.60 -30.88 27.68
N VAL B 110 -15.43 -30.26 27.57
CA VAL B 110 -14.43 -30.31 28.63
C VAL B 110 -14.06 -28.93 29.20
N GLY B 111 -14.73 -27.88 28.74
CA GLY B 111 -14.40 -26.52 29.14
C GLY B 111 -13.12 -26.02 28.50
N ASN B 112 -12.48 -25.03 29.12
CA ASN B 112 -11.18 -24.53 28.69
C ASN B 112 -10.06 -25.55 28.75
N ILE B 113 -9.06 -25.40 27.88
CA ILE B 113 -7.92 -26.31 27.80
C ILE B 113 -6.64 -25.54 28.12
N ASP B 114 -5.58 -26.30 28.41
CA ASP B 114 -4.28 -25.73 28.71
C ASP B 114 -3.24 -25.75 27.58
N GLY B 115 -3.47 -26.54 26.53
CA GLY B 115 -2.51 -26.64 25.43
C GLY B 115 -2.97 -27.54 24.31
N VAL B 116 -2.19 -27.59 23.23
CA VAL B 116 -2.43 -28.51 22.12
C VAL B 116 -1.09 -29.10 21.72
N TYR B 117 -1.08 -30.41 21.47
CA TYR B 117 0.04 -31.08 20.86
C TYR B 117 -0.34 -31.39 19.41
N HIS B 118 0.36 -30.73 18.50
CA HIS B 118 0.14 -30.92 17.08
C HIS B 118 1.11 -31.95 16.54
N SER B 119 0.60 -33.04 15.97
CA SER B 119 1.49 -34.11 15.53
C SER B 119 1.00 -34.63 14.19
N ILE B 120 0.84 -33.70 13.24
CA ILE B 120 0.21 -34.00 11.97
C ILE B 120 1.06 -33.49 10.82
N ALA B 121 1.26 -34.33 9.81
CA ALA B 121 1.91 -33.96 8.55
C ALA B 121 1.40 -34.88 7.47
N PHE B 122 1.54 -34.48 6.20
CA PHE B 122 1.26 -35.38 5.10
C PHE B 122 1.96 -34.93 3.82
N ALA B 123 2.36 -35.85 2.95
CA ALA B 123 2.77 -35.53 1.56
C ALA B 123 2.53 -36.76 0.70
N ASN B 124 2.17 -36.58 -0.57
CA ASN B 124 2.15 -37.68 -1.54
C ASN B 124 3.50 -38.38 -1.59
N MET B 125 3.51 -39.70 -1.45
CA MET B 125 4.71 -40.49 -1.70
C MET B 125 5.20 -40.23 -3.12
N GLU B 126 4.25 -39.98 -4.01
CA GLU B 126 4.52 -39.63 -5.40
C GLU B 126 5.48 -38.45 -5.49
N ASP B 127 5.23 -37.41 -4.70
CA ASP B 127 6.20 -36.33 -4.57
C ASP B 127 7.41 -36.71 -3.71
N LEU B 128 7.21 -37.38 -2.58
CA LEU B 128 8.32 -37.67 -1.66
C LEU B 128 9.42 -38.47 -2.32
N ARG B 129 9.07 -39.34 -3.27
CA ARG B 129 10.00 -40.29 -3.91
C ARG B 129 10.47 -39.93 -5.34
N GLY B 130 10.45 -38.67 -5.73
CA GLY B 130 11.14 -38.21 -6.93
C GLY B 130 12.23 -37.26 -6.50
N ARG B 131 12.99 -36.71 -7.47
CA ARG B 131 13.85 -35.55 -7.24
C ARG B 131 12.93 -34.46 -6.71
N PHE B 132 13.36 -33.71 -5.69
CA PHE B 132 12.60 -32.55 -5.25
C PHE B 132 12.23 -31.54 -6.35
N SER B 133 13.12 -31.39 -7.32
CA SER B 133 12.90 -30.41 -8.38
C SER B 133 11.71 -30.81 -9.24
N GLU B 134 11.20 -32.03 -9.03
CA GLU B 134 10.11 -32.57 -9.82
C GLU B 134 8.78 -32.55 -9.05
N THR B 135 8.82 -32.07 -7.80
CA THR B 135 7.61 -31.89 -7.00
C THR B 135 6.46 -31.23 -7.77
N SER B 136 5.28 -31.83 -7.70
CA SER B 136 4.09 -31.26 -8.29
C SER B 136 3.62 -30.08 -7.44
N ARG B 137 3.00 -29.09 -8.09
CA ARG B 137 2.39 -27.95 -7.42
C ARG B 137 1.31 -28.39 -6.42
N GLU B 138 0.42 -29.31 -6.81
CA GLU B 138 -0.68 -29.70 -5.96
C GLU B 138 -0.14 -30.45 -4.76
N GLY B 139 0.89 -31.26 -5.02
CA GLY B 139 1.60 -31.95 -3.94
C GLY B 139 2.36 -31.02 -3.00
N PHE B 140 3.04 -30.01 -3.55
CA PHE B 140 3.72 -29.02 -2.71
C PHE B 140 2.77 -28.31 -1.79
N LEU B 141 1.61 -27.91 -2.30
CA LEU B 141 0.60 -27.15 -1.56
C LEU B 141 -0.16 -28.05 -0.58
N LEU B 142 -0.37 -29.32 -0.95
CA LEU B 142 -0.97 -30.30 -0.03
C LEU B 142 -0.10 -30.44 1.22
N ALA B 143 1.20 -30.61 1.03
CA ALA B 143 2.12 -30.75 2.14
C ALA B 143 2.13 -29.49 3.03
N GLN B 144 2.21 -28.30 2.44
CA GLN B 144 2.11 -27.04 3.20
C GLN B 144 0.78 -26.94 3.95
N ASP B 145 -0.31 -27.32 3.28
CA ASP B 145 -1.66 -27.20 3.81
C ASP B 145 -1.83 -28.03 5.08
N ILE B 146 -1.50 -29.32 5.03
CA ILE B 146 -1.76 -30.17 6.16
C ILE B 146 -0.65 -30.06 7.19
N SER B 147 0.58 -29.85 6.72
CA SER B 147 1.74 -29.89 7.61
C SER B 147 2.09 -28.55 8.29
N SER B 148 1.69 -27.42 7.72
CA SER B 148 2.11 -26.12 8.21
C SER B 148 0.90 -25.26 8.46
N TYR B 149 0.07 -25.10 7.44
CA TYR B 149 -1.07 -24.21 7.65
C TYR B 149 -1.94 -24.66 8.82
N SER B 150 -2.15 -25.97 8.92
CA SER B 150 -3.01 -26.53 9.95
C SER B 150 -2.66 -26.05 11.37
N LEU B 151 -1.38 -25.79 11.64
CA LEU B 151 -1.04 -25.27 12.98
C LEU B 151 -1.66 -23.90 13.19
N THR B 152 -1.65 -23.07 12.15
CA THR B 152 -2.19 -21.72 12.19
C THR B 152 -3.68 -21.73 12.56
N ILE B 153 -4.47 -22.50 11.84
CA ILE B 153 -5.90 -22.53 12.11
C ILE B 153 -6.23 -23.24 13.42
N VAL B 154 -5.53 -24.32 13.73
CA VAL B 154 -5.61 -24.89 15.06
C VAL B 154 -5.29 -23.87 16.15
N ALA B 155 -4.19 -23.14 16.01
CA ALA B 155 -3.81 -22.14 17.03
C ALA B 155 -4.94 -21.15 17.20
N HIS B 156 -5.46 -20.66 16.08
CA HIS B 156 -6.54 -19.67 16.10
C HIS B 156 -7.76 -20.12 16.90
N GLU B 157 -8.18 -21.36 16.66
CA GLU B 157 -9.39 -21.93 17.26
C GLU B 157 -9.09 -22.43 18.66
N ALA B 158 -7.91 -23.03 18.88
CA ALA B 158 -7.53 -23.37 20.26
C ALA B 158 -7.48 -22.15 21.20
N LYS B 159 -7.04 -21.01 20.69
CA LYS B 159 -6.96 -19.78 21.49
C LYS B 159 -8.26 -19.39 22.21
N LYS B 160 -9.42 -19.73 21.65
CA LYS B 160 -10.68 -19.44 22.32
C LYS B 160 -10.87 -20.26 23.60
N LEU B 161 -10.20 -21.40 23.70
CA LEU B 161 -10.31 -22.27 24.89
C LEU B 161 -9.17 -22.00 25.88
N MET B 162 -8.47 -20.89 25.65
CA MET B 162 -7.33 -20.54 26.47
C MET B 162 -7.40 -19.08 26.86
N PRO B 163 -8.52 -18.66 27.48
CA PRO B 163 -8.65 -17.24 27.73
C PRO B 163 -7.60 -16.70 28.71
N GLU B 164 -6.90 -17.57 29.44
CA GLU B 164 -5.81 -17.15 30.34
C GLU B 164 -4.41 -17.52 29.89
N GLY B 165 -4.30 -18.19 28.76
CA GLY B 165 -3.01 -18.47 28.16
C GLY B 165 -2.86 -19.97 28.11
N GLY B 166 -1.76 -20.44 27.54
CA GLY B 166 -1.54 -21.86 27.39
C GLY B 166 -0.39 -22.17 26.47
N SER B 167 -0.32 -23.42 26.02
CA SER B 167 0.87 -23.83 25.27
C SER B 167 0.50 -24.64 24.04
N ILE B 168 1.22 -24.40 22.95
CA ILE B 168 1.02 -25.15 21.72
C ILE B 168 2.33 -25.71 21.22
N VAL B 169 2.35 -27.01 20.98
CA VAL B 169 3.61 -27.59 20.60
C VAL B 169 3.38 -28.30 19.29
N ALA B 170 4.33 -28.17 18.36
CA ALA B 170 4.22 -28.89 17.12
C ALA B 170 5.47 -29.75 16.89
N THR B 171 5.34 -30.73 16.01
CA THR B 171 6.36 -31.73 15.82
C THR B 171 7.07 -31.46 14.50
N THR B 172 8.38 -31.25 14.53
CA THR B 172 9.09 -31.00 13.29
C THR B 172 10.26 -31.98 13.13
N TYR B 173 11.06 -31.78 12.10
CA TYR B 173 12.20 -32.65 11.89
C TYR B 173 13.38 -31.85 11.29
N LEU B 174 14.58 -32.22 11.71
CA LEU B 174 15.77 -31.56 11.25
C LEU B 174 15.75 -31.22 9.76
N GLY B 175 15.07 -32.01 8.93
CA GLY B 175 14.95 -31.72 7.50
C GLY B 175 14.28 -30.39 7.15
N GLY B 176 13.63 -29.74 8.12
CA GLY B 176 13.19 -28.34 7.96
C GLY B 176 14.28 -27.27 8.07
N GLU B 177 15.41 -27.62 8.70
CA GLU B 177 16.52 -26.67 8.88
C GLU B 177 17.64 -26.87 7.86
N PHE B 178 17.80 -28.09 7.33
CA PHE B 178 18.83 -28.52 6.36
C PHE B 178 18.19 -29.42 5.30
N ALA B 179 18.78 -29.42 4.11
CA ALA B 179 18.33 -30.35 3.10
C ALA B 179 18.89 -31.73 3.49
N VAL B 180 17.98 -32.64 3.83
CA VAL B 180 18.30 -34.01 4.21
C VAL B 180 17.83 -34.87 3.05
N GLN B 181 18.75 -35.56 2.39
CA GLN B 181 18.48 -36.37 1.19
C GLN B 181 17.20 -37.23 1.33
N ASN B 182 16.32 -37.21 0.33
CA ASN B 182 15.04 -37.95 0.33
C ASN B 182 13.87 -37.31 1.08
N TYR B 183 14.12 -36.34 1.95
CA TYR B 183 13.02 -35.76 2.71
C TYR B 183 12.28 -34.71 1.88
N ASN B 184 12.95 -34.16 0.87
CA ASN B 184 12.28 -33.52 -0.27
C ASN B 184 11.18 -32.52 0.10
N VAL B 185 9.94 -32.74 -0.31
CA VAL B 185 8.89 -31.74 -0.12
C VAL B 185 8.51 -31.58 1.37
N MET B 186 8.69 -32.62 2.16
CA MET B 186 8.37 -32.48 3.55
C MET B 186 9.36 -31.54 4.28
N GLY B 187 10.59 -31.45 3.78
CA GLY B 187 11.59 -30.51 4.33
C GLY B 187 11.13 -29.06 4.17
N VAL B 188 10.60 -28.75 2.99
CA VAL B 188 10.13 -27.40 2.75
C VAL B 188 8.89 -27.13 3.61
N ALA B 189 8.02 -28.12 3.81
CA ALA B 189 6.88 -27.97 4.74
C ALA B 189 7.26 -27.79 6.21
N LYS B 190 8.28 -28.49 6.68
CA LYS B 190 8.78 -28.32 8.04
C LYS B 190 9.44 -26.96 8.21
N ALA B 191 10.06 -26.40 7.16
CA ALA B 191 10.66 -25.07 7.30
C ALA B 191 9.57 -24.02 7.48
N SER B 192 8.57 -24.11 6.59
CA SER B 192 7.28 -23.49 6.79
C SER B 192 6.73 -23.66 8.20
N LEU B 193 6.63 -24.90 8.69
CA LEU B 193 6.04 -25.13 10.03
C LEU B 193 6.86 -24.44 11.15
N GLU B 194 8.17 -24.43 10.97
CA GLU B 194 9.05 -23.87 11.97
C GLU B 194 8.98 -22.36 12.02
N ALA B 195 8.77 -21.74 10.86
CA ALA B 195 8.47 -20.29 10.82
C ALA B 195 7.11 -19.96 11.41
N ASN B 196 6.12 -20.79 11.06
CA ASN B 196 4.75 -20.71 11.58
C ASN B 196 4.76 -20.63 13.11
N VAL B 197 5.47 -21.54 13.77
CA VAL B 197 5.70 -21.44 15.22
C VAL B 197 6.28 -20.08 15.66
N LYS B 198 7.20 -19.47 14.92
CA LYS B 198 7.81 -18.23 15.40
C LYS B 198 6.79 -17.08 15.28
N TYR B 199 6.10 -17.04 14.14
CA TYR B 199 5.07 -16.06 13.88
C TYR B 199 3.87 -16.21 14.83
N LEU B 200 3.43 -17.43 15.10
CA LEU B 200 2.37 -17.61 16.07
C LEU B 200 2.85 -17.16 17.45
N ALA B 201 4.12 -17.41 17.78
CA ALA B 201 4.64 -17.09 19.10
C ALA B 201 4.62 -15.57 19.34
N LEU B 202 4.99 -14.84 18.29
CA LEU B 202 5.04 -13.39 18.31
C LEU B 202 3.64 -12.83 18.46
N ASP B 203 2.71 -13.44 17.74
CA ASP B 203 1.35 -12.93 17.61
C ASP B 203 0.53 -13.30 18.85
N LEU B 204 0.74 -14.50 19.37
CA LEU B 204 -0.12 -15.00 20.42
C LEU B 204 0.53 -14.75 21.77
N GLY B 205 1.83 -14.44 21.75
CA GLY B 205 2.59 -14.09 22.95
C GLY B 205 1.92 -13.15 23.91
N PRO B 206 1.42 -11.99 23.45
CA PRO B 206 0.69 -11.06 24.32
C PRO B 206 -0.55 -11.67 24.97
N ASP B 207 -1.08 -12.76 24.42
CA ASP B 207 -2.21 -13.46 25.04
C ASP B 207 -1.74 -14.52 26.05
N ASN B 208 -0.44 -14.56 26.30
CA ASN B 208 0.13 -15.58 27.15
C ASN B 208 -0.01 -17.00 26.58
N ILE B 209 0.08 -17.13 25.26
CA ILE B 209 0.04 -18.44 24.67
C ILE B 209 1.42 -18.69 24.08
N ARG B 210 2.06 -19.75 24.54
CA ARG B 210 3.43 -19.99 24.09
C ARG B 210 3.35 -20.93 22.89
N VAL B 211 4.29 -20.83 21.95
CA VAL B 211 4.22 -21.72 20.80
C VAL B 211 5.63 -22.18 20.53
N ASN B 212 5.79 -23.49 20.42
CA ASN B 212 7.10 -24.12 20.33
C ASN B 212 7.05 -25.35 19.43
N ALA B 213 8.22 -25.79 18.99
CA ALA B 213 8.36 -27.02 18.21
C ALA B 213 9.27 -28.03 18.93
N ILE B 214 8.94 -29.32 18.83
CA ILE B 214 9.90 -30.39 19.10
C ILE B 214 10.43 -30.94 17.78
N SER B 215 11.75 -30.97 17.64
CA SER B 215 12.39 -31.49 16.43
C SER B 215 12.83 -32.89 16.77
N ALA B 216 11.99 -33.88 16.44
CA ALA B 216 12.23 -35.25 16.87
C ALA B 216 13.18 -35.91 15.88
N GLY B 217 14.12 -36.72 16.38
CA GLY B 217 14.95 -37.55 15.53
C GLY B 217 14.13 -38.70 14.97
N PRO B 218 14.70 -39.52 14.08
CA PRO B 218 13.84 -40.51 13.41
C PRO B 218 13.36 -41.63 14.35
N ILE B 219 12.11 -42.03 14.18
CA ILE B 219 11.41 -42.96 15.06
C ILE B 219 10.51 -43.83 14.15
N ARG B 220 10.63 -45.16 14.17
CA ARG B 220 9.80 -46.00 13.31
CA ARG B 220 9.81 -45.98 13.28
C ARG B 220 8.33 -45.78 13.62
N THR B 221 7.60 -45.19 12.68
CA THR B 221 6.15 -45.01 12.80
C THR B 221 5.51 -45.40 11.48
N LEU B 222 4.19 -45.42 11.44
CA LEU B 222 3.48 -45.65 10.17
C LEU B 222 3.90 -44.68 9.04
N SER B 223 3.94 -43.38 9.32
CA SER B 223 4.34 -42.38 8.35
C SER B 223 5.80 -42.51 7.93
N ALA B 224 6.67 -42.92 8.85
CA ALA B 224 8.09 -43.10 8.55
C ALA B 224 8.31 -44.04 7.37
N LYS B 225 7.36 -44.94 7.17
CA LYS B 225 7.40 -45.90 6.08
C LYS B 225 7.36 -45.24 4.70
N GLY B 226 6.87 -44.01 4.60
CA GLY B 226 6.81 -43.33 3.30
C GLY B 226 8.09 -42.56 2.94
N VAL B 227 9.07 -42.52 3.83
CA VAL B 227 10.26 -41.76 3.51
C VAL B 227 11.35 -42.72 3.05
N GLY B 228 11.90 -42.49 1.86
CA GLY B 228 13.06 -43.25 1.38
C GLY B 228 14.25 -43.06 2.29
N GLY B 229 15.06 -44.11 2.48
CA GLY B 229 16.30 -43.99 3.24
C GLY B 229 16.13 -43.88 4.74
N PHE B 230 14.95 -44.17 5.25
CA PHE B 230 14.69 -44.06 6.67
C PHE B 230 15.59 -44.98 7.51
N ASN B 231 15.61 -46.27 7.16
CA ASN B 231 16.49 -47.23 7.79
C ASN B 231 17.96 -46.79 7.84
N THR B 232 18.46 -46.21 6.76
CA THR B 232 19.87 -45.92 6.73
C THR B 232 20.19 -44.68 7.59
N ILE B 233 19.21 -43.80 7.80
CA ILE B 233 19.34 -42.67 8.74
C ILE B 233 19.36 -43.10 10.20
N LEU B 234 18.38 -43.91 10.61
CA LEU B 234 18.43 -44.61 11.88
C LEU B 234 19.84 -45.12 12.22
N LYS B 235 20.44 -45.84 11.28
CA LYS B 235 21.72 -46.45 11.58
C LYS B 235 22.72 -45.31 11.73
N GLU B 236 22.68 -44.34 10.81
CA GLU B 236 23.65 -43.25 10.81
C GLU B 236 23.59 -42.46 12.11
N ILE B 237 22.41 -42.36 12.72
CA ILE B 237 22.25 -41.70 14.00
C ILE B 237 23.06 -42.40 15.09
N GLU B 238 22.93 -43.72 15.17
CA GLU B 238 23.51 -44.52 16.22
C GLU B 238 25.02 -44.39 16.19
N GLU B 239 25.60 -44.38 14.98
CA GLU B 239 27.05 -44.27 14.85
C GLU B 239 27.56 -42.85 15.09
N ARG B 240 26.71 -41.85 14.88
CA ARG B 240 27.21 -40.48 14.80
C ARG B 240 26.65 -39.49 15.83
N ALA B 241 25.36 -39.55 16.17
CA ALA B 241 24.78 -38.69 17.21
C ALA B 241 25.60 -38.83 18.49
N PRO B 242 25.81 -37.72 19.20
CA PRO B 242 26.45 -37.72 20.51
C PRO B 242 26.02 -38.86 21.44
N LEU B 243 24.73 -39.14 21.60
CA LEU B 243 24.32 -40.19 22.56
C LEU B 243 24.43 -41.57 21.94
N LYS B 244 24.72 -41.60 20.64
CA LYS B 244 25.02 -42.83 19.90
C LYS B 244 23.87 -43.83 19.90
N ARG B 245 22.63 -43.35 19.83
CA ARG B 245 21.48 -44.24 19.93
C ARG B 245 20.31 -43.41 19.42
N ASN B 246 19.22 -44.07 19.04
CA ASN B 246 18.07 -43.35 18.48
C ASN B 246 17.18 -42.90 19.64
N VAL B 247 16.19 -42.04 19.43
CA VAL B 247 15.30 -41.70 20.57
C VAL B 247 14.00 -42.44 20.36
N ASP B 248 13.03 -42.21 21.23
CA ASP B 248 11.76 -42.88 21.09
C ASP B 248 10.63 -41.92 21.42
N GLN B 249 9.42 -42.44 21.37
CA GLN B 249 8.22 -41.60 21.43
C GLN B 249 8.05 -41.00 22.83
N VAL B 250 8.41 -41.78 23.84
CA VAL B 250 8.26 -41.39 25.24
C VAL B 250 9.17 -40.18 25.53
N GLU B 251 10.33 -40.19 24.88
CA GLU B 251 11.34 -39.14 25.03
C GLU B 251 10.85 -37.83 24.45
N VAL B 252 10.18 -37.91 23.29
CA VAL B 252 9.51 -36.74 22.74
C VAL B 252 8.41 -36.30 23.69
N GLY B 253 7.63 -37.26 24.21
CA GLY B 253 6.60 -36.97 25.22
C GLY B 253 7.06 -36.29 26.50
N LYS B 254 8.20 -36.74 27.03
CA LYS B 254 8.77 -36.10 28.19
C LYS B 254 9.13 -34.63 27.86
N THR B 255 9.61 -34.33 26.65
CA THR B 255 9.87 -32.93 26.32
C THR B 255 8.60 -32.13 26.04
N ALA B 256 7.62 -32.79 25.43
CA ALA B 256 6.30 -32.23 25.31
C ALA B 256 5.72 -31.83 26.67
N ALA B 257 5.91 -32.65 27.70
CA ALA B 257 5.39 -32.30 29.04
C ALA B 257 6.02 -31.01 29.57
N TYR B 258 7.33 -30.84 29.28
CA TYR B 258 8.01 -29.66 29.78
C TYR B 258 7.44 -28.38 29.13
N LEU B 259 7.36 -28.45 27.80
CA LEU B 259 6.78 -27.40 26.93
C LEU B 259 5.32 -27.12 27.26
N LEU B 260 4.52 -28.15 27.54
CA LEU B 260 3.10 -27.96 27.84
C LEU B 260 2.82 -27.53 29.27
N SER B 261 3.86 -27.47 30.07
CA SER B 261 3.72 -27.15 31.47
C SER B 261 4.36 -25.80 31.83
N ASP B 262 4.10 -25.38 33.06
CA ASP B 262 4.70 -24.16 33.58
C ASP B 262 6.22 -24.24 33.74
N LEU B 263 6.81 -25.42 33.63
CA LEU B 263 8.25 -25.52 33.69
C LEU B 263 8.90 -24.62 32.63
N SER B 264 8.25 -24.46 31.48
CA SER B 264 8.84 -23.77 30.35
C SER B 264 8.28 -22.37 30.21
N SER B 265 7.89 -21.73 31.31
CA SER B 265 7.13 -20.49 31.23
C SER B 265 7.81 -19.33 30.48
N GLY B 266 9.13 -19.28 30.43
CA GLY B 266 9.69 -18.18 29.66
C GLY B 266 10.12 -18.52 28.24
N VAL B 267 9.71 -19.70 27.78
CA VAL B 267 10.22 -20.26 26.54
C VAL B 267 9.14 -20.24 25.46
N THR B 268 9.31 -19.42 24.43
CA THR B 268 8.38 -19.50 23.32
C THR B 268 9.12 -19.25 22.02
N GLY B 269 8.57 -19.74 20.93
CA GLY B 269 9.17 -19.56 19.63
C GLY B 269 10.41 -20.40 19.53
N GLU B 270 10.56 -21.36 20.46
CA GLU B 270 11.73 -22.22 20.53
C GLU B 270 11.52 -23.53 19.76
N ASN B 271 12.65 -24.17 19.44
CA ASN B 271 12.69 -25.46 18.77
C ASN B 271 13.66 -26.39 19.51
N ILE B 272 13.12 -27.36 20.26
CA ILE B 272 13.96 -28.28 21.05
C ILE B 272 14.20 -29.57 20.30
N HIS B 273 15.48 -29.85 20.04
CA HIS B 273 15.85 -31.04 19.27
C HIS B 273 15.90 -32.21 20.22
N VAL B 274 14.99 -33.17 20.03
CA VAL B 274 14.99 -34.39 20.82
C VAL B 274 15.48 -35.50 19.92
N ASP B 275 16.81 -35.59 19.81
CA ASP B 275 17.42 -36.30 18.71
C ASP B 275 18.81 -36.89 19.04
N SER B 276 19.12 -37.07 20.32
CA SER B 276 20.45 -37.56 20.69
C SER B 276 21.61 -36.63 20.32
N GLY B 277 21.27 -35.36 20.13
CA GLY B 277 22.25 -34.33 19.83
C GLY B 277 22.71 -34.28 18.38
N PHE B 278 22.05 -35.05 17.51
CA PHE B 278 22.46 -35.13 16.11
C PHE B 278 22.44 -33.80 15.34
N HIS B 279 21.56 -32.90 15.75
CA HIS B 279 21.47 -31.54 15.19
C HIS B 279 22.74 -30.75 15.43
N ALA B 280 23.59 -31.12 16.38
CA ALA B 280 24.63 -30.20 16.79
C ALA B 280 25.94 -30.59 16.15
N ILE B 281 25.92 -31.67 15.36
CA ILE B 281 27.16 -32.16 14.81
C ILE B 281 27.14 -32.08 13.30
N LYS B 282 28.32 -31.97 12.69
CA LYS B 282 28.40 -32.11 11.25
C LYS B 282 29.45 -33.15 10.90
N ASN C 29 10.49 -35.03 39.85
CA ASN C 29 11.02 -35.27 41.22
C ASN C 29 12.49 -35.70 41.33
N LEU C 30 13.29 -34.93 42.06
CA LEU C 30 14.73 -35.17 42.14
C LEU C 30 15.27 -35.61 43.53
N GLU C 31 14.50 -36.41 44.26
CA GLU C 31 15.02 -37.01 45.50
C GLU C 31 16.08 -38.05 45.16
N ASN C 32 17.04 -38.23 46.07
CA ASN C 32 18.21 -39.10 45.84
C ASN C 32 19.13 -38.61 44.72
N LYS C 33 18.77 -37.47 44.13
CA LYS C 33 19.59 -36.78 43.14
C LYS C 33 20.47 -35.68 43.75
N THR C 34 21.69 -35.50 43.24
CA THR C 34 22.60 -34.50 43.78
C THR C 34 23.19 -33.67 42.65
N TYR C 35 23.13 -32.35 42.78
CA TYR C 35 23.71 -31.39 41.82
C TYR C 35 24.73 -30.40 42.44
N VAL C 36 25.83 -30.17 41.72
CA VAL C 36 26.75 -29.07 41.98
C VAL C 36 26.26 -27.81 41.28
N ILE C 37 26.08 -26.71 42.02
CA ILE C 37 25.71 -25.41 41.45
C ILE C 37 26.88 -24.45 41.64
N MET C 38 27.43 -23.98 40.51
CA MET C 38 28.54 -23.08 40.54
C MET C 38 28.13 -21.66 40.09
N GLY C 39 28.49 -20.69 40.92
CA GLY C 39 28.31 -19.28 40.59
C GLY C 39 27.19 -18.54 41.30
N ILE C 40 26.85 -18.91 42.53
CA ILE C 40 26.02 -18.08 43.39
C ILE C 40 26.88 -17.04 44.11
N ALA C 41 26.58 -15.77 43.82
CA ALA C 41 27.07 -14.64 44.64
C ALA C 41 26.03 -14.07 45.64
N ASN C 42 24.76 -14.05 45.29
CA ASN C 42 23.77 -13.48 46.22
C ASN C 42 22.37 -13.90 45.78
N LYS C 43 21.35 -13.32 46.41
CA LYS C 43 19.97 -13.78 46.23
C LYS C 43 19.46 -13.51 44.82
N ARG C 44 20.16 -12.62 44.09
CA ARG C 44 19.75 -12.21 42.74
C ARG C 44 20.43 -13.09 41.66
N SER C 45 21.43 -13.89 42.03
CA SER C 45 22.14 -14.73 41.08
C SER C 45 21.16 -15.68 40.40
N ILE C 46 21.26 -15.79 39.08
CA ILE C 46 20.58 -16.84 38.31
C ILE C 46 20.79 -18.22 38.95
N ALA C 47 21.99 -18.53 39.42
CA ALA C 47 22.22 -19.83 40.04
C ALA C 47 21.40 -20.07 41.31
N PHE C 48 21.07 -19.01 42.05
CA PHE C 48 20.17 -19.16 43.21
C PHE C 48 18.72 -19.42 42.78
N GLY C 49 18.35 -18.94 41.59
CA GLY C 49 17.11 -19.35 40.98
C GLY C 49 17.15 -20.84 40.68
N VAL C 50 18.29 -21.32 40.17
CA VAL C 50 18.37 -22.74 39.94
C VAL C 50 18.19 -23.49 41.27
N ALA C 51 18.94 -23.01 42.25
CA ALA C 51 18.96 -23.62 43.55
C ALA C 51 17.57 -23.72 44.22
N LYS C 52 16.79 -22.63 44.26
CA LYS C 52 15.42 -22.70 44.79
C LYS C 52 14.60 -23.70 44.00
N VAL C 53 14.77 -23.75 42.68
CA VAL C 53 13.93 -24.70 41.93
C VAL C 53 14.24 -26.15 42.28
N LEU C 54 15.51 -26.54 42.21
CA LEU C 54 15.91 -27.92 42.51
C LEU C 54 15.73 -28.29 43.97
N ASP C 55 15.93 -27.34 44.88
CA ASP C 55 15.82 -27.62 46.30
C ASP C 55 14.36 -27.96 46.58
N GLN C 56 13.46 -27.25 45.88
CA GLN C 56 12.03 -27.49 45.86
C GLN C 56 11.68 -28.89 45.37
N LEU C 57 12.49 -29.43 44.47
CA LEU C 57 12.14 -30.70 43.88
C LEU C 57 12.74 -31.90 44.64
N GLY C 58 13.35 -31.66 45.79
CA GLY C 58 14.07 -32.69 46.57
C GLY C 58 15.56 -32.98 46.34
N ALA C 59 16.24 -32.24 45.47
CA ALA C 59 17.65 -32.53 45.18
C ALA C 59 18.58 -32.19 46.35
N LYS C 60 19.60 -33.00 46.55
CA LYS C 60 20.73 -32.66 47.42
C LYS C 60 21.61 -31.70 46.60
N LEU C 61 21.89 -30.52 47.17
CA LEU C 61 22.67 -29.46 46.53
C LEU C 61 24.10 -29.27 47.05
N VAL C 62 25.01 -28.91 46.15
CA VAL C 62 26.40 -28.67 46.52
C VAL C 62 26.71 -27.36 45.80
N PHE C 63 27.31 -26.41 46.54
CA PHE C 63 27.53 -25.06 46.04
C PHE C 63 29.00 -24.75 46.00
N THR C 64 29.44 -24.15 44.91
CA THR C 64 30.80 -23.64 44.81
C THR C 64 30.85 -22.11 44.59
N TYR C 65 31.91 -21.48 45.10
CA TYR C 65 32.04 -20.02 45.10
C TYR C 65 33.52 -19.63 44.90
N ARG C 66 33.75 -18.36 44.58
CA ARG C 66 35.10 -17.82 44.50
C ARG C 66 35.43 -16.99 45.73
N LYS C 67 34.65 -15.96 46.03
CA LYS C 67 35.02 -14.99 47.06
C LYS C 67 34.36 -15.31 48.39
N GLU C 68 35.06 -15.08 49.49
CA GLU C 68 34.52 -15.49 50.77
C GLU C 68 33.20 -14.74 50.93
N ARG C 69 33.11 -13.58 50.32
CA ARG C 69 31.88 -12.82 50.40
C ARG C 69 30.70 -13.66 49.90
N SER C 70 30.95 -14.48 48.88
CA SER C 70 29.90 -15.30 48.27
C SER C 70 29.56 -16.52 49.13
N ARG C 71 30.58 -17.14 49.71
CA ARG C 71 30.36 -18.16 50.73
CA ARG C 71 30.39 -18.15 50.76
C ARG C 71 29.43 -17.62 51.81
N LYS C 72 29.68 -16.40 52.26
CA LYS C 72 28.92 -15.83 53.37
C LYS C 72 27.44 -15.59 52.99
N GLU C 73 27.22 -15.04 51.81
CA GLU C 73 25.91 -14.92 51.20
C GLU C 73 25.27 -16.31 51.11
N LEU C 74 26.05 -17.32 50.76
CA LEU C 74 25.52 -18.68 50.54
C LEU C 74 25.04 -19.22 51.88
N GLU C 75 25.86 -19.03 52.91
CA GLU C 75 25.46 -19.47 54.25
C GLU C 75 24.16 -18.81 54.66
N LYS C 76 23.98 -17.54 54.29
CA LYS C 76 22.73 -16.81 54.56
C LYS C 76 21.55 -17.39 53.77
N LEU C 77 21.78 -17.64 52.49
CA LEU C 77 20.71 -18.09 51.61
C LEU C 77 20.26 -19.53 51.90
N LEU C 78 21.17 -20.36 52.38
CA LEU C 78 20.81 -21.73 52.74
C LEU C 78 19.69 -21.79 53.77
N GLU C 79 19.47 -20.73 54.53
CA GLU C 79 18.44 -20.76 55.56
C GLU C 79 17.03 -20.74 54.97
N GLN C 80 16.93 -20.30 53.72
CA GLN C 80 15.67 -20.28 53.00
C GLN C 80 15.44 -21.59 52.28
N LEU C 81 16.47 -22.43 52.20
CA LEU C 81 16.38 -23.71 51.48
C LEU C 81 16.04 -24.91 52.39
N ASN C 82 15.58 -25.99 51.78
CA ASN C 82 15.33 -27.22 52.52
C ASN C 82 16.59 -28.03 52.81
N GLN C 83 17.74 -27.65 52.29
CA GLN C 83 18.95 -28.44 52.47
C GLN C 83 19.21 -28.67 53.94
N PRO C 84 19.33 -29.94 54.34
CA PRO C 84 19.62 -30.30 55.72
C PRO C 84 21.07 -29.97 56.08
N GLU C 85 21.99 -30.08 55.15
CA GLU C 85 23.33 -29.54 55.37
C GLU C 85 23.92 -28.70 54.24
N ALA C 86 24.91 -27.93 54.67
CA ALA C 86 25.62 -26.99 53.84
C ALA C 86 26.81 -27.72 53.23
N HIS C 87 26.80 -27.89 51.91
CA HIS C 87 28.00 -28.34 51.20
C HIS C 87 28.55 -27.20 50.34
N LEU C 88 29.52 -26.45 50.89
CA LEU C 88 30.09 -25.27 50.22
C LEU C 88 31.56 -25.47 49.92
N TYR C 89 31.96 -25.26 48.67
CA TYR C 89 33.37 -25.39 48.28
C TYR C 89 33.88 -24.16 47.54
N GLN C 90 35.09 -23.72 47.85
CA GLN C 90 35.63 -22.56 47.18
C GLN C 90 36.33 -23.12 45.98
N ILE C 91 35.81 -22.79 44.80
CA ILE C 91 36.49 -23.16 43.57
C ILE C 91 36.53 -21.91 42.73
N ASP C 92 37.74 -21.39 42.48
CA ASP C 92 38.01 -20.36 41.49
C ASP C 92 38.45 -21.06 40.22
N VAL C 93 37.61 -21.00 39.19
CA VAL C 93 37.82 -21.82 37.99
C VAL C 93 39.01 -21.35 37.12
N GLN C 94 39.71 -20.32 37.56
CA GLN C 94 41.00 -20.01 36.97
C GLN C 94 42.13 -20.97 37.34
N SER C 95 41.95 -21.77 38.38
CA SER C 95 42.97 -22.68 38.90
C SER C 95 42.61 -24.13 38.55
N ASP C 96 43.44 -24.80 37.75
CA ASP C 96 43.28 -26.22 37.50
C ASP C 96 43.18 -26.98 38.82
N GLU C 97 44.09 -26.64 39.72
CA GLU C 97 44.15 -27.37 40.98
CA GLU C 97 44.20 -27.22 41.06
C GLU C 97 42.91 -27.16 41.84
N GLU C 98 42.27 -26.00 41.79
CA GLU C 98 41.10 -25.75 42.64
C GLU C 98 39.85 -26.50 42.18
N VAL C 99 39.64 -26.54 40.87
CA VAL C 99 38.63 -27.38 40.20
C VAL C 99 38.90 -28.87 40.42
N ILE C 100 40.11 -29.32 40.12
CA ILE C 100 40.48 -30.72 40.34
C ILE C 100 40.20 -31.16 41.78
N ASN C 101 40.80 -30.46 42.75
CA ASN C 101 40.68 -30.80 44.18
C ASN C 101 39.28 -30.54 44.72
N GLY C 102 38.64 -29.46 44.28
CA GLY C 102 37.25 -29.20 44.62
C GLY C 102 36.33 -30.36 44.31
N PHE C 103 36.38 -30.86 43.08
CA PHE C 103 35.43 -31.89 42.67
C PHE C 103 35.80 -33.20 43.33
N GLU C 104 37.10 -33.44 43.45
CA GLU C 104 37.58 -34.65 44.13
C GLU C 104 37.06 -34.70 45.57
N GLN C 105 37.11 -33.55 46.23
CA GLN C 105 36.63 -33.39 47.60
C GLN C 105 35.10 -33.56 47.71
N ILE C 106 34.36 -32.98 46.77
CA ILE C 106 32.90 -33.14 46.63
C ILE C 106 32.54 -34.61 46.55
N GLY C 107 33.28 -35.34 45.71
CA GLY C 107 33.07 -36.78 45.57
C GLY C 107 33.30 -37.53 46.88
N LYS C 108 34.21 -37.03 47.72
CA LYS C 108 34.50 -37.69 48.99
C LYS C 108 33.39 -37.36 49.99
N ASP C 109 32.72 -36.23 49.80
CA ASP C 109 31.81 -35.75 50.82
C ASP C 109 30.38 -36.22 50.61
N VAL C 110 29.99 -36.35 49.34
CA VAL C 110 28.62 -36.70 48.97
C VAL C 110 28.56 -37.86 47.99
N GLY C 111 29.71 -38.40 47.59
CA GLY C 111 29.71 -39.46 46.59
C GLY C 111 29.29 -38.91 45.25
N ASN C 112 28.63 -39.73 44.44
CA ASN C 112 28.46 -39.47 43.01
C ASN C 112 27.34 -38.50 42.71
N ILE C 113 27.55 -37.67 41.68
CA ILE C 113 26.62 -36.61 41.35
C ILE C 113 25.84 -36.89 40.06
N ASP C 114 24.74 -36.17 39.94
CA ASP C 114 23.85 -36.34 38.80
C ASP C 114 24.03 -35.21 37.75
N GLY C 115 24.54 -34.07 38.19
CA GLY C 115 24.93 -33.06 37.22
C GLY C 115 25.50 -31.83 37.87
N VAL C 116 25.70 -30.82 37.04
CA VAL C 116 26.44 -29.60 37.35
C VAL C 116 25.67 -28.47 36.67
N TYR C 117 25.33 -27.45 37.45
CA TYR C 117 24.89 -26.17 36.87
C TYR C 117 25.99 -25.11 36.88
N HIS C 118 26.46 -24.74 35.71
CA HIS C 118 27.53 -23.78 35.55
C HIS C 118 26.93 -22.38 35.30
N SER C 119 27.23 -21.41 36.15
CA SER C 119 26.65 -20.09 36.07
C SER C 119 27.78 -19.12 36.35
N ILE C 120 28.83 -19.20 35.54
CA ILE C 120 30.05 -18.45 35.81
C ILE C 120 30.50 -17.73 34.56
N ALA C 121 30.88 -16.46 34.71
CA ALA C 121 31.50 -15.63 33.67
C ALA C 121 32.20 -14.39 34.25
N PHE C 122 33.09 -13.79 33.47
CA PHE C 122 33.80 -12.57 33.88
C PHE C 122 34.49 -11.92 32.68
N ALA C 123 34.42 -10.60 32.59
CA ALA C 123 35.34 -9.82 31.77
C ALA C 123 35.61 -8.53 32.52
N ASN C 124 36.77 -7.91 32.28
CA ASN C 124 37.02 -6.56 32.79
C ASN C 124 35.97 -5.53 32.32
N MET C 125 35.45 -4.76 33.27
N MET C 125 35.49 -4.68 33.23
CA MET C 125 34.20 -4.01 33.10
CA MET C 125 34.84 -3.43 32.82
C MET C 125 34.27 -2.96 31.99
C MET C 125 35.67 -2.69 31.78
N GLU C 126 35.47 -2.45 31.73
N GLU C 126 36.96 -2.61 32.06
CA GLU C 126 35.63 -1.41 30.72
CA GLU C 126 37.92 -1.96 31.19
C GLU C 126 35.25 -1.92 29.33
C GLU C 126 37.74 -2.36 29.72
N ASP C 127 35.37 -3.23 29.15
N ASP C 127 37.66 -3.67 29.45
CA ASP C 127 34.98 -3.87 27.90
CA ASP C 127 37.36 -4.16 28.10
C ASP C 127 33.54 -4.33 27.98
C ASP C 127 35.88 -4.03 27.72
N LEU C 128 32.60 -3.38 27.92
N LEU C 128 34.96 -4.38 28.62
CA LEU C 128 31.18 -3.73 27.95
CA LEU C 128 33.52 -4.27 28.31
C LEU C 128 30.30 -2.52 27.63
C LEU C 128 33.08 -2.86 27.91
N ARG C 129 30.93 -1.56 26.96
N ARG C 129 33.52 -1.84 28.63
CA ARG C 129 30.33 -0.46 26.20
CA ARG C 129 33.10 -0.45 28.34
C ARG C 129 31.47 0.12 25.40
C ARG C 129 33.98 0.34 27.35
N GLY C 130 31.20 1.14 24.58
N GLY C 130 34.70 -0.34 26.46
CA GLY C 130 32.22 1.66 23.68
CA GLY C 130 35.35 0.30 25.32
C GLY C 130 32.64 0.61 22.67
C GLY C 130 34.77 -0.21 24.00
N ARG C 131 33.92 0.27 22.64
N ARG C 131 35.28 0.27 22.87
CA ARG C 131 34.54 -0.31 21.44
CA ARG C 131 34.99 -0.29 21.54
C ARG C 131 35.18 -1.68 21.63
C ARG C 131 35.51 -1.72 21.47
N PHE C 132 34.85 -2.60 20.73
CA PHE C 132 35.29 -3.99 20.76
C PHE C 132 36.64 -4.17 20.03
N SER C 133 36.84 -3.42 18.94
CA SER C 133 38.14 -3.42 18.27
C SER C 133 39.26 -3.00 19.22
N GLU C 134 38.92 -2.40 20.37
CA GLU C 134 39.97 -1.99 21.32
C GLU C 134 40.23 -2.97 22.47
N THR C 135 39.50 -4.08 22.53
CA THR C 135 39.69 -5.10 23.56
C THR C 135 41.16 -5.49 23.62
N SER C 136 41.72 -5.54 24.84
CA SER C 136 43.09 -6.00 25.09
C SER C 136 43.20 -7.52 24.94
N ARG C 137 44.37 -8.00 24.50
CA ARG C 137 44.73 -9.43 24.55
C ARG C 137 44.44 -10.09 25.92
N GLU C 138 44.99 -9.52 26.99
CA GLU C 138 44.84 -10.02 28.36
C GLU C 138 43.34 -10.11 28.70
N GLY C 139 42.58 -9.10 28.29
CA GLY C 139 41.15 -9.07 28.56
C GLY C 139 40.34 -10.11 27.79
N PHE C 140 40.61 -10.25 26.51
CA PHE C 140 39.96 -11.25 25.70
C PHE C 140 40.20 -12.65 26.25
N LEU C 141 41.48 -12.99 26.48
CA LEU C 141 41.83 -14.29 27.06
C LEU C 141 41.26 -14.55 28.45
N LEU C 142 41.22 -13.53 29.32
CA LEU C 142 40.59 -13.64 30.63
C LEU C 142 39.13 -14.01 30.52
N ALA C 143 38.41 -13.42 29.56
CA ALA C 143 36.98 -13.68 29.43
C ALA C 143 36.75 -15.11 28.90
N GLN C 144 37.64 -15.57 28.02
CA GLN C 144 37.64 -16.95 27.57
C GLN C 144 37.97 -17.95 28.66
N ASP C 145 38.96 -17.63 29.49
CA ASP C 145 39.40 -18.54 30.51
C ASP C 145 38.22 -18.84 31.44
N ILE C 146 37.62 -17.77 31.96
CA ILE C 146 36.67 -17.89 33.07
C ILE C 146 35.32 -18.26 32.51
N SER C 147 35.02 -17.77 31.30
CA SER C 147 33.63 -17.82 30.81
C SER C 147 33.35 -19.04 29.93
N SER C 148 34.41 -19.65 29.43
CA SER C 148 34.25 -20.75 28.48
C SER C 148 35.15 -21.92 28.86
N TYR C 149 36.46 -21.72 28.93
CA TYR C 149 37.34 -22.83 29.28
C TYR C 149 36.93 -23.53 30.60
N SER C 150 36.38 -22.80 31.56
CA SER C 150 36.06 -23.40 32.85
C SER C 150 35.07 -24.53 32.63
N LEU C 151 34.13 -24.37 31.70
CA LEU C 151 33.18 -25.43 31.43
C LEU C 151 33.86 -26.74 31.10
N THR C 152 34.86 -26.68 30.21
CA THR C 152 35.63 -27.84 29.76
C THR C 152 36.30 -28.64 30.89
N ILE C 153 36.94 -27.93 31.82
CA ILE C 153 37.70 -28.58 32.89
C ILE C 153 36.75 -29.00 34.00
N VAL C 154 35.74 -28.19 34.29
CA VAL C 154 34.67 -28.63 35.18
C VAL C 154 34.02 -29.95 34.70
N ALA C 155 33.77 -30.10 33.41
CA ALA C 155 33.12 -31.30 32.89
C ALA C 155 34.10 -32.47 32.98
N HIS C 156 35.40 -32.21 32.79
CA HIS C 156 36.37 -33.29 32.86
C HIS C 156 36.43 -33.85 34.27
N GLU C 157 36.44 -32.97 35.26
CA GLU C 157 36.56 -33.40 36.66
C GLU C 157 35.21 -33.83 37.19
N ALA C 158 34.14 -33.31 36.62
CA ALA C 158 32.81 -33.75 36.99
C ALA C 158 32.47 -35.13 36.40
N LYS C 159 32.89 -35.40 35.17
CA LYS C 159 32.74 -36.75 34.63
C LYS C 159 33.13 -37.85 35.66
N LYS C 160 34.14 -37.58 36.48
CA LYS C 160 34.61 -38.58 37.45
C LYS C 160 33.58 -38.97 38.52
N LEU C 161 32.58 -38.13 38.74
CA LEU C 161 31.59 -38.37 39.78
C LEU C 161 30.31 -38.78 39.09
N MET C 162 30.45 -39.11 37.80
CA MET C 162 29.28 -39.47 37.01
C MET C 162 29.50 -40.77 36.22
N PRO C 163 29.91 -41.86 36.89
CA PRO C 163 30.20 -43.06 36.12
C PRO C 163 28.97 -43.62 35.39
N GLU C 164 27.78 -43.31 35.89
CA GLU C 164 26.53 -43.75 35.31
C GLU C 164 25.91 -42.86 34.22
N GLY C 165 26.51 -41.70 33.93
CA GLY C 165 25.90 -40.68 33.09
C GLY C 165 25.47 -39.48 33.94
N GLY C 166 25.12 -38.38 33.28
CA GLY C 166 24.53 -37.23 33.94
C GLY C 166 24.27 -36.05 33.02
N SER C 167 24.26 -34.85 33.61
CA SER C 167 23.72 -33.68 32.93
C SER C 167 24.43 -32.39 33.37
N ILE C 168 25.03 -31.68 32.42
CA ILE C 168 25.77 -30.44 32.66
C ILE C 168 25.11 -29.30 31.89
N VAL C 169 24.78 -28.23 32.59
CA VAL C 169 24.12 -27.07 31.99
C VAL C 169 24.97 -25.82 32.21
N ALA C 170 25.21 -25.05 31.14
CA ALA C 170 25.93 -23.78 31.26
C ALA C 170 25.01 -22.62 30.89
N THR C 171 25.37 -21.44 31.36
CA THR C 171 24.52 -20.30 31.15
C THR C 171 25.09 -19.34 30.09
N THR C 172 24.33 -19.13 29.03
CA THR C 172 24.80 -18.25 27.99
C THR C 172 23.83 -17.09 27.78
N TYR C 173 24.12 -16.31 26.76
CA TYR C 173 23.29 -15.15 26.45
C TYR C 173 23.29 -14.99 24.93
N LEU C 174 22.15 -14.53 24.41
CA LEU C 174 21.91 -14.24 23.01
C LEU C 174 23.09 -13.53 22.33
N GLY C 175 23.78 -12.70 23.12
CA GLY C 175 24.92 -11.96 22.62
C GLY C 175 26.04 -12.88 22.12
N GLY C 176 25.96 -14.17 22.43
CA GLY C 176 26.88 -15.18 21.90
C GLY C 176 26.55 -15.60 20.48
N GLU C 177 25.33 -15.33 20.04
CA GLU C 177 24.81 -15.78 18.74
C GLU C 177 24.72 -14.63 17.76
N PHE C 178 24.53 -13.43 18.30
CA PHE C 178 24.49 -12.19 17.51
C PHE C 178 25.32 -11.10 18.18
N ALA C 179 25.67 -10.06 17.42
CA ALA C 179 26.41 -8.92 17.90
C ALA C 179 25.40 -7.97 18.53
N VAL C 180 25.33 -8.03 19.86
CA VAL C 180 24.56 -7.12 20.69
C VAL C 180 25.46 -5.98 21.18
N GLN C 181 25.26 -4.78 20.65
CA GLN C 181 25.87 -3.55 21.17
C GLN C 181 26.15 -3.60 22.68
N ASN C 182 27.38 -3.21 23.06
CA ASN C 182 27.85 -3.19 24.46
C ASN C 182 28.28 -4.53 25.07
N TYR C 183 27.82 -5.66 24.55
CA TYR C 183 28.24 -6.97 25.06
C TYR C 183 29.69 -7.33 24.70
N ASN C 184 30.14 -6.93 23.51
CA ASN C 184 31.55 -6.82 23.17
C ASN C 184 32.27 -8.14 23.41
N VAL C 185 33.30 -8.15 24.27
CA VAL C 185 34.15 -9.32 24.49
C VAL C 185 33.43 -10.50 25.18
N MET C 186 32.43 -10.23 26.00
CA MET C 186 31.67 -11.31 26.57
C MET C 186 30.92 -12.13 25.49
N GLY C 187 30.41 -11.44 24.47
CA GLY C 187 29.67 -12.11 23.43
C GLY C 187 30.57 -13.12 22.72
N VAL C 188 31.81 -12.73 22.47
CA VAL C 188 32.74 -13.69 21.92
C VAL C 188 33.02 -14.82 22.93
N ALA C 189 33.16 -14.49 24.19
CA ALA C 189 33.27 -15.53 25.18
C ALA C 189 32.06 -16.46 25.16
N LYS C 190 30.88 -15.92 24.91
CA LYS C 190 29.67 -16.73 25.00
C LYS C 190 29.51 -17.64 23.79
N ALA C 191 30.04 -17.20 22.65
CA ALA C 191 30.03 -17.97 21.41
C ALA C 191 30.89 -19.21 21.60
N SER C 192 32.08 -18.94 22.11
CA SER C 192 33.01 -19.96 22.58
C SER C 192 32.33 -20.94 23.56
N LEU C 193 31.68 -20.44 24.62
CA LEU C 193 30.92 -21.30 25.52
C LEU C 193 29.94 -22.24 24.79
N GLU C 194 29.14 -21.67 23.90
CA GLU C 194 28.07 -22.38 23.26
C GLU C 194 28.68 -23.44 22.36
N ALA C 195 29.84 -23.17 21.77
CA ALA C 195 30.53 -24.17 20.96
C ALA C 195 31.14 -25.26 21.86
N ASN C 196 31.81 -24.83 22.92
CA ASN C 196 32.28 -25.69 24.01
C ASN C 196 31.18 -26.69 24.40
N VAL C 197 29.97 -26.19 24.56
CA VAL C 197 28.86 -27.07 24.92
C VAL C 197 28.66 -28.13 23.84
N LYS C 198 28.72 -27.70 22.59
CA LYS C 198 28.49 -28.64 21.50
C LYS C 198 29.57 -29.73 21.50
N TYR C 199 30.82 -29.32 21.66
CA TYR C 199 31.95 -30.24 21.59
C TYR C 199 31.98 -31.14 22.82
N LEU C 200 31.56 -30.63 23.98
CA LEU C 200 31.42 -31.48 25.16
C LEU C 200 30.34 -32.52 24.95
N ALA C 201 29.19 -32.10 24.41
CA ALA C 201 28.07 -33.00 24.20
C ALA C 201 28.46 -34.20 23.32
N LEU C 202 29.23 -33.93 22.27
CA LEU C 202 29.69 -34.95 21.31
C LEU C 202 30.71 -35.88 21.94
N ASP C 203 31.61 -35.25 22.68
CA ASP C 203 32.67 -35.96 23.41
C ASP C 203 32.16 -36.75 24.62
N LEU C 204 31.23 -36.23 25.39
CA LEU C 204 30.82 -36.98 26.59
C LEU C 204 29.56 -37.79 26.38
N GLY C 205 28.98 -37.67 25.18
CA GLY C 205 27.79 -38.40 24.80
C GLY C 205 27.89 -39.90 24.95
N PRO C 206 28.96 -40.52 24.38
CA PRO C 206 29.11 -41.97 24.57
C PRO C 206 29.19 -42.39 26.05
N ASP C 207 29.52 -41.47 26.96
CA ASP C 207 29.46 -41.78 28.40
C ASP C 207 28.13 -41.41 29.01
N ASN C 208 27.15 -41.10 28.16
CA ASN C 208 25.82 -40.75 28.61
C ASN C 208 25.78 -39.51 29.54
N ILE C 209 26.68 -38.54 29.33
CA ILE C 209 26.58 -37.23 30.00
C ILE C 209 26.08 -36.21 28.97
N ARG C 210 24.98 -35.53 29.27
CA ARG C 210 24.43 -34.54 28.34
C ARG C 210 24.95 -33.17 28.75
N VAL C 211 25.21 -32.33 27.76
CA VAL C 211 25.77 -30.99 27.95
C VAL C 211 24.89 -30.08 27.10
N ASN C 212 24.25 -29.12 27.78
CA ASN C 212 23.32 -28.20 27.17
C ASN C 212 23.55 -26.78 27.67
N ALA C 213 22.94 -25.79 27.02
CA ALA C 213 22.99 -24.41 27.50
C ALA C 213 21.60 -23.84 27.74
N ILE C 214 21.49 -22.99 28.76
CA ILE C 214 20.37 -22.04 28.85
C ILE C 214 20.81 -20.62 28.44
N SER C 215 20.22 -20.12 27.38
CA SER C 215 20.40 -18.74 26.98
C SER C 215 19.37 -17.91 27.74
N ALA C 216 19.78 -17.29 28.84
CA ALA C 216 18.82 -16.49 29.63
C ALA C 216 18.63 -15.08 29.09
N GLY C 217 17.43 -14.53 29.31
CA GLY C 217 17.10 -13.15 28.98
C GLY C 217 17.77 -12.25 29.99
N PRO C 218 17.78 -10.93 29.75
CA PRO C 218 18.48 -10.05 30.70
C PRO C 218 17.77 -10.09 32.04
N ILE C 219 18.54 -10.13 33.14
CA ILE C 219 18.00 -10.32 34.49
C ILE C 219 18.85 -9.48 35.46
N ARG C 220 18.23 -8.74 36.38
CA ARG C 220 19.02 -7.81 37.16
C ARG C 220 19.82 -8.59 38.17
N THR C 221 21.13 -8.67 37.97
CA THR C 221 22.05 -9.31 38.92
C THR C 221 23.28 -8.43 39.17
N LEU C 222 24.11 -8.80 40.14
CA LEU C 222 25.38 -8.13 40.39
C LEU C 222 26.24 -7.94 39.12
N SER C 223 26.38 -9.00 38.33
CA SER C 223 27.13 -8.94 37.09
C SER C 223 26.47 -8.09 35.97
N ALA C 224 25.15 -7.97 35.96
CA ALA C 224 24.45 -7.11 34.98
C ALA C 224 24.92 -5.66 35.06
N LYS C 225 25.41 -5.26 36.24
CA LYS C 225 25.90 -3.91 36.46
C LYS C 225 27.15 -3.57 35.65
N GLY C 226 27.83 -4.60 35.17
CA GLY C 226 29.04 -4.41 34.37
C GLY C 226 28.76 -4.09 32.91
N VAL C 227 27.52 -4.30 32.47
CA VAL C 227 27.19 -4.16 31.05
C VAL C 227 26.54 -2.81 30.70
N GLY C 228 27.18 -1.97 29.88
CA GLY C 228 26.53 -0.73 29.47
C GLY C 228 25.25 -1.06 28.71
N GLY C 229 24.21 -0.24 28.87
CA GLY C 229 23.00 -0.40 28.10
C GLY C 229 22.06 -1.46 28.66
N PHE C 230 22.38 -2.03 29.81
CA PHE C 230 21.54 -3.09 30.37
C PHE C 230 20.08 -2.65 30.59
N ASN C 231 19.88 -1.53 31.27
CA ASN C 231 18.53 -0.99 31.44
C ASN C 231 17.78 -0.83 30.13
N THR C 232 18.43 -0.31 29.09
CA THR C 232 17.65 -0.07 27.87
C THR C 232 17.29 -1.38 27.15
N ILE C 233 18.02 -2.47 27.40
CA ILE C 233 17.68 -3.79 26.87
C ILE C 233 16.45 -4.40 27.57
N LEU C 234 16.43 -4.39 28.91
CA LEU C 234 15.24 -4.72 29.70
C LEU C 234 13.97 -4.11 29.13
N LYS C 235 14.04 -2.82 28.86
CA LYS C 235 12.91 -2.05 28.39
C LYS C 235 12.49 -2.56 26.99
N GLU C 236 13.46 -2.85 26.14
CA GLU C 236 13.12 -3.27 24.79
C GLU C 236 12.53 -4.71 24.71
N ILE C 237 12.95 -5.62 25.59
CA ILE C 237 12.33 -6.93 25.73
C ILE C 237 10.85 -6.82 26.02
N GLU C 238 10.51 -5.98 26.99
CA GLU C 238 9.13 -5.73 27.35
C GLU C 238 8.36 -5.25 26.14
N GLU C 239 8.99 -4.43 25.32
CA GLU C 239 8.28 -3.83 24.22
C GLU C 239 8.19 -4.77 23.01
N ARG C 240 9.23 -5.58 22.80
CA ARG C 240 9.44 -6.27 21.52
CA ARG C 240 9.37 -6.28 21.53
C ARG C 240 9.32 -7.80 21.60
N ALA C 241 9.68 -8.41 22.74
CA ALA C 241 9.66 -9.88 22.85
C ALA C 241 8.23 -10.37 22.78
N PRO C 242 8.01 -11.52 22.18
CA PRO C 242 6.69 -12.13 22.11
C PRO C 242 5.90 -12.07 23.40
N LEU C 243 6.53 -12.38 24.55
CA LEU C 243 5.69 -12.45 25.75
C LEU C 243 5.50 -11.08 26.38
N LYS C 244 6.20 -10.08 25.86
CA LYS C 244 6.07 -8.69 26.35
C LYS C 244 6.45 -8.47 27.83
N ARG C 245 7.36 -9.27 28.35
CA ARG C 245 7.78 -9.16 29.75
C ARG C 245 9.20 -9.74 29.82
N ASN C 246 9.92 -9.38 30.90
CA ASN C 246 11.24 -9.94 31.16
C ASN C 246 11.11 -11.27 31.90
N VAL C 247 12.16 -12.09 31.83
CA VAL C 247 12.18 -13.35 32.58
C VAL C 247 12.87 -13.11 33.91
N ASP C 248 12.68 -14.04 34.85
CA ASP C 248 13.46 -14.09 36.07
C ASP C 248 14.20 -15.39 36.28
N GLN C 249 15.05 -15.35 37.31
CA GLN C 249 15.82 -16.48 37.77
C GLN C 249 15.02 -17.77 37.98
N VAL C 250 13.85 -17.71 38.59
CA VAL C 250 13.09 -18.93 38.80
C VAL C 250 12.75 -19.63 37.48
N GLU C 251 12.38 -18.86 36.46
CA GLU C 251 12.12 -19.43 35.14
C GLU C 251 13.37 -20.11 34.57
N VAL C 252 14.55 -19.54 34.85
CA VAL C 252 15.81 -20.20 34.46
C VAL C 252 16.00 -21.51 35.22
N GLY C 253 15.77 -21.52 36.53
CA GLY C 253 15.74 -22.74 37.32
C GLY C 253 14.74 -23.81 36.86
N LYS C 254 13.51 -23.43 36.50
CA LYS C 254 12.50 -24.38 35.96
C LYS C 254 13.00 -25.10 34.70
N THR C 255 13.62 -24.38 33.77
CA THR C 255 14.26 -25.04 32.63
C THR C 255 15.52 -25.83 32.99
N ALA C 256 16.32 -25.28 33.90
CA ALA C 256 17.41 -26.07 34.47
C ALA C 256 16.93 -27.42 35.01
N ALA C 257 15.79 -27.41 35.69
CA ALA C 257 15.27 -28.62 36.33
C ALA C 257 15.03 -29.65 35.24
N TYR C 258 14.47 -29.19 34.12
CA TYR C 258 14.17 -30.02 32.98
C TYR C 258 15.46 -30.59 32.39
N LEU C 259 16.40 -29.71 32.06
CA LEU C 259 17.63 -30.16 31.43
C LEU C 259 18.45 -31.10 32.31
N LEU C 260 18.39 -30.89 33.62
CA LEU C 260 19.20 -31.66 34.56
C LEU C 260 18.56 -33.00 34.88
N SER C 261 17.27 -33.13 34.58
CA SER C 261 16.53 -34.37 34.86
C SER C 261 16.32 -35.29 33.66
N ASP C 262 15.73 -36.43 33.95
CA ASP C 262 15.46 -37.44 32.94
C ASP C 262 14.43 -36.96 31.93
N LEU C 263 13.61 -35.99 32.32
CA LEU C 263 12.66 -35.39 31.42
C LEU C 263 13.31 -34.95 30.12
N SER C 264 14.61 -34.69 30.12
CA SER C 264 15.28 -34.26 28.89
C SER C 264 16.25 -35.30 28.33
N SER C 265 15.99 -36.58 28.61
N SER C 265 15.96 -36.58 28.52
CA SER C 265 16.74 -37.62 27.95
CA SER C 265 16.96 -37.63 28.30
C SER C 265 16.47 -37.48 26.45
C SER C 265 17.55 -37.71 26.88
N GLY C 266 17.54 -37.55 25.65
N GLY C 266 16.84 -37.14 25.90
CA GLY C 266 17.41 -37.28 24.22
CA GLY C 266 17.25 -37.24 24.49
C GLY C 266 17.86 -35.89 23.79
C GLY C 266 17.79 -35.96 23.87
N VAL C 267 18.03 -34.98 24.74
CA VAL C 267 18.44 -33.63 24.41
C VAL C 267 19.90 -33.42 24.83
N THR C 268 20.75 -33.07 23.89
CA THR C 268 22.11 -32.70 24.25
C THR C 268 22.66 -31.86 23.15
N GLY C 269 23.62 -30.98 23.45
CA GLY C 269 24.18 -30.09 22.43
C GLY C 269 23.18 -29.01 22.10
N GLU C 270 22.16 -28.86 22.95
CA GLU C 270 21.07 -27.91 22.74
C GLU C 270 21.20 -26.64 23.59
N ASN C 271 20.61 -25.56 23.07
CA ASN C 271 20.63 -24.26 23.71
C ASN C 271 19.18 -23.75 23.82
N ILE C 272 18.58 -23.86 25.00
CA ILE C 272 17.21 -23.41 25.20
C ILE C 272 17.17 -21.94 25.62
N HIS C 273 16.50 -21.12 24.84
CA HIS C 273 16.43 -19.68 25.09
C HIS C 273 15.33 -19.42 26.09
N VAL C 274 15.66 -18.94 27.29
CA VAL C 274 14.62 -18.65 28.29
C VAL C 274 14.51 -17.13 28.36
N ASP C 275 13.76 -16.53 27.43
CA ASP C 275 13.96 -15.12 27.18
C ASP C 275 12.71 -14.50 26.61
N SER C 276 11.56 -15.13 26.79
CA SER C 276 10.31 -14.48 26.43
C SER C 276 10.06 -14.44 24.94
N GLY C 277 10.90 -15.17 24.20
CA GLY C 277 10.71 -15.35 22.75
C GLY C 277 11.61 -14.47 21.92
N PHE C 278 12.43 -13.66 22.59
CA PHE C 278 13.14 -12.54 21.98
C PHE C 278 14.17 -13.02 20.95
N HIS C 279 14.76 -14.20 21.20
CA HIS C 279 15.66 -14.79 20.22
C HIS C 279 14.95 -15.03 18.90
N ALA C 280 13.63 -15.19 18.90
CA ALA C 280 12.99 -15.68 17.68
C ALA C 280 12.60 -14.54 16.75
N ILE C 281 12.73 -13.30 17.22
CA ILE C 281 12.19 -12.16 16.50
C ILE C 281 13.31 -11.24 16.02
N LYS C 282 13.00 -10.39 15.07
CA LYS C 282 13.95 -9.35 14.64
C LYS C 282 13.15 -8.09 14.30
N ASN D 29 37.36 -5.65 -11.14
CA ASN D 29 38.79 -5.23 -11.27
C ASN D 29 39.42 -4.47 -10.09
N LEU D 30 40.62 -4.86 -9.66
CA LEU D 30 41.19 -4.33 -8.41
C LEU D 30 42.44 -3.42 -8.56
N GLU D 31 42.62 -2.83 -9.74
CA GLU D 31 43.69 -1.87 -9.99
C GLU D 31 43.61 -0.73 -9.00
N ASN D 32 44.76 -0.23 -8.57
CA ASN D 32 44.83 0.78 -7.52
C ASN D 32 44.08 0.35 -6.24
N LYS D 33 44.01 -0.96 -6.04
CA LYS D 33 43.69 -1.53 -4.75
C LYS D 33 44.92 -2.13 -4.07
N THR D 34 45.00 -2.02 -2.74
CA THR D 34 46.08 -2.66 -1.98
C THR D 34 45.57 -3.49 -0.84
N TYR D 35 45.92 -4.77 -0.80
CA TYR D 35 45.48 -5.63 0.30
C TYR D 35 46.64 -6.33 1.00
N VAL D 36 46.55 -6.45 2.32
CA VAL D 36 47.49 -7.23 3.12
C VAL D 36 47.02 -8.69 3.22
N ILE D 37 47.90 -9.65 2.95
CA ILE D 37 47.46 -11.03 3.06
C ILE D 37 48.26 -11.70 4.16
N MET D 38 47.55 -12.21 5.16
CA MET D 38 48.21 -12.82 6.33
C MET D 38 48.02 -14.34 6.36
N GLY D 39 49.15 -15.07 6.36
CA GLY D 39 49.13 -16.51 6.56
C GLY D 39 49.45 -17.38 5.35
N ILE D 40 50.31 -16.92 4.45
CA ILE D 40 50.85 -17.85 3.45
C ILE D 40 52.03 -18.64 4.01
N ALA D 41 51.92 -19.98 4.01
CA ALA D 41 53.02 -20.83 4.45
C ALA D 41 53.74 -21.44 3.23
N ASN D 42 52.98 -21.90 2.25
CA ASN D 42 53.54 -22.50 1.03
C ASN D 42 52.56 -22.43 -0.13
N LYS D 43 52.90 -23.10 -1.24
CA LYS D 43 52.04 -23.11 -2.43
C LYS D 43 50.61 -23.64 -2.16
N ARG D 44 50.41 -24.45 -1.12
CA ARG D 44 49.07 -24.99 -0.81
C ARG D 44 48.23 -24.16 0.15
N SER D 45 48.76 -23.05 0.66
CA SER D 45 47.97 -22.30 1.63
C SER D 45 46.73 -21.67 1.00
N ILE D 46 45.61 -21.70 1.72
CA ILE D 46 44.42 -20.91 1.34
C ILE D 46 44.80 -19.45 1.00
N ALA D 47 45.58 -18.79 1.84
CA ALA D 47 45.99 -17.43 1.53
C ALA D 47 46.72 -17.25 0.19
N PHE D 48 47.38 -18.28 -0.33
CA PHE D 48 48.04 -18.16 -1.63
C PHE D 48 47.05 -18.30 -2.80
N GLY D 49 45.91 -18.94 -2.54
CA GLY D 49 44.84 -18.97 -3.49
C GLY D 49 44.23 -17.59 -3.58
N VAL D 50 43.93 -17.00 -2.41
CA VAL D 50 43.58 -15.59 -2.35
C VAL D 50 44.57 -14.71 -3.16
N ALA D 51 45.87 -14.85 -2.93
CA ALA D 51 46.85 -14.01 -3.59
C ALA D 51 46.86 -14.16 -5.12
N LYS D 52 46.82 -15.38 -5.63
CA LYS D 52 46.79 -15.55 -7.07
C LYS D 52 45.59 -14.81 -7.63
N VAL D 53 44.45 -14.88 -6.93
CA VAL D 53 43.23 -14.37 -7.53
C VAL D 53 43.27 -12.84 -7.53
N LEU D 54 43.47 -12.26 -6.36
CA LEU D 54 43.72 -10.82 -6.23
C LEU D 54 44.86 -10.32 -7.14
N ASP D 55 45.94 -11.08 -7.24
CA ASP D 55 47.00 -10.75 -8.20
C ASP D 55 46.48 -10.68 -9.64
N GLN D 56 45.79 -11.72 -10.14
CA GLN D 56 45.06 -11.69 -11.43
C GLN D 56 44.27 -10.41 -11.65
N LEU D 57 43.56 -9.97 -10.60
CA LEU D 57 42.70 -8.82 -10.71
C LEU D 57 43.46 -7.49 -10.57
N GLY D 58 44.78 -7.55 -10.51
CA GLY D 58 45.62 -6.34 -10.56
C GLY D 58 45.73 -5.51 -9.28
N ALA D 59 45.35 -6.08 -8.14
CA ALA D 59 45.71 -5.48 -6.86
C ALA D 59 47.22 -5.48 -6.58
N LYS D 60 47.62 -4.52 -5.75
CA LYS D 60 48.92 -4.55 -5.08
C LYS D 60 48.75 -5.34 -3.78
N LEU D 61 49.63 -6.29 -3.57
CA LEU D 61 49.59 -7.17 -2.39
C LEU D 61 50.80 -6.97 -1.52
N VAL D 62 50.54 -7.00 -0.22
CA VAL D 62 51.53 -6.99 0.84
C VAL D 62 51.25 -8.29 1.60
N PHE D 63 52.32 -9.03 1.91
CA PHE D 63 52.21 -10.30 2.60
C PHE D 63 52.85 -10.23 3.99
N THR D 64 52.19 -10.81 4.99
CA THR D 64 52.87 -10.98 6.26
C THR D 64 53.11 -12.46 6.62
N TYR D 65 54.14 -12.76 7.42
CA TYR D 65 54.57 -14.13 7.71
C TYR D 65 55.12 -14.25 9.14
N ARG D 66 55.13 -15.47 9.68
CA ARG D 66 55.35 -15.68 11.12
C ARG D 66 56.84 -15.78 11.44
N LYS D 67 57.58 -16.55 10.63
CA LYS D 67 58.92 -16.92 11.04
C LYS D 67 59.94 -16.56 9.97
N GLU D 68 60.93 -15.74 10.35
CA GLU D 68 61.97 -15.23 9.44
C GLU D 68 62.61 -16.36 8.65
N ARG D 69 62.52 -17.54 9.23
CA ARG D 69 62.94 -18.78 8.61
C ARG D 69 62.10 -19.18 7.39
N SER D 70 60.82 -18.78 7.31
CA SER D 70 60.02 -19.15 6.14
C SER D 70 59.76 -17.99 5.17
N ARG D 71 60.55 -16.93 5.28
CA ARG D 71 60.54 -15.82 4.33
C ARG D 71 61.08 -16.21 2.97
N LYS D 72 62.32 -16.74 2.95
CA LYS D 72 62.90 -17.48 1.80
C LYS D 72 61.86 -18.08 0.83
N GLU D 73 60.94 -18.88 1.36
CA GLU D 73 60.02 -19.67 0.55
C GLU D 73 58.90 -18.78 0.01
N LEU D 74 58.46 -17.83 0.83
CA LEU D 74 57.49 -16.85 0.38
C LEU D 74 58.04 -16.06 -0.81
N GLU D 75 59.26 -15.52 -0.66
CA GLU D 75 59.91 -14.74 -1.69
C GLU D 75 59.87 -15.45 -3.03
N LYS D 76 60.20 -16.73 -3.03
CA LYS D 76 60.23 -17.55 -4.23
C LYS D 76 58.84 -17.75 -4.84
N LEU D 77 57.83 -17.98 -3.98
CA LEU D 77 56.41 -18.04 -4.35
C LEU D 77 55.87 -16.82 -5.08
N LEU D 78 56.19 -15.62 -4.60
CA LEU D 78 55.84 -14.36 -5.28
C LEU D 78 56.40 -14.14 -6.70
N GLU D 79 57.37 -14.93 -7.11
CA GLU D 79 57.85 -14.86 -8.48
C GLU D 79 56.79 -15.34 -9.46
N GLN D 80 55.86 -16.14 -8.96
CA GLN D 80 54.74 -16.65 -9.76
C GLN D 80 53.72 -15.57 -10.07
N LEU D 81 53.71 -14.52 -9.25
CA LEU D 81 52.69 -13.47 -9.34
C LEU D 81 53.23 -12.32 -10.16
N ASN D 82 52.34 -11.44 -10.63
CA ASN D 82 52.76 -10.29 -11.42
C ASN D 82 53.13 -9.09 -10.56
N GLN D 83 53.30 -9.29 -9.26
CA GLN D 83 53.69 -8.20 -8.37
C GLN D 83 55.04 -7.62 -8.76
N PRO D 84 55.05 -6.33 -9.12
CA PRO D 84 56.29 -5.65 -9.50
C PRO D 84 57.30 -5.71 -8.36
N GLU D 85 56.82 -5.54 -7.14
CA GLU D 85 57.70 -5.57 -5.97
C GLU D 85 57.22 -6.50 -4.86
N ALA D 86 58.18 -6.90 -4.02
CA ALA D 86 57.95 -7.78 -2.90
C ALA D 86 57.78 -6.93 -1.65
N HIS D 87 56.57 -6.91 -1.12
CA HIS D 87 56.30 -6.29 0.16
C HIS D 87 55.99 -7.36 1.20
N LEU D 88 56.96 -7.72 2.02
CA LEU D 88 56.80 -8.78 3.00
C LEU D 88 57.25 -8.31 4.38
N TYR D 89 56.52 -8.75 5.39
CA TYR D 89 56.68 -8.25 6.74
C TYR D 89 56.49 -9.42 7.67
N GLN D 90 57.38 -9.55 8.64
CA GLN D 90 57.26 -10.63 9.58
C GLN D 90 56.33 -10.20 10.72
N ILE D 91 55.18 -10.82 10.87
CA ILE D 91 54.32 -10.54 12.03
C ILE D 91 53.89 -11.85 12.66
N ASP D 92 54.38 -12.12 13.86
CA ASP D 92 53.78 -13.13 14.72
C ASP D 92 52.62 -12.46 15.44
N VAL D 93 51.40 -13.01 15.36
CA VAL D 93 50.23 -12.28 15.86
C VAL D 93 50.05 -12.55 17.33
N GLN D 94 51.03 -13.25 17.92
CA GLN D 94 51.02 -13.43 19.36
C GLN D 94 51.58 -12.18 20.01
N SER D 95 52.27 -11.35 19.25
CA SER D 95 52.84 -10.10 19.79
C SER D 95 52.03 -8.85 19.38
N ASP D 96 51.42 -8.13 20.32
CA ASP D 96 50.82 -6.83 20.00
C ASP D 96 51.83 -5.94 19.29
N GLU D 97 53.07 -5.99 19.75
CA GLU D 97 54.09 -5.11 19.18
C GLU D 97 54.39 -5.44 17.74
N GLU D 98 54.40 -6.71 17.37
CA GLU D 98 54.74 -7.08 16.01
C GLU D 98 53.59 -6.72 15.05
N VAL D 99 52.37 -6.75 15.59
CA VAL D 99 51.18 -6.33 14.84
C VAL D 99 51.14 -4.80 14.73
N ILE D 100 51.40 -4.08 15.82
CA ILE D 100 51.45 -2.63 15.78
C ILE D 100 52.53 -2.14 14.80
N ASN D 101 53.74 -2.67 14.93
CA ASN D 101 54.91 -2.16 14.23
C ASN D 101 54.86 -2.56 12.77
N GLY D 102 54.49 -3.82 12.53
CA GLY D 102 54.15 -4.27 11.18
C GLY D 102 53.14 -3.43 10.42
N PHE D 103 51.98 -3.15 11.02
CA PHE D 103 50.96 -2.44 10.24
C PHE D 103 51.35 -0.97 10.04
N GLU D 104 52.01 -0.40 11.05
CA GLU D 104 52.58 0.95 10.96
C GLU D 104 53.55 1.04 9.77
N GLN D 105 54.51 0.12 9.73
CA GLN D 105 55.50 0.04 8.65
C GLN D 105 54.86 -0.10 7.26
N ILE D 106 53.74 -0.85 7.19
CA ILE D 106 53.03 -1.09 5.94
C ILE D 106 52.51 0.23 5.37
N GLY D 107 51.93 1.05 6.24
CA GLY D 107 51.48 2.40 5.90
C GLY D 107 52.64 3.23 5.39
N LYS D 108 53.71 3.32 6.17
CA LYS D 108 54.91 4.01 5.70
C LYS D 108 55.41 3.48 4.35
N ASP D 109 55.30 2.19 4.08
CA ASP D 109 55.90 1.67 2.84
C ASP D 109 54.96 1.73 1.64
N VAL D 110 53.66 1.51 1.84
CA VAL D 110 52.77 1.49 0.69
CA VAL D 110 52.70 1.41 0.74
C VAL D 110 51.55 2.40 0.85
N GLY D 111 51.42 3.09 1.97
CA GLY D 111 50.30 4.00 2.12
C GLY D 111 49.05 3.30 2.61
N ASN D 112 47.88 3.88 2.34
CA ASN D 112 46.61 3.36 2.84
C ASN D 112 46.25 2.06 2.15
N ILE D 113 45.57 1.18 2.88
CA ILE D 113 45.13 -0.10 2.32
C ILE D 113 43.60 -0.16 2.16
N ASP D 114 43.20 -1.10 1.31
CA ASP D 114 41.80 -1.36 1.04
C ASP D 114 41.23 -2.54 1.79
N GLY D 115 42.10 -3.45 2.23
CA GLY D 115 41.65 -4.53 3.09
C GLY D 115 42.71 -5.49 3.56
N VAL D 116 42.26 -6.43 4.40
CA VAL D 116 43.09 -7.48 5.00
C VAL D 116 42.45 -8.85 4.78
N TYR D 117 43.22 -9.81 4.28
CA TYR D 117 42.77 -11.19 4.37
C TYR D 117 43.49 -11.94 5.51
N HIS D 118 42.71 -12.39 6.49
CA HIS D 118 43.26 -13.09 7.65
C HIS D 118 43.13 -14.59 7.43
N SER D 119 44.26 -15.30 7.41
CA SER D 119 44.22 -16.74 7.13
C SER D 119 45.09 -17.45 8.16
N ILE D 120 44.88 -17.11 9.43
CA ILE D 120 45.79 -17.54 10.49
C ILE D 120 45.07 -18.35 11.57
N ALA D 121 45.56 -19.55 11.85
CA ALA D 121 45.06 -20.30 13.00
C ALA D 121 46.14 -21.20 13.61
N PHE D 122 45.97 -21.52 14.89
CA PHE D 122 46.82 -22.48 15.59
C PHE D 122 46.16 -23.22 16.77
N ALA D 123 46.51 -24.48 16.96
CA ALA D 123 46.26 -25.24 18.20
C ALA D 123 47.35 -26.30 18.35
N ASN D 124 47.69 -26.72 19.58
CA ASN D 124 48.67 -27.80 19.70
C ASN D 124 48.08 -29.09 19.16
N MET D 125 48.87 -29.77 18.34
N MET D 125 48.86 -29.81 18.38
CA MET D 125 48.72 -31.19 18.01
CA MET D 125 48.54 -31.19 18.07
C MET D 125 47.73 -32.00 18.86
C MET D 125 48.24 -32.01 19.34
N GLU D 126 48.14 -32.30 20.09
N GLU D 126 49.09 -31.82 20.34
CA GLU D 126 47.48 -33.28 20.95
CA GLU D 126 48.84 -32.23 21.72
C GLU D 126 46.00 -32.97 21.20
C GLU D 126 47.38 -32.08 22.23
N ASP D 127 45.52 -31.94 20.50
N ASP D 127 46.70 -31.01 21.82
CA ASP D 127 44.17 -31.43 20.65
CA ASP D 127 45.31 -30.79 22.23
C ASP D 127 43.49 -31.37 19.28
C ASP D 127 44.30 -31.36 21.22
N LEU D 128 43.44 -32.49 18.57
N LEU D 128 44.61 -31.23 19.94
CA LEU D 128 42.92 -32.54 17.20
CA LEU D 128 43.74 -31.69 18.85
C LEU D 128 42.65 -33.98 16.82
C LEU D 128 43.46 -33.20 18.87
N ARG D 129 42.67 -34.81 17.86
N ARG D 129 44.37 -33.98 19.46
CA ARG D 129 42.43 -36.24 17.83
CA ARG D 129 44.26 -35.42 19.42
C ARG D 129 41.67 -36.55 19.11
C ARG D 129 43.67 -36.06 20.68
N GLY D 130 41.12 -37.74 19.23
N GLY D 130 43.75 -35.37 21.82
CA GLY D 130 40.61 -38.18 20.53
CA GLY D 130 43.05 -35.83 23.02
C GLY D 130 39.64 -37.17 21.11
C GLY D 130 41.54 -35.86 22.79
N ARG D 131 40.05 -36.51 22.20
N ARG D 131 40.78 -36.22 23.80
CA ARG D 131 39.11 -36.05 23.23
CA ARG D 131 39.33 -35.98 23.81
C ARG D 131 39.21 -34.56 23.60
C ARG D 131 39.08 -34.51 24.09
N PHE D 132 38.09 -33.87 23.44
CA PHE D 132 37.95 -32.43 23.71
C PHE D 132 37.88 -32.13 25.22
N SER D 133 37.21 -32.97 25.98
CA SER D 133 37.13 -32.80 27.43
C SER D 133 38.50 -32.79 28.12
N GLU D 134 39.56 -33.18 27.40
CA GLU D 134 40.88 -33.29 28.03
C GLU D 134 41.79 -32.13 27.61
N THR D 135 41.25 -31.17 26.88
CA THR D 135 42.01 -29.98 26.49
C THR D 135 42.61 -29.23 27.70
N SER D 136 43.90 -28.90 27.62
CA SER D 136 44.59 -28.11 28.62
C SER D 136 44.21 -26.63 28.54
N ARG D 137 44.27 -25.95 29.67
CA ARG D 137 43.96 -24.52 29.72
C ARG D 137 44.90 -23.78 28.79
N GLU D 138 46.18 -24.12 28.89
CA GLU D 138 47.20 -23.43 28.12
CA GLU D 138 47.23 -23.48 28.10
C GLU D 138 46.88 -23.59 26.63
N GLY D 139 46.52 -24.81 26.21
CA GLY D 139 46.25 -25.08 24.81
C GLY D 139 44.97 -24.43 24.32
N PHE D 140 43.97 -24.34 25.20
CA PHE D 140 42.71 -23.71 24.81
C PHE D 140 42.97 -22.22 24.60
N LEU D 141 43.66 -21.57 25.54
CA LEU D 141 43.87 -20.14 25.38
C LEU D 141 44.78 -19.84 24.17
N LEU D 142 45.66 -20.76 23.84
CA LEU D 142 46.60 -20.53 22.74
C LEU D 142 45.82 -20.46 21.44
N ALA D 143 44.87 -21.37 21.25
CA ALA D 143 44.10 -21.42 20.03
C ALA D 143 43.26 -20.16 19.89
N GLN D 144 42.68 -19.72 21.00
CA GLN D 144 41.90 -18.51 21.05
C GLN D 144 42.77 -17.33 20.71
N ASP D 145 43.95 -17.30 21.31
CA ASP D 145 44.89 -16.20 21.10
C ASP D 145 45.17 -16.00 19.61
N ILE D 146 45.63 -17.07 18.95
CA ILE D 146 46.14 -17.00 17.59
C ILE D 146 45.02 -17.02 16.53
N SER D 147 43.96 -17.77 16.80
CA SER D 147 42.93 -18.10 15.81
C SER D 147 41.71 -17.17 15.89
N SER D 148 41.57 -16.44 16.99
CA SER D 148 40.48 -15.51 17.14
C SER D 148 40.92 -14.12 17.58
N TYR D 149 41.52 -13.98 18.76
CA TYR D 149 41.96 -12.65 19.15
C TYR D 149 42.84 -11.91 18.10
N SER D 150 43.71 -12.63 17.39
CA SER D 150 44.59 -11.97 16.44
C SER D 150 43.79 -11.13 15.43
N LEU D 151 42.60 -11.56 15.05
CA LEU D 151 41.77 -10.74 14.18
C LEU D 151 41.36 -9.40 14.79
N THR D 152 41.19 -9.34 16.10
CA THR D 152 40.69 -8.12 16.72
C THR D 152 41.80 -7.09 16.68
N ILE D 153 43.01 -7.50 17.07
CA ILE D 153 44.17 -6.59 17.09
C ILE D 153 44.56 -6.20 15.66
N VAL D 154 44.63 -7.15 14.75
CA VAL D 154 44.78 -6.83 13.32
C VAL D 154 43.77 -5.77 12.82
N ALA D 155 42.50 -5.92 13.16
CA ALA D 155 41.49 -5.00 12.65
C ALA D 155 41.59 -3.63 13.33
N HIS D 156 41.98 -3.60 14.60
CA HIS D 156 42.31 -2.30 15.19
C HIS D 156 43.49 -1.63 14.48
N GLU D 157 44.50 -2.40 14.07
CA GLU D 157 45.71 -1.76 13.51
C GLU D 157 45.54 -1.37 12.05
N ALA D 158 44.83 -2.22 11.32
CA ALA D 158 44.57 -2.03 9.90
C ALA D 158 43.60 -0.88 9.65
N LYS D 159 42.66 -0.67 10.56
CA LYS D 159 41.75 0.47 10.52
C LYS D 159 42.48 1.81 10.41
N LYS D 160 43.57 1.95 11.15
CA LYS D 160 44.48 3.10 10.95
C LYS D 160 44.81 3.37 9.49
N LEU D 161 44.83 2.34 8.65
CA LEU D 161 45.29 2.49 7.27
C LEU D 161 44.11 2.50 6.30
N MET D 162 42.90 2.59 6.85
CA MET D 162 41.71 2.66 6.05
C MET D 162 40.81 3.78 6.54
N PRO D 163 41.24 5.04 6.37
CA PRO D 163 40.48 6.20 6.85
C PRO D 163 39.15 6.34 6.11
N GLU D 164 39.08 5.86 4.87
CA GLU D 164 37.83 5.92 4.13
C GLU D 164 37.08 4.60 4.01
N GLY D 165 37.44 3.66 4.88
CA GLY D 165 36.82 2.32 4.89
C GLY D 165 37.63 1.28 4.13
N GLY D 166 37.10 0.06 4.09
CA GLY D 166 37.79 -1.07 3.49
C GLY D 166 37.17 -2.37 3.93
N SER D 167 37.91 -3.46 3.82
CA SER D 167 37.27 -4.74 3.96
C SER D 167 38.18 -5.75 4.62
N ILE D 168 37.67 -6.47 5.61
CA ILE D 168 38.46 -7.46 6.34
C ILE D 168 37.79 -8.84 6.27
N VAL D 169 38.55 -9.86 5.89
CA VAL D 169 38.01 -11.20 5.74
C VAL D 169 38.84 -12.21 6.53
N ALA D 170 38.16 -13.04 7.33
CA ALA D 170 38.79 -14.14 8.08
C ALA D 170 38.41 -15.49 7.50
N THR D 171 39.22 -16.49 7.80
CA THR D 171 38.95 -17.84 7.29
C THR D 171 38.48 -18.75 8.41
N THR D 172 37.31 -19.36 8.26
CA THR D 172 36.78 -20.23 9.30
C THR D 172 36.42 -21.61 8.71
N TYR D 173 35.91 -22.50 9.55
CA TYR D 173 35.52 -23.84 9.12
C TYR D 173 34.17 -24.15 9.76
N LEU D 174 33.40 -25.04 9.12
CA LEU D 174 32.08 -25.47 9.58
C LEU D 174 32.10 -25.89 11.05
N GLY D 175 33.23 -26.39 11.50
CA GLY D 175 33.35 -26.85 12.86
C GLY D 175 33.25 -25.75 13.90
N GLY D 176 33.13 -24.49 13.50
CA GLY D 176 32.81 -23.46 14.49
C GLY D 176 31.32 -23.30 14.74
N GLU D 177 30.51 -24.00 13.94
CA GLU D 177 29.06 -23.82 13.92
C GLU D 177 28.45 -25.13 14.42
N PHE D 178 29.18 -26.21 14.14
CA PHE D 178 28.80 -27.56 14.54
C PHE D 178 29.98 -28.21 15.23
N ALA D 179 29.76 -29.08 16.22
CA ALA D 179 30.79 -30.04 16.64
C ALA D 179 31.13 -31.09 15.57
N VAL D 180 32.39 -31.06 15.12
CA VAL D 180 32.89 -31.97 14.11
C VAL D 180 33.99 -32.83 14.74
N GLN D 181 33.87 -34.14 14.55
CA GLN D 181 34.71 -35.10 15.22
C GLN D 181 36.18 -34.76 14.94
N ASN D 182 36.95 -34.50 16.01
CA ASN D 182 38.40 -34.26 15.94
C ASN D 182 38.83 -32.82 15.75
N TYR D 183 37.88 -31.93 15.48
CA TYR D 183 38.26 -30.56 15.26
C TYR D 183 38.40 -29.89 16.62
N ASN D 184 37.64 -30.37 17.60
CA ASN D 184 37.89 -30.12 19.01
C ASN D 184 38.18 -28.66 19.37
N VAL D 185 39.32 -28.38 19.99
CA VAL D 185 39.57 -27.01 20.45
C VAL D 185 39.58 -26.02 19.26
N MET D 186 39.93 -26.46 18.05
CA MET D 186 39.90 -25.52 16.94
C MET D 186 38.48 -25.03 16.64
N GLY D 187 37.49 -25.91 16.78
CA GLY D 187 36.09 -25.55 16.59
C GLY D 187 35.58 -24.50 17.56
N VAL D 188 36.09 -24.56 18.79
CA VAL D 188 35.72 -23.57 19.77
C VAL D 188 36.46 -22.27 19.44
N ALA D 189 37.68 -22.34 18.91
CA ALA D 189 38.39 -21.13 18.46
C ALA D 189 37.72 -20.49 17.26
N LYS D 190 37.20 -21.29 16.31
CA LYS D 190 36.50 -20.73 15.17
C LYS D 190 35.14 -20.17 15.58
N ALA D 191 34.43 -20.86 16.48
CA ALA D 191 33.18 -20.30 17.00
C ALA D 191 33.48 -18.89 17.49
N SER D 192 34.61 -18.78 18.20
CA SER D 192 35.10 -17.51 18.72
C SER D 192 35.38 -16.51 17.61
N LEU D 193 36.16 -16.91 16.59
CA LEU D 193 36.46 -16.07 15.43
C LEU D 193 35.18 -15.58 14.72
N GLU D 194 34.17 -16.43 14.63
CA GLU D 194 32.98 -16.10 13.86
C GLU D 194 32.14 -15.05 14.62
N ALA D 195 32.12 -15.16 15.96
CA ALA D 195 31.55 -14.09 16.79
C ALA D 195 32.37 -12.80 16.71
N ASN D 196 33.69 -12.93 16.67
CA ASN D 196 34.65 -11.82 16.50
C ASN D 196 34.35 -11.00 15.24
N VAL D 197 34.18 -11.71 14.13
CA VAL D 197 33.66 -11.13 12.89
C VAL D 197 32.36 -10.32 13.07
N LYS D 198 31.41 -10.84 13.85
CA LYS D 198 30.15 -10.14 14.07
C LYS D 198 30.32 -8.90 14.94
N TYR D 199 31.14 -8.97 15.98
CA TYR D 199 31.38 -7.81 16.82
C TYR D 199 32.27 -6.76 16.16
N LEU D 200 33.27 -7.19 15.37
CA LEU D 200 34.01 -6.24 14.53
C LEU D 200 33.16 -5.61 13.42
N ALA D 201 32.19 -6.35 12.86
CA ALA D 201 31.28 -5.77 11.88
C ALA D 201 30.46 -4.64 12.49
N LEU D 202 29.92 -4.88 13.68
CA LEU D 202 29.08 -3.88 14.34
C LEU D 202 29.88 -2.64 14.75
N ASP D 203 31.12 -2.84 15.21
CA ASP D 203 31.91 -1.76 15.81
C ASP D 203 32.46 -0.85 14.70
N LEU D 204 32.94 -1.49 13.65
CA LEU D 204 33.68 -0.81 12.60
C LEU D 204 32.80 -0.44 11.40
N GLY D 205 31.56 -0.93 11.33
CA GLY D 205 30.62 -0.55 10.25
C GLY D 205 30.43 0.96 10.08
N PRO D 206 30.34 1.72 11.20
CA PRO D 206 30.21 3.17 11.10
C PRO D 206 31.44 3.84 10.53
N ASP D 207 32.54 3.10 10.46
CA ASP D 207 33.78 3.61 9.88
C ASP D 207 33.89 3.10 8.45
N ASN D 208 32.81 2.49 7.97
CA ASN D 208 32.76 1.95 6.62
C ASN D 208 33.76 0.81 6.41
N ILE D 209 34.00 0.04 7.46
CA ILE D 209 34.85 -1.13 7.33
C ILE D 209 33.92 -2.35 7.52
N ARG D 210 33.94 -3.18 6.48
CA ARG D 210 33.17 -4.40 6.48
C ARG D 210 34.04 -5.55 6.97
N VAL D 211 33.44 -6.50 7.68
CA VAL D 211 34.19 -7.63 8.19
C VAL D 211 33.34 -8.87 7.93
N ASN D 212 33.91 -9.86 7.27
CA ASN D 212 33.17 -11.04 6.91
C ASN D 212 34.06 -12.25 7.15
N ALA D 213 33.47 -13.43 7.04
CA ALA D 213 34.22 -14.68 7.06
C ALA D 213 33.97 -15.49 5.77
N ILE D 214 34.95 -16.26 5.33
CA ILE D 214 34.68 -17.32 4.36
C ILE D 214 34.83 -18.59 5.14
N SER D 215 33.79 -19.44 5.15
CA SER D 215 33.88 -20.76 5.77
C SER D 215 34.34 -21.79 4.73
N ALA D 216 35.64 -22.08 4.68
CA ALA D 216 36.18 -22.92 3.61
C ALA D 216 35.92 -24.39 3.90
N GLY D 217 35.56 -25.17 2.88
CA GLY D 217 35.51 -26.61 3.02
C GLY D 217 36.93 -27.17 3.10
N PRO D 218 37.05 -28.48 3.22
CA PRO D 218 38.37 -29.05 3.47
C PRO D 218 39.30 -29.01 2.24
N ILE D 219 40.52 -28.55 2.46
CA ILE D 219 41.50 -28.31 1.41
C ILE D 219 42.83 -28.88 1.89
N ARG D 220 43.44 -29.75 1.10
CA ARG D 220 44.75 -30.29 1.43
C ARG D 220 45.80 -29.18 1.55
N THR D 221 46.08 -28.75 2.78
CA THR D 221 47.10 -27.74 3.10
C THR D 221 48.15 -28.27 4.08
N LEU D 222 49.17 -27.46 4.39
CA LEU D 222 50.17 -27.80 5.42
C LEU D 222 49.55 -28.03 6.80
N SER D 223 48.70 -27.11 7.25
CA SER D 223 48.04 -27.18 8.56
C SER D 223 47.12 -28.40 8.65
N ALA D 224 46.54 -28.78 7.53
CA ALA D 224 45.49 -29.81 7.52
C ALA D 224 46.00 -31.21 7.92
N LYS D 225 47.31 -31.38 7.91
CA LYS D 225 47.91 -32.67 8.26
C LYS D 225 47.92 -32.96 9.78
N GLY D 226 47.65 -31.93 10.58
CA GLY D 226 47.64 -32.04 12.04
C GLY D 226 46.25 -32.40 12.56
N VAL D 227 45.29 -32.46 11.63
CA VAL D 227 43.89 -32.70 11.97
C VAL D 227 43.60 -34.20 11.83
N GLY D 228 43.19 -34.84 12.93
CA GLY D 228 42.81 -36.25 12.84
C GLY D 228 41.59 -36.48 11.94
N GLY D 229 41.71 -37.40 10.99
CA GLY D 229 40.57 -37.87 10.18
C GLY D 229 40.17 -36.95 9.04
N PHE D 230 41.14 -36.20 8.54
CA PHE D 230 40.97 -35.25 7.45
C PHE D 230 40.64 -35.95 6.14
N ASN D 231 41.36 -37.01 5.81
CA ASN D 231 41.10 -37.67 4.54
C ASN D 231 39.72 -38.29 4.52
N THR D 232 39.30 -38.82 5.66
CA THR D 232 37.92 -39.28 5.80
C THR D 232 36.93 -38.17 5.43
N ILE D 233 37.17 -36.95 5.88
CA ILE D 233 36.22 -35.86 5.60
C ILE D 233 36.25 -35.47 4.12
N LEU D 234 37.44 -35.26 3.56
CA LEU D 234 37.58 -35.14 2.10
C LEU D 234 36.61 -36.06 1.34
N LYS D 235 36.61 -37.34 1.71
CA LYS D 235 35.80 -38.30 0.96
C LYS D 235 34.31 -38.14 1.22
N GLU D 236 33.96 -37.70 2.42
CA GLU D 236 32.56 -37.46 2.73
C GLU D 236 31.97 -36.34 1.87
N ILE D 237 32.76 -35.28 1.65
CA ILE D 237 32.28 -34.12 0.90
C ILE D 237 31.92 -34.56 -0.51
N GLU D 238 32.83 -35.31 -1.13
CA GLU D 238 32.60 -35.89 -2.44
C GLU D 238 31.31 -36.66 -2.50
N GLU D 239 31.03 -37.44 -1.47
CA GLU D 239 29.87 -38.32 -1.52
C GLU D 239 28.60 -37.57 -1.17
N ARG D 240 28.73 -36.59 -0.29
CA ARG D 240 27.52 -36.06 0.34
C ARG D 240 27.25 -34.59 0.05
N ALA D 241 28.22 -33.78 -0.38
CA ALA D 241 27.92 -32.34 -0.59
C ALA D 241 27.12 -32.18 -1.88
N PRO D 242 26.21 -31.19 -1.94
CA PRO D 242 25.41 -30.95 -3.15
C PRO D 242 26.23 -30.97 -4.44
N LEU D 243 27.46 -30.46 -4.43
CA LEU D 243 28.24 -30.38 -5.67
C LEU D 243 29.05 -31.65 -5.92
N LYS D 244 29.02 -32.59 -4.99
CA LYS D 244 29.65 -33.92 -5.18
C LYS D 244 31.12 -33.78 -5.56
N ARG D 245 31.76 -32.72 -5.07
CA ARG D 245 33.21 -32.52 -5.20
C ARG D 245 33.72 -31.65 -4.05
N ASN D 246 35.03 -31.60 -3.88
CA ASN D 246 35.65 -30.71 -2.92
C ASN D 246 35.97 -29.38 -3.54
N VAL D 247 36.34 -28.39 -2.73
CA VAL D 247 36.70 -27.07 -3.23
C VAL D 247 38.22 -26.92 -3.26
N ASP D 248 38.72 -25.85 -3.86
CA ASP D 248 40.14 -25.55 -3.73
C ASP D 248 40.38 -24.11 -3.32
N GLN D 249 41.66 -23.79 -3.18
CA GLN D 249 42.13 -22.50 -2.72
C GLN D 249 41.73 -21.36 -3.66
N VAL D 250 41.73 -21.62 -4.96
CA VAL D 250 41.34 -20.60 -5.91
C VAL D 250 39.86 -20.19 -5.74
N GLU D 251 38.98 -21.17 -5.52
CA GLU D 251 37.59 -20.90 -5.19
C GLU D 251 37.44 -20.10 -3.91
N VAL D 252 38.33 -20.30 -2.94
CA VAL D 252 38.25 -19.48 -1.74
C VAL D 252 38.61 -18.03 -2.07
N GLY D 253 39.75 -17.86 -2.75
CA GLY D 253 40.13 -16.58 -3.29
C GLY D 253 39.12 -15.80 -4.12
N LYS D 254 38.32 -16.49 -4.92
CA LYS D 254 37.29 -15.83 -5.74
C LYS D 254 36.18 -15.24 -4.91
N THR D 255 35.68 -16.00 -3.94
CA THR D 255 34.80 -15.44 -2.90
C THR D 255 35.53 -14.35 -2.11
N ALA D 256 36.83 -14.49 -1.85
CA ALA D 256 37.58 -13.42 -1.18
C ALA D 256 37.63 -12.12 -2.02
N ALA D 257 37.84 -12.26 -3.33
CA ALA D 257 37.77 -11.11 -4.26
C ALA D 257 36.43 -10.37 -4.15
N TYR D 258 35.35 -11.13 -4.07
CA TYR D 258 34.02 -10.53 -3.96
C TYR D 258 33.86 -9.81 -2.61
N LEU D 259 34.19 -10.51 -1.54
CA LEU D 259 34.18 -9.94 -0.20
C LEU D 259 35.13 -8.75 -0.04
N LEU D 260 36.25 -8.74 -0.75
CA LEU D 260 37.23 -7.67 -0.56
C LEU D 260 36.93 -6.44 -1.40
N SER D 261 36.08 -6.59 -2.40
CA SER D 261 35.79 -5.54 -3.36
C SER D 261 34.44 -4.87 -3.10
N ASP D 262 34.13 -3.90 -3.94
CA ASP D 262 32.87 -3.19 -3.88
C ASP D 262 31.68 -4.06 -4.33
N LEU D 263 31.88 -5.22 -4.95
CA LEU D 263 30.73 -6.07 -5.29
C LEU D 263 29.93 -6.41 -4.01
N SER D 264 30.62 -6.41 -2.88
CA SER D 264 30.00 -6.87 -1.64
C SER D 264 29.68 -5.71 -0.69
N SER D 265 29.44 -4.52 -1.23
N SER D 265 29.56 -4.50 -1.24
CA SER D 265 29.48 -3.28 -0.45
CA SER D 265 29.02 -3.41 -0.47
C SER D 265 28.42 -3.19 0.66
C SER D 265 27.62 -3.82 -0.01
N GLY D 266 27.34 -3.96 0.50
N GLY D 266 27.27 -3.43 1.21
CA GLY D 266 26.23 -3.94 1.45
CA GLY D 266 26.03 -3.91 1.77
C GLY D 266 26.24 -5.11 2.42
C GLY D 266 26.24 -5.17 2.59
N VAL D 267 27.29 -5.92 2.29
CA VAL D 267 27.47 -7.19 3.01
C VAL D 267 28.49 -7.08 4.16
N THR D 268 28.05 -7.33 5.39
CA THR D 268 28.94 -7.31 6.53
C THR D 268 28.39 -8.18 7.67
N GLY D 269 29.28 -8.63 8.55
CA GLY D 269 28.90 -9.57 9.59
C GLY D 269 28.48 -10.92 9.02
N GLU D 270 28.85 -11.23 7.77
CA GLU D 270 28.42 -12.44 7.06
C GLU D 270 29.47 -13.58 7.06
N ASN D 271 29.02 -14.81 6.77
CA ASN D 271 29.88 -16.00 6.68
C ASN D 271 29.47 -16.69 5.38
N ILE D 272 30.24 -16.53 4.32
CA ILE D 272 29.97 -17.29 3.10
C ILE D 272 30.66 -18.65 3.11
N HIS D 273 29.90 -19.71 2.90
CA HIS D 273 30.45 -21.08 2.84
C HIS D 273 30.98 -21.41 1.43
N VAL D 274 32.28 -21.63 1.31
CA VAL D 274 32.82 -22.09 0.02
C VAL D 274 33.18 -23.55 0.17
N ASP D 275 32.16 -24.39 0.07
CA ASP D 275 32.24 -25.74 0.65
C ASP D 275 31.36 -26.75 -0.13
N SER D 276 31.16 -26.49 -1.41
CA SER D 276 30.26 -27.28 -2.24
C SER D 276 28.87 -27.53 -1.67
N GLY D 277 28.42 -26.70 -0.72
CA GLY D 277 27.06 -26.81 -0.17
C GLY D 277 26.92 -27.65 1.10
N PHE D 278 28.06 -28.18 1.59
CA PHE D 278 28.04 -29.18 2.66
C PHE D 278 27.33 -28.62 3.87
N HIS D 279 27.51 -27.32 4.09
CA HIS D 279 26.94 -26.64 5.22
C HIS D 279 25.40 -26.69 5.24
N ALA D 280 24.77 -26.92 4.09
CA ALA D 280 23.30 -26.78 3.96
C ALA D 280 22.60 -28.13 4.10
N ILE D 281 23.39 -29.18 4.09
CA ILE D 281 22.78 -30.49 4.18
C ILE D 281 23.08 -31.12 5.51
N LYS D 282 22.35 -32.16 5.82
CA LYS D 282 22.56 -32.85 7.07
C LYS D 282 22.11 -34.30 6.93
N ASN E 29 -36.18 4.46 11.15
CA ASN E 29 -36.33 3.08 11.66
C ASN E 29 -36.53 2.02 10.57
N LEU E 30 -35.68 0.99 10.61
CA LEU E 30 -35.56 0.01 9.52
C LEU E 30 -35.94 -1.43 9.86
N GLU E 31 -36.64 -1.63 10.98
CA GLU E 31 -37.22 -2.93 11.30
C GLU E 31 -38.05 -3.44 10.13
N ASN E 32 -37.95 -4.73 9.86
CA ASN E 32 -38.68 -5.33 8.75
C ASN E 32 -38.13 -4.91 7.38
N LYS E 33 -36.98 -4.25 7.41
CA LYS E 33 -36.22 -4.05 6.19
C LYS E 33 -35.01 -4.99 6.08
N THR E 34 -34.71 -5.39 4.86
CA THR E 34 -33.55 -6.23 4.60
C THR E 34 -32.67 -5.58 3.54
N TYR E 35 -31.39 -5.37 3.85
CA TYR E 35 -30.45 -4.81 2.87
C TYR E 35 -29.28 -5.74 2.69
N VAL E 36 -28.72 -5.73 1.48
CA VAL E 36 -27.51 -6.46 1.16
C VAL E 36 -26.32 -5.50 1.21
N ILE E 37 -25.27 -5.84 1.95
CA ILE E 37 -24.09 -4.99 1.99
C ILE E 37 -22.92 -5.71 1.33
N MET E 38 -22.43 -5.17 0.23
CA MET E 38 -21.33 -5.79 -0.52
C MET E 38 -20.03 -5.05 -0.21
N GLY E 39 -19.03 -5.80 0.27
CA GLY E 39 -17.66 -5.30 0.31
C GLY E 39 -17.17 -4.85 1.67
N ILE E 40 -17.56 -5.52 2.74
CA ILE E 40 -16.75 -5.51 3.96
C ILE E 40 -15.50 -6.40 3.84
N ALA E 41 -14.31 -5.85 4.12
CA ALA E 41 -13.10 -6.68 4.29
C ALA E 41 -12.65 -6.80 5.73
N ASN E 42 -12.79 -5.70 6.49
CA ASN E 42 -12.38 -5.63 7.90
C ASN E 42 -13.12 -4.50 8.61
N LYS E 43 -12.69 -4.17 9.83
CA LYS E 43 -13.44 -3.22 10.63
C LYS E 43 -13.33 -1.78 10.14
N ARG E 44 -12.33 -1.48 9.30
CA ARG E 44 -12.13 -0.14 8.76
CA ARG E 44 -12.17 -0.12 8.80
C ARG E 44 -12.86 0.09 7.44
N SER E 45 -13.46 -0.97 6.88
CA SER E 45 -14.23 -0.85 5.64
C SER E 45 -15.37 0.14 5.76
N ILE E 46 -15.54 0.91 4.70
CA ILE E 46 -16.66 1.83 4.65
C ILE E 46 -17.95 1.06 4.81
N ALA E 47 -18.07 -0.09 4.14
CA ALA E 47 -19.32 -0.86 4.26
C ALA E 47 -19.67 -1.32 5.67
N PHE E 48 -18.67 -1.45 6.54
CA PHE E 48 -18.95 -1.87 7.92
C PHE E 48 -19.47 -0.68 8.72
N GLY E 49 -19.03 0.53 8.34
CA GLY E 49 -19.67 1.77 8.73
C GLY E 49 -21.17 1.70 8.50
N VAL E 50 -21.53 1.31 7.29
CA VAL E 50 -22.90 1.23 6.87
C VAL E 50 -23.60 0.15 7.67
N ALA E 51 -22.98 -1.02 7.76
CA ALA E 51 -23.53 -2.12 8.52
C ALA E 51 -23.93 -1.70 9.95
N LYS E 52 -23.01 -1.05 10.68
CA LYS E 52 -23.27 -0.66 12.07
C LYS E 52 -24.49 0.24 12.17
N VAL E 53 -24.61 1.17 11.22
CA VAL E 53 -25.71 2.13 11.26
C VAL E 53 -27.03 1.43 10.96
N LEU E 54 -27.06 0.67 9.88
CA LEU E 54 -28.28 -0.05 9.55
C LEU E 54 -28.66 -1.04 10.67
N ASP E 55 -27.66 -1.66 11.28
CA ASP E 55 -27.96 -2.66 12.28
C ASP E 55 -28.58 -1.99 13.51
N GLN E 56 -27.96 -0.89 13.95
CA GLN E 56 -28.47 -0.04 15.01
C GLN E 56 -29.92 0.35 14.74
N LEU E 57 -30.28 0.47 13.46
CA LEU E 57 -31.59 0.96 13.07
C LEU E 57 -32.65 -0.16 12.96
N GLY E 58 -32.24 -1.40 13.22
CA GLY E 58 -33.17 -2.51 13.23
C GLY E 58 -33.23 -3.33 11.94
N ALA E 59 -32.44 -2.98 10.93
CA ALA E 59 -32.45 -3.71 9.67
C ALA E 59 -31.94 -5.13 9.82
N LYS E 60 -32.42 -6.02 8.97
CA LYS E 60 -31.79 -7.31 8.79
C LYS E 60 -30.74 -7.12 7.70
N LEU E 61 -29.55 -7.71 7.88
CA LEU E 61 -28.48 -7.55 6.90
C LEU E 61 -27.98 -8.88 6.34
N VAL E 62 -27.60 -8.84 5.07
CA VAL E 62 -27.00 -9.92 4.32
C VAL E 62 -25.66 -9.38 3.84
N PHE E 63 -24.59 -10.18 3.87
CA PHE E 63 -23.28 -9.65 3.57
C PHE E 63 -22.68 -10.43 2.43
N THR E 64 -22.07 -9.75 1.47
CA THR E 64 -21.31 -10.48 0.46
C THR E 64 -19.83 -10.09 0.46
N TYR E 65 -18.97 -11.03 0.05
CA TYR E 65 -17.52 -10.92 0.24
C TYR E 65 -16.85 -11.62 -0.94
N ARG E 66 -15.63 -11.23 -1.29
CA ARG E 66 -14.87 -11.98 -2.30
C ARG E 66 -13.89 -13.00 -1.70
N LYS E 67 -12.95 -12.53 -0.89
CA LYS E 67 -11.91 -13.38 -0.30
C LYS E 67 -12.33 -14.08 1.00
N GLU E 68 -11.90 -15.31 1.17
CA GLU E 68 -12.09 -16.11 2.39
CA GLU E 68 -12.21 -16.04 2.39
C GLU E 68 -11.79 -15.30 3.66
N ARG E 69 -10.69 -14.55 3.60
CA ARG E 69 -10.21 -13.83 4.76
C ARG E 69 -11.26 -12.81 5.20
N SER E 70 -12.03 -12.31 4.22
CA SER E 70 -13.05 -11.30 4.45
C SER E 70 -14.29 -11.92 5.10
N ARG E 71 -14.67 -13.12 4.68
CA ARG E 71 -15.68 -13.87 5.41
C ARG E 71 -15.24 -14.07 6.87
N LYS E 72 -13.98 -14.45 7.12
CA LYS E 72 -13.53 -14.68 8.50
C LYS E 72 -13.75 -13.40 9.30
N GLU E 73 -13.32 -12.28 8.73
CA GLU E 73 -13.56 -10.96 9.30
C GLU E 73 -15.04 -10.69 9.52
N LEU E 74 -15.86 -10.95 8.52
CA LEU E 74 -17.30 -10.78 8.68
C LEU E 74 -17.83 -11.58 9.86
N GLU E 75 -17.39 -12.82 9.97
CA GLU E 75 -17.84 -13.70 11.03
C GLU E 75 -17.49 -13.15 12.41
N LYS E 76 -16.34 -12.51 12.51
CA LYS E 76 -15.91 -11.86 13.75
C LYS E 76 -16.67 -10.55 14.07
N LEU E 77 -16.96 -9.75 13.04
CA LEU E 77 -17.52 -8.41 13.25
C LEU E 77 -19.00 -8.52 13.56
N LEU E 78 -19.62 -9.55 13.00
CA LEU E 78 -21.00 -9.90 13.31
C LEU E 78 -21.27 -9.98 14.81
N GLU E 79 -20.24 -10.33 15.58
CA GLU E 79 -20.37 -10.46 17.03
C GLU E 79 -20.66 -9.12 17.68
N GLN E 80 -20.25 -8.04 17.02
CA GLN E 80 -20.52 -6.68 17.47
C GLN E 80 -21.91 -6.18 17.04
N LEU E 81 -22.55 -6.86 16.11
CA LEU E 81 -23.86 -6.44 15.62
C LEU E 81 -24.97 -7.12 16.38
N ASN E 82 -26.18 -6.62 16.18
CA ASN E 82 -27.35 -7.26 16.71
C ASN E 82 -27.91 -8.34 15.81
N GLN E 83 -27.28 -8.61 14.66
CA GLN E 83 -27.87 -9.53 13.70
C GLN E 83 -27.97 -10.90 14.34
N PRO E 84 -29.19 -11.46 14.44
CA PRO E 84 -29.37 -12.75 15.12
C PRO E 84 -28.83 -13.92 14.31
N GLU E 85 -28.66 -13.76 13.00
CA GLU E 85 -27.90 -14.75 12.26
C GLU E 85 -27.04 -14.13 11.18
N ALA E 86 -25.96 -14.85 10.90
CA ALA E 86 -25.06 -14.59 9.78
C ALA E 86 -25.73 -14.97 8.48
N HIS E 87 -25.96 -14.00 7.59
CA HIS E 87 -26.27 -14.29 6.20
C HIS E 87 -25.09 -13.84 5.34
N LEU E 88 -24.19 -14.76 5.01
CA LEU E 88 -22.95 -14.43 4.28
C LEU E 88 -22.88 -15.17 2.97
N TYR E 89 -22.59 -14.47 1.87
CA TYR E 89 -22.44 -15.09 0.56
C TYR E 89 -21.15 -14.65 -0.11
N GLN E 90 -20.49 -15.59 -0.77
CA GLN E 90 -19.30 -15.25 -1.53
C GLN E 90 -19.79 -14.79 -2.89
N ILE E 91 -19.56 -13.52 -3.21
CA ILE E 91 -19.82 -13.04 -4.54
C ILE E 91 -18.63 -12.22 -4.99
N ASP E 92 -17.92 -12.74 -5.99
CA ASP E 92 -16.90 -11.99 -6.68
C ASP E 92 -17.46 -11.34 -7.94
N VAL E 93 -17.53 -10.03 -7.94
CA VAL E 93 -18.32 -9.33 -8.95
C VAL E 93 -17.71 -9.38 -10.35
N GLN E 94 -16.57 -10.07 -10.53
CA GLN E 94 -16.06 -10.38 -11.88
C GLN E 94 -16.80 -11.49 -12.61
N SER E 95 -17.68 -12.17 -11.88
CA SER E 95 -18.33 -13.36 -12.41
C SER E 95 -19.86 -13.17 -12.41
N ASP E 96 -20.46 -13.26 -13.60
CA ASP E 96 -21.91 -13.13 -13.71
C ASP E 96 -22.56 -14.23 -12.87
N GLU E 97 -22.07 -15.45 -13.06
CA GLU E 97 -22.65 -16.60 -12.41
CA GLU E 97 -22.62 -16.64 -12.39
C GLU E 97 -22.66 -16.39 -10.88
N GLU E 98 -21.61 -15.80 -10.34
CA GLU E 98 -21.55 -15.62 -8.91
C GLU E 98 -22.56 -14.55 -8.45
N VAL E 99 -22.72 -13.50 -9.26
CA VAL E 99 -23.68 -12.46 -8.92
C VAL E 99 -25.10 -12.99 -9.03
N ILE E 100 -25.40 -13.65 -10.15
CA ILE E 100 -26.72 -14.26 -10.39
C ILE E 100 -27.07 -15.27 -9.31
N ASN E 101 -26.22 -16.29 -9.15
CA ASN E 101 -26.40 -17.33 -8.15
C ASN E 101 -26.39 -16.80 -6.72
N GLY E 102 -25.59 -15.76 -6.44
CA GLY E 102 -25.56 -15.25 -5.08
C GLY E 102 -26.86 -14.57 -4.66
N PHE E 103 -27.31 -13.71 -5.56
CA PHE E 103 -28.57 -13.01 -5.33
C PHE E 103 -29.76 -13.96 -5.33
N GLU E 104 -29.72 -14.98 -6.17
CA GLU E 104 -30.79 -15.96 -6.19
C GLU E 104 -30.86 -16.72 -4.86
N GLN E 105 -29.70 -17.14 -4.37
CA GLN E 105 -29.58 -17.78 -3.07
C GLN E 105 -30.09 -16.92 -1.91
N ILE E 106 -29.80 -15.61 -1.97
CA ILE E 106 -30.26 -14.63 -0.99
C ILE E 106 -31.78 -14.55 -0.92
N GLY E 107 -32.41 -14.52 -2.11
CA GLY E 107 -33.87 -14.52 -2.23
C GLY E 107 -34.49 -15.77 -1.63
N LYS E 108 -33.80 -16.90 -1.77
CA LYS E 108 -34.29 -18.14 -1.19
C LYS E 108 -34.15 -18.13 0.33
N ASP E 109 -33.07 -17.55 0.85
CA ASP E 109 -32.84 -17.57 2.29
C ASP E 109 -33.54 -16.47 3.09
N VAL E 110 -33.64 -15.24 2.58
CA VAL E 110 -34.26 -14.15 3.36
C VAL E 110 -35.45 -13.47 2.67
N GLY E 111 -35.77 -13.89 1.45
CA GLY E 111 -36.95 -13.33 0.81
C GLY E 111 -36.62 -12.04 0.11
N ASN E 112 -37.64 -11.19 -0.07
CA ASN E 112 -37.44 -9.93 -0.78
C ASN E 112 -36.63 -8.94 0.03
N ILE E 113 -35.83 -8.16 -0.68
CA ILE E 113 -34.98 -7.14 -0.08
C ILE E 113 -35.42 -5.72 -0.46
N ASP E 114 -34.86 -4.74 0.25
CA ASP E 114 -35.27 -3.34 0.09
C ASP E 114 -34.14 -2.50 -0.46
N GLY E 115 -32.93 -3.04 -0.43
CA GLY E 115 -31.90 -2.43 -1.27
C GLY E 115 -30.54 -3.07 -1.11
N VAL E 116 -29.56 -2.44 -1.78
CA VAL E 116 -28.20 -2.92 -1.82
C VAL E 116 -27.26 -1.75 -1.54
N TYR E 117 -26.28 -1.98 -0.67
CA TYR E 117 -25.19 -1.04 -0.53
C TYR E 117 -23.93 -1.60 -1.23
N HIS E 118 -23.44 -0.93 -2.26
CA HIS E 118 -22.31 -1.43 -3.07
C HIS E 118 -21.06 -0.68 -2.62
N SER E 119 -20.05 -1.39 -2.12
CA SER E 119 -18.85 -0.76 -1.62
C SER E 119 -17.59 -1.44 -2.17
N ILE E 120 -17.50 -1.52 -3.50
CA ILE E 120 -16.53 -2.41 -4.13
C ILE E 120 -15.79 -1.64 -5.20
N ALA E 121 -14.46 -1.74 -5.22
CA ALA E 121 -13.68 -1.28 -6.35
C ALA E 121 -12.37 -2.03 -6.32
N PHE E 122 -11.61 -1.89 -7.40
CA PHE E 122 -10.27 -2.44 -7.46
C PHE E 122 -9.52 -1.86 -8.66
N ALA E 123 -8.20 -1.70 -8.54
CA ALA E 123 -7.32 -1.42 -9.69
C ALA E 123 -5.92 -1.95 -9.36
N ASN E 124 -5.14 -2.37 -10.37
CA ASN E 124 -3.76 -2.76 -10.10
C ASN E 124 -3.02 -1.57 -9.53
N MET E 125 -2.32 -1.80 -8.44
CA MET E 125 -1.37 -0.80 -7.98
C MET E 125 -0.34 -0.42 -9.05
N GLU E 126 -0.03 -1.32 -9.98
CA GLU E 126 0.94 -1.03 -11.05
C GLU E 126 0.43 0.04 -12.02
N ASP E 127 -0.88 0.11 -12.18
CA ASP E 127 -1.51 1.21 -12.88
C ASP E 127 -1.64 2.46 -12.01
N LEU E 128 -2.28 2.35 -10.84
CA LEU E 128 -2.44 3.47 -9.91
C LEU E 128 -1.12 4.20 -9.65
N ARG E 129 0.00 3.48 -9.61
CA ARG E 129 1.29 4.11 -9.31
C ARG E 129 2.05 4.61 -10.54
N GLY E 130 1.41 4.63 -11.69
CA GLY E 130 2.11 5.06 -12.89
C GLY E 130 1.61 6.46 -13.11
N ARG E 131 2.14 7.11 -14.15
CA ARG E 131 1.49 8.22 -14.84
C ARG E 131 0.20 7.72 -15.46
N PHE E 132 -0.87 8.51 -15.35
CA PHE E 132 -2.14 8.06 -15.93
C PHE E 132 -2.01 7.67 -17.41
N SER E 133 -1.22 8.43 -18.15
CA SER E 133 -1.04 8.20 -19.58
C SER E 133 -0.41 6.84 -19.85
N GLU E 134 0.12 6.20 -18.82
CA GLU E 134 0.79 4.90 -19.01
C GLU E 134 -0.06 3.68 -18.61
N THR E 135 -1.29 3.93 -18.16
CA THR E 135 -2.22 2.87 -17.78
C THR E 135 -2.35 1.80 -18.85
N SER E 136 -2.17 0.54 -18.45
CA SER E 136 -2.34 -0.60 -19.35
C SER E 136 -3.81 -0.75 -19.69
N ARG E 137 -4.08 -1.21 -20.91
CA ARG E 137 -5.42 -1.63 -21.31
C ARG E 137 -6.10 -2.62 -20.35
N GLU E 138 -5.41 -3.70 -19.99
CA GLU E 138 -6.00 -4.76 -19.14
C GLU E 138 -6.32 -4.15 -17.77
N GLY E 139 -5.48 -3.23 -17.30
CA GLY E 139 -5.65 -2.59 -16.01
C GLY E 139 -6.79 -1.58 -15.95
N PHE E 140 -6.98 -0.87 -17.06
CA PHE E 140 -8.06 0.07 -17.22
C PHE E 140 -9.39 -0.69 -17.28
N LEU E 141 -9.42 -1.80 -18.01
CA LEU E 141 -10.68 -2.52 -18.13
C LEU E 141 -11.03 -3.28 -16.86
N LEU E 142 -10.00 -3.67 -16.11
CA LEU E 142 -10.17 -4.33 -14.81
C LEU E 142 -10.82 -3.39 -13.81
N ALA E 143 -10.41 -2.11 -13.83
CA ALA E 143 -10.98 -1.16 -12.89
C ALA E 143 -12.43 -0.89 -13.26
N GLN E 144 -12.73 -0.83 -14.58
CA GLN E 144 -14.11 -0.61 -15.06
C GLN E 144 -15.01 -1.76 -14.68
N ASP E 145 -14.53 -2.96 -14.97
CA ASP E 145 -15.25 -4.19 -14.69
C ASP E 145 -15.71 -4.26 -13.22
N ILE E 146 -14.76 -4.18 -12.29
CA ILE E 146 -15.05 -4.38 -10.88
C ILE E 146 -15.62 -3.12 -10.25
N SER E 147 -15.13 -1.95 -10.67
CA SER E 147 -15.54 -0.70 -10.02
C SER E 147 -16.84 -0.06 -10.57
N SER E 148 -17.26 -0.50 -11.74
CA SER E 148 -18.39 0.13 -12.37
C SER E 148 -19.34 -0.89 -12.97
N TYR E 149 -18.83 -1.72 -13.87
CA TYR E 149 -19.76 -2.66 -14.47
C TYR E 149 -20.45 -3.48 -13.40
N SER E 150 -19.73 -3.85 -12.34
CA SER E 150 -20.33 -4.61 -11.25
C SER E 150 -21.64 -4.03 -10.76
N LEU E 151 -21.78 -2.71 -10.73
CA LEU E 151 -23.06 -2.14 -10.27
C LEU E 151 -24.24 -2.48 -11.17
N THR E 152 -24.03 -2.40 -12.48
CA THR E 152 -25.04 -2.77 -13.44
C THR E 152 -25.64 -4.18 -13.18
N ILE E 153 -24.78 -5.18 -13.10
CA ILE E 153 -25.23 -6.57 -12.97
C ILE E 153 -25.77 -6.82 -11.55
N VAL E 154 -25.15 -6.22 -10.54
CA VAL E 154 -25.75 -6.27 -9.19
C VAL E 154 -27.18 -5.75 -9.21
N ALA E 155 -27.38 -4.59 -9.86
CA ALA E 155 -28.71 -4.00 -9.97
C ALA E 155 -29.67 -4.89 -10.73
N HIS E 156 -29.22 -5.51 -11.83
CA HIS E 156 -30.15 -6.29 -12.61
C HIS E 156 -30.59 -7.46 -11.79
N GLU E 157 -29.67 -8.03 -11.02
CA GLU E 157 -30.01 -9.25 -10.28
C GLU E 157 -30.80 -8.89 -9.04
N ALA E 158 -30.44 -7.78 -8.41
CA ALA E 158 -31.08 -7.36 -7.16
C ALA E 158 -32.53 -6.89 -7.37
N LYS E 159 -32.79 -6.28 -8.51
CA LYS E 159 -34.14 -5.92 -8.90
C LYS E 159 -35.16 -7.07 -8.80
N LYS E 160 -34.76 -8.30 -9.09
CA LYS E 160 -35.67 -9.46 -9.02
C LYS E 160 -36.15 -9.67 -7.60
N LEU E 161 -35.43 -9.11 -6.64
CA LEU E 161 -35.78 -9.25 -5.23
C LEU E 161 -36.44 -7.98 -4.74
N MET E 162 -36.69 -7.06 -5.67
CA MET E 162 -37.40 -5.84 -5.29
C MET E 162 -38.62 -5.63 -6.17
N PRO E 163 -39.58 -6.58 -6.11
CA PRO E 163 -40.73 -6.43 -6.98
C PRO E 163 -41.54 -5.18 -6.64
N GLU E 164 -41.47 -4.70 -5.40
CA GLU E 164 -42.24 -3.54 -4.96
C GLU E 164 -41.45 -2.23 -5.03
N GLY E 165 -40.20 -2.27 -5.48
CA GLY E 165 -39.31 -1.13 -5.36
C GLY E 165 -38.23 -1.27 -4.30
N GLY E 166 -37.19 -0.43 -4.39
CA GLY E 166 -36.21 -0.27 -3.33
C GLY E 166 -35.11 0.71 -3.67
N SER E 167 -33.93 0.49 -3.10
CA SER E 167 -32.89 1.52 -3.15
C SER E 167 -31.49 0.94 -3.30
N ILE E 168 -30.70 1.45 -4.25
CA ILE E 168 -29.32 0.98 -4.48
C ILE E 168 -28.30 2.11 -4.31
N VAL E 169 -27.33 1.97 -3.40
CA VAL E 169 -26.34 3.02 -3.19
C VAL E 169 -24.94 2.48 -3.48
N ALA E 170 -24.15 3.23 -4.24
CA ALA E 170 -22.75 2.91 -4.58
C ALA E 170 -21.83 3.99 -4.00
N THR E 171 -20.64 3.56 -3.61
CA THR E 171 -19.66 4.44 -3.02
C THR E 171 -18.69 5.02 -4.04
N THR E 172 -18.60 6.35 -4.15
CA THR E 172 -17.69 6.93 -5.13
C THR E 172 -16.74 7.92 -4.47
N TYR E 173 -15.87 8.52 -5.27
CA TYR E 173 -14.93 9.45 -4.71
C TYR E 173 -14.84 10.66 -5.64
N LEU E 174 -14.47 11.81 -5.09
CA LEU E 174 -14.35 13.09 -5.81
C LEU E 174 -13.56 13.03 -7.14
N GLY E 175 -12.61 12.10 -7.19
CA GLY E 175 -11.75 11.87 -8.31
C GLY E 175 -12.47 11.43 -9.56
N GLY E 176 -13.75 11.09 -9.44
CA GLY E 176 -14.57 10.73 -10.61
C GLY E 176 -15.23 11.95 -11.24
N GLU E 177 -15.08 13.08 -10.53
CA GLU E 177 -15.71 14.36 -10.85
C GLU E 177 -14.64 15.32 -11.34
N PHE E 178 -13.46 15.23 -10.72
CA PHE E 178 -12.28 16.00 -11.11
C PHE E 178 -11.04 15.12 -11.08
N ALA E 179 -10.02 15.51 -11.86
CA ALA E 179 -8.74 14.83 -11.84
C ALA E 179 -7.98 15.13 -10.52
N VAL E 180 -7.83 14.13 -9.66
CA VAL E 180 -7.08 14.26 -8.40
C VAL E 180 -5.75 13.52 -8.56
N GLN E 181 -4.63 14.24 -8.39
CA GLN E 181 -3.31 13.66 -8.50
C GLN E 181 -3.26 12.30 -7.83
N ASN E 182 -2.69 11.34 -8.54
CA ASN E 182 -2.49 9.97 -8.07
C ASN E 182 -3.65 8.99 -8.15
N TYR E 183 -4.89 9.49 -8.21
CA TYR E 183 -6.05 8.61 -8.31
C TYR E 183 -6.20 7.97 -9.68
N ASN E 184 -5.65 8.62 -10.72
CA ASN E 184 -5.34 7.97 -11.99
C ASN E 184 -6.51 7.09 -12.51
N VAL E 185 -6.23 5.82 -12.81
CA VAL E 185 -7.22 4.99 -13.49
C VAL E 185 -8.50 4.83 -12.62
N MET E 186 -8.40 4.95 -11.30
CA MET E 186 -9.62 4.83 -10.50
C MET E 186 -10.60 6.01 -10.67
N GLY E 187 -10.07 7.20 -10.92
CA GLY E 187 -10.92 8.35 -11.21
C GLY E 187 -11.79 8.14 -12.45
N VAL E 188 -11.18 7.56 -13.48
CA VAL E 188 -11.93 7.23 -14.68
C VAL E 188 -12.94 6.10 -14.44
N ALA E 189 -12.59 5.14 -13.60
CA ALA E 189 -13.55 4.14 -13.17
C ALA E 189 -14.68 4.78 -12.35
N LYS E 190 -14.41 5.77 -11.49
CA LYS E 190 -15.48 6.35 -10.65
C LYS E 190 -16.35 7.26 -11.50
N ALA E 191 -15.79 7.87 -12.54
CA ALA E 191 -16.58 8.72 -13.43
C ALA E 191 -17.63 7.80 -14.09
N SER E 192 -17.16 6.63 -14.47
CA SER E 192 -17.96 5.62 -15.15
C SER E 192 -19.07 5.14 -14.19
N LEU E 193 -18.67 4.86 -12.94
CA LEU E 193 -19.63 4.42 -11.92
C LEU E 193 -20.71 5.49 -11.75
N GLU E 194 -20.29 6.74 -11.73
CA GLU E 194 -21.19 7.79 -11.35
C GLU E 194 -22.25 7.99 -12.43
N ALA E 195 -21.85 7.82 -13.69
CA ALA E 195 -22.78 7.80 -14.81
C ALA E 195 -23.69 6.57 -14.77
N ASN E 196 -23.15 5.42 -14.35
CA ASN E 196 -23.86 4.16 -14.24
C ASN E 196 -25.05 4.28 -13.21
N VAL E 197 -24.79 5.00 -12.13
CA VAL E 197 -25.84 5.38 -11.20
C VAL E 197 -26.95 6.15 -11.93
N LYS E 198 -26.55 7.05 -12.82
CA LYS E 198 -27.52 7.91 -13.47
C LYS E 198 -28.35 7.10 -14.47
N TYR E 199 -27.69 6.31 -15.33
CA TYR E 199 -28.42 5.50 -16.28
C TYR E 199 -29.29 4.42 -15.60
N LEU E 200 -28.80 3.82 -14.52
CA LEU E 200 -29.62 2.92 -13.73
C LEU E 200 -30.80 3.64 -13.10
N ALA E 201 -30.60 4.86 -12.56
CA ALA E 201 -31.68 5.62 -11.93
C ALA E 201 -32.83 5.84 -12.90
N LEU E 202 -32.44 6.11 -14.13
CA LEU E 202 -33.39 6.39 -15.20
C LEU E 202 -34.04 5.08 -15.58
N ASP E 203 -33.23 4.04 -15.77
CA ASP E 203 -33.76 2.77 -16.28
C ASP E 203 -34.78 2.23 -15.28
N LEU E 204 -34.42 2.28 -14.01
CA LEU E 204 -35.13 1.49 -13.02
C LEU E 204 -36.15 2.31 -12.25
N GLY E 205 -36.15 3.62 -12.47
CA GLY E 205 -37.07 4.55 -11.81
C GLY E 205 -38.51 4.14 -12.04
N PRO E 206 -38.85 3.73 -13.27
CA PRO E 206 -40.26 3.30 -13.45
C PRO E 206 -40.63 2.07 -12.65
N ASP E 207 -39.64 1.31 -12.19
CA ASP E 207 -39.86 0.16 -11.31
C ASP E 207 -39.86 0.57 -9.84
N ASN E 208 -39.76 1.88 -9.60
CA ASN E 208 -39.60 2.38 -8.22
C ASN E 208 -38.31 1.91 -7.51
N ILE E 209 -37.23 1.74 -8.27
CA ILE E 209 -35.94 1.48 -7.65
C ILE E 209 -35.10 2.73 -7.83
N ARG E 210 -34.69 3.30 -6.71
CA ARG E 210 -33.86 4.48 -6.68
C ARG E 210 -32.41 4.02 -6.63
N VAL E 211 -31.53 4.75 -7.34
CA VAL E 211 -30.11 4.48 -7.45
C VAL E 211 -29.35 5.79 -7.25
N ASN E 212 -28.45 5.84 -6.28
CA ASN E 212 -27.78 7.07 -5.81
C ASN E 212 -26.33 6.74 -5.47
N ALA E 213 -25.49 7.74 -5.29
CA ALA E 213 -24.11 7.47 -4.89
C ALA E 213 -23.78 8.27 -3.64
N ILE E 214 -22.93 7.71 -2.77
CA ILE E 214 -22.32 8.53 -1.72
C ILE E 214 -20.89 8.80 -2.16
N SER E 215 -20.46 10.07 -2.21
CA SER E 215 -19.08 10.44 -2.53
C SER E 215 -18.34 10.64 -1.21
N ALA E 216 -17.64 9.61 -0.77
CA ALA E 216 -17.06 9.67 0.55
C ALA E 216 -15.74 10.43 0.49
N GLY E 217 -15.51 11.27 1.48
CA GLY E 217 -14.17 11.85 1.63
C GLY E 217 -13.13 10.78 1.94
N PRO E 218 -11.85 11.17 2.06
CA PRO E 218 -10.86 10.10 2.29
C PRO E 218 -10.90 9.51 3.70
N ILE E 219 -10.84 8.18 3.83
CA ILE E 219 -10.93 7.45 5.09
C ILE E 219 -9.89 6.33 5.11
N ARG E 220 -9.15 6.18 6.20
CA ARG E 220 -8.22 5.07 6.31
C ARG E 220 -8.91 3.72 6.21
N THR E 221 -8.69 3.03 5.10
CA THR E 221 -9.12 1.67 4.93
C THR E 221 -7.98 0.84 4.33
N LEU E 222 -8.21 -0.45 4.15
CA LEU E 222 -7.21 -1.32 3.55
C LEU E 222 -6.91 -0.87 2.12
N SER E 223 -7.94 -0.56 1.34
CA SER E 223 -7.77 -0.08 -0.04
C SER E 223 -7.09 1.28 -0.16
N ALA E 224 -7.37 2.20 0.76
CA ALA E 224 -6.66 3.49 0.79
C ALA E 224 -5.15 3.34 0.76
N LYS E 225 -4.63 2.27 1.35
CA LYS E 225 -3.20 2.02 1.39
C LYS E 225 -2.54 1.92 0.00
N GLY E 226 -3.26 1.49 -1.03
CA GLY E 226 -2.70 1.54 -2.38
C GLY E 226 -2.83 2.86 -3.14
N VAL E 227 -3.22 3.93 -2.47
CA VAL E 227 -3.35 5.16 -3.24
C VAL E 227 -2.17 6.07 -2.89
N GLY E 228 -1.23 6.24 -3.81
CA GLY E 228 -0.19 7.25 -3.61
C GLY E 228 -0.75 8.57 -3.09
N GLY E 229 -0.12 9.14 -2.07
CA GLY E 229 -0.40 10.50 -1.63
C GLY E 229 -1.59 10.63 -0.69
N PHE E 230 -2.13 9.50 -0.28
CA PHE E 230 -3.33 9.44 0.56
C PHE E 230 -3.21 10.35 1.79
N ASN E 231 -2.16 10.19 2.58
CA ASN E 231 -2.03 10.91 3.86
C ASN E 231 -1.99 12.41 3.65
N THR E 232 -1.38 12.81 2.54
CA THR E 232 -1.29 14.20 2.13
C THR E 232 -2.69 14.77 1.96
N ILE E 233 -3.56 13.98 1.34
CA ILE E 233 -4.93 14.38 1.06
C ILE E 233 -5.73 14.50 2.38
N LEU E 234 -5.50 13.57 3.30
CA LEU E 234 -6.08 13.62 4.63
C LEU E 234 -5.82 14.97 5.27
N LYS E 235 -4.57 15.42 5.17
CA LYS E 235 -4.21 16.64 5.82
C LYS E 235 -4.72 17.87 5.08
N GLU E 236 -4.76 17.81 3.76
CA GLU E 236 -5.33 18.92 3.02
C GLU E 236 -6.83 19.07 3.33
N ILE E 237 -7.55 17.99 3.62
CA ILE E 237 -8.94 18.10 4.06
C ILE E 237 -9.04 18.84 5.40
N GLU E 238 -8.27 18.47 6.41
CA GLU E 238 -8.39 19.11 7.71
C GLU E 238 -8.13 20.60 7.58
N GLU E 239 -7.20 20.97 6.70
CA GLU E 239 -6.82 22.36 6.53
C GLU E 239 -7.81 23.21 5.73
N ARG E 240 -8.42 22.60 4.72
CA ARG E 240 -9.09 23.33 3.65
CA ARG E 240 -9.10 23.36 3.68
C ARG E 240 -10.60 23.08 3.59
N ALA E 241 -11.04 21.87 3.91
CA ALA E 241 -12.48 21.60 3.80
C ALA E 241 -13.29 22.48 4.76
N PRO E 242 -14.51 22.90 4.39
CA PRO E 242 -15.38 23.67 5.30
C PRO E 242 -15.39 23.21 6.77
N LEU E 243 -15.37 21.91 7.05
CA LEU E 243 -15.58 21.51 8.45
C LEU E 243 -14.26 21.34 9.18
N LYS E 244 -13.16 21.41 8.43
CA LYS E 244 -11.82 21.38 9.02
C LYS E 244 -11.51 20.07 9.76
N ARG E 245 -12.01 18.97 9.25
CA ARG E 245 -11.82 17.67 9.91
C ARG E 245 -12.18 16.70 8.80
N ASN E 246 -11.66 15.48 8.90
CA ASN E 246 -12.04 14.40 8.00
C ASN E 246 -13.33 13.71 8.44
N VAL E 247 -13.92 12.92 7.56
CA VAL E 247 -15.15 12.20 7.86
C VAL E 247 -14.79 10.78 8.27
N ASP E 248 -15.76 10.01 8.77
CA ASP E 248 -15.50 8.59 9.06
C ASP E 248 -16.53 7.69 8.44
N GLN E 249 -16.33 6.38 8.59
CA GLN E 249 -17.20 5.39 8.01
C GLN E 249 -18.63 5.50 8.53
N VAL E 250 -18.78 5.78 9.82
CA VAL E 250 -20.12 5.90 10.40
C VAL E 250 -20.89 7.07 9.73
N GLU E 251 -20.21 8.17 9.43
CA GLU E 251 -20.86 9.27 8.74
C GLU E 251 -21.30 8.85 7.34
N VAL E 252 -20.54 8.02 6.65
CA VAL E 252 -21.06 7.45 5.40
C VAL E 252 -22.30 6.60 5.70
N GLY E 253 -22.26 5.78 6.74
CA GLY E 253 -23.42 4.96 7.12
C GLY E 253 -24.69 5.75 7.40
N LYS E 254 -24.59 6.89 8.06
CA LYS E 254 -25.77 7.72 8.30
C LYS E 254 -26.39 8.24 6.99
N THR E 255 -25.57 8.65 6.03
CA THR E 255 -26.09 9.05 4.71
C THR E 255 -26.60 7.86 3.92
N ALA E 256 -25.99 6.70 4.07
CA ALA E 256 -26.54 5.47 3.50
C ALA E 256 -27.91 5.10 4.10
N ALA E 257 -28.05 5.27 5.42
CA ALA E 257 -29.35 4.97 6.01
C ALA E 257 -30.39 5.86 5.35
N TYR E 258 -30.07 7.15 5.22
CA TYR E 258 -30.95 8.10 4.53
C TYR E 258 -31.29 7.66 3.09
N LEU E 259 -30.30 7.40 2.24
CA LEU E 259 -30.57 7.00 0.86
C LEU E 259 -31.33 5.66 0.80
N LEU E 260 -31.09 4.79 1.76
CA LEU E 260 -31.68 3.45 1.68
C LEU E 260 -33.10 3.40 2.25
N SER E 261 -33.51 4.45 2.95
CA SER E 261 -34.80 4.46 3.61
C SER E 261 -35.77 5.36 2.84
N ASP E 262 -37.02 5.35 3.29
CA ASP E 262 -38.06 6.22 2.73
C ASP E 262 -37.84 7.72 2.95
N LEU E 263 -36.95 8.08 3.89
CA LEU E 263 -36.55 9.47 4.05
C LEU E 263 -36.16 10.12 2.74
N SER E 264 -35.61 9.34 1.81
CA SER E 264 -35.05 9.92 0.60
C SER E 264 -35.89 9.55 -0.63
N SER E 265 -37.20 9.54 -0.49
CA SER E 265 -38.06 8.88 -1.47
C SER E 265 -38.15 9.61 -2.79
N GLY E 266 -37.84 10.90 -2.83
CA GLY E 266 -37.92 11.54 -4.12
C GLY E 266 -36.58 11.77 -4.75
N VAL E 267 -35.56 11.07 -4.27
CA VAL E 267 -34.18 11.41 -4.59
C VAL E 267 -33.67 10.19 -5.32
N THR E 268 -33.23 10.40 -6.55
CA THR E 268 -32.63 9.32 -7.30
C THR E 268 -31.70 9.96 -8.32
N GLY E 269 -30.68 9.21 -8.76
CA GLY E 269 -29.71 9.69 -9.71
C GLY E 269 -28.79 10.72 -9.06
N GLU E 270 -28.74 10.75 -7.73
CA GLU E 270 -28.08 11.83 -7.01
C GLU E 270 -26.69 11.39 -6.54
N ASN E 271 -25.80 12.35 -6.26
CA ASN E 271 -24.51 11.99 -5.69
C ASN E 271 -24.29 12.82 -4.43
N ILE E 272 -24.39 12.22 -3.23
CA ILE E 272 -24.30 13.03 -1.99
C ILE E 272 -22.93 12.97 -1.37
N HIS E 273 -22.28 14.13 -1.19
CA HIS E 273 -20.87 14.15 -0.85
C HIS E 273 -20.78 14.12 0.66
N VAL E 274 -20.08 13.11 1.20
CA VAL E 274 -19.89 13.02 2.63
C VAL E 274 -18.41 13.22 2.91
N ASP E 275 -18.04 14.50 2.93
CA ASP E 275 -16.65 14.88 2.75
C ASP E 275 -16.30 16.20 3.44
N SER E 276 -17.08 16.62 4.43
CA SER E 276 -16.80 17.89 5.11
C SER E 276 -16.90 19.13 4.21
N GLY E 277 -17.59 19.02 3.06
CA GLY E 277 -17.80 20.15 2.14
C GLY E 277 -16.66 20.31 1.14
N PHE E 278 -15.64 19.46 1.19
CA PHE E 278 -14.46 19.65 0.31
C PHE E 278 -14.83 19.79 -1.17
N HIS E 279 -15.92 19.15 -1.56
CA HIS E 279 -16.42 19.18 -2.93
C HIS E 279 -16.86 20.57 -3.39
N ALA E 280 -17.26 21.44 -2.46
CA ALA E 280 -17.84 22.72 -2.83
C ALA E 280 -16.78 23.80 -2.86
N ILE E 281 -15.55 23.45 -2.54
CA ILE E 281 -14.54 24.49 -2.52
C ILE E 281 -13.47 24.29 -3.59
N LYS E 282 -12.61 25.28 -3.73
CA LYS E 282 -11.56 25.21 -4.73
C LYS E 282 -10.43 26.12 -4.29
N ASN F 29 -4.56 30.11 -38.47
CA ASN F 29 -3.50 29.77 -39.47
C ASN F 29 -2.55 28.63 -39.07
N LEU F 30 -2.60 27.56 -39.84
CA LEU F 30 -2.09 26.30 -39.38
C LEU F 30 -1.10 25.78 -40.40
N GLU F 31 -0.55 26.66 -41.23
CA GLU F 31 0.51 26.28 -42.17
C GLU F 31 1.70 25.76 -41.37
N ASN F 32 2.33 24.70 -41.86
CA ASN F 32 3.44 24.08 -41.12
C ASN F 32 3.04 23.37 -39.82
N LYS F 33 1.74 23.24 -39.58
CA LYS F 33 1.20 22.36 -38.54
C LYS F 33 0.76 21.02 -39.13
N THR F 34 0.97 19.95 -38.37
CA THR F 34 0.51 18.64 -38.78
C THR F 34 -0.37 18.01 -37.72
N TYR F 35 -1.60 17.67 -38.09
CA TYR F 35 -2.53 16.95 -37.21
C TYR F 35 -2.89 15.52 -37.70
N VAL F 36 -2.96 14.58 -36.77
CA VAL F 36 -3.59 13.30 -37.04
C VAL F 36 -5.10 13.28 -36.69
N ILE F 37 -5.91 12.79 -37.63
CA ILE F 37 -7.34 12.74 -37.45
C ILE F 37 -7.80 11.28 -37.49
N MET F 38 -8.40 10.80 -36.41
CA MET F 38 -8.77 9.40 -36.25
C MET F 38 -10.30 9.26 -36.35
N GLY F 39 -10.78 8.38 -37.22
CA GLY F 39 -12.21 8.10 -37.23
C GLY F 39 -13.05 8.69 -38.37
N ILE F 40 -12.43 8.95 -39.52
CA ILE F 40 -13.26 9.23 -40.69
C ILE F 40 -13.72 7.92 -41.32
N ALA F 41 -15.03 7.73 -41.41
CA ALA F 41 -15.61 6.62 -42.17
C ALA F 41 -16.21 7.02 -43.54
N ASN F 42 -16.79 8.21 -43.63
CA ASN F 42 -17.44 8.64 -44.85
C ASN F 42 -17.54 10.17 -44.82
N LYS F 43 -18.09 10.75 -45.88
CA LYS F 43 -18.29 12.20 -45.96
C LYS F 43 -19.12 12.79 -44.81
N ARG F 44 -19.91 11.98 -44.11
CA ARG F 44 -20.72 12.54 -43.03
C ARG F 44 -20.03 12.48 -41.66
N SER F 45 -18.84 11.89 -41.63
CA SER F 45 -18.19 11.70 -40.34
C SER F 45 -17.89 13.07 -39.74
N ILE F 46 -18.19 13.25 -38.47
CA ILE F 46 -17.71 14.42 -37.73
C ILE F 46 -16.23 14.72 -38.04
N ALA F 47 -15.37 13.73 -37.95
CA ALA F 47 -13.95 13.99 -38.22
C ALA F 47 -13.67 14.55 -39.63
N PHE F 48 -14.50 14.26 -40.61
CA PHE F 48 -14.33 14.90 -41.91
C PHE F 48 -14.68 16.39 -41.89
N GLY F 49 -15.62 16.82 -41.06
CA GLY F 49 -15.78 18.26 -40.86
C GLY F 49 -14.53 18.88 -40.26
N VAL F 50 -13.93 18.22 -39.27
CA VAL F 50 -12.64 18.63 -38.73
C VAL F 50 -11.61 18.73 -39.85
N ALA F 51 -11.49 17.66 -40.62
CA ALA F 51 -10.56 17.65 -41.74
C ALA F 51 -10.73 18.88 -42.65
N LYS F 52 -11.96 19.19 -43.07
CA LYS F 52 -12.17 20.29 -44.04
C LYS F 52 -11.69 21.62 -43.48
N VAL F 53 -12.00 21.86 -42.20
CA VAL F 53 -11.64 23.15 -41.59
C VAL F 53 -10.12 23.28 -41.49
N LEU F 54 -9.46 22.25 -40.95
CA LEU F 54 -8.00 22.25 -40.83
C LEU F 54 -7.33 22.23 -42.20
N ASP F 55 -7.90 21.51 -43.16
CA ASP F 55 -7.25 21.44 -44.46
C ASP F 55 -7.24 22.84 -45.07
N GLN F 56 -8.38 23.50 -44.92
CA GLN F 56 -8.58 24.87 -45.34
C GLN F 56 -7.67 25.89 -44.65
N LEU F 57 -7.37 25.68 -43.38
CA LEU F 57 -6.51 26.59 -42.61
C LEU F 57 -5.01 26.34 -42.88
N GLY F 58 -4.69 25.43 -43.78
CA GLY F 58 -3.31 25.23 -44.19
C GLY F 58 -2.63 24.03 -43.55
N ALA F 59 -3.32 23.32 -42.67
CA ALA F 59 -2.70 22.21 -41.95
C ALA F 59 -2.33 21.02 -42.84
N LYS F 60 -1.27 20.31 -42.48
CA LYS F 60 -1.01 18.99 -43.04
C LYS F 60 -1.78 17.97 -42.25
N LEU F 61 -2.51 17.09 -42.93
CA LEU F 61 -3.35 16.09 -42.25
C LEU F 61 -2.92 14.64 -42.49
N VAL F 62 -2.97 13.86 -41.42
CA VAL F 62 -2.67 12.44 -41.42
C VAL F 62 -3.92 11.72 -40.92
N PHE F 63 -4.34 10.65 -41.60
CA PHE F 63 -5.65 10.08 -41.31
C PHE F 63 -5.45 8.65 -40.89
N THR F 64 -6.07 8.27 -39.77
CA THR F 64 -6.18 6.87 -39.38
C THR F 64 -7.62 6.31 -39.55
N TYR F 65 -7.70 5.03 -39.91
CA TYR F 65 -8.97 4.32 -40.20
C TYR F 65 -8.83 2.87 -39.68
N ARG F 66 -9.98 2.21 -39.50
CA ARG F 66 -10.08 0.78 -39.18
C ARG F 66 -10.43 -0.12 -40.38
N LYS F 67 -11.61 0.06 -40.97
CA LYS F 67 -12.07 -0.82 -42.05
C LYS F 67 -11.39 -0.43 -43.37
N GLU F 68 -11.14 -1.43 -44.22
CA GLU F 68 -10.60 -1.19 -45.57
C GLU F 68 -11.48 -0.21 -46.33
N ARG F 69 -12.77 -0.27 -46.03
CA ARG F 69 -13.78 0.59 -46.64
C ARG F 69 -13.72 2.05 -46.17
N SER F 70 -13.17 2.30 -44.99
CA SER F 70 -12.94 3.68 -44.58
C SER F 70 -11.73 4.28 -45.34
N ARG F 71 -10.70 3.49 -45.58
CA ARG F 71 -9.56 3.89 -46.41
C ARG F 71 -9.99 4.30 -47.83
N LYS F 72 -10.90 3.52 -48.44
CA LYS F 72 -11.41 3.85 -49.77
C LYS F 72 -12.23 5.15 -49.78
N GLU F 73 -13.09 5.35 -48.79
CA GLU F 73 -13.85 6.60 -48.64
C GLU F 73 -12.90 7.79 -48.45
N LEU F 74 -11.90 7.61 -47.59
CA LEU F 74 -10.83 8.59 -47.43
C LEU F 74 -10.09 8.88 -48.74
N GLU F 75 -9.62 7.85 -49.46
CA GLU F 75 -8.96 8.10 -50.74
C GLU F 75 -9.82 8.99 -51.65
N LYS F 76 -11.14 8.77 -51.65
CA LYS F 76 -12.09 9.55 -52.45
C LYS F 76 -12.37 10.94 -51.90
N LEU F 77 -12.39 11.08 -50.57
CA LEU F 77 -12.69 12.38 -49.96
C LEU F 77 -11.47 13.28 -49.95
N LEU F 78 -10.27 12.72 -50.06
CA LEU F 78 -9.04 13.51 -50.18
C LEU F 78 -9.03 14.36 -51.44
N GLU F 79 -9.77 13.95 -52.47
CA GLU F 79 -9.85 14.73 -53.70
C GLU F 79 -10.44 16.13 -53.52
N GLN F 80 -11.29 16.33 -52.53
CA GLN F 80 -11.86 17.66 -52.33
C GLN F 80 -11.13 18.37 -51.17
N LEU F 81 -9.88 17.97 -50.96
CA LEU F 81 -9.02 18.57 -49.96
C LEU F 81 -7.80 19.15 -50.65
N ASN F 82 -7.18 20.14 -50.03
CA ASN F 82 -5.93 20.66 -50.54
C ASN F 82 -4.74 19.81 -50.13
N GLN F 83 -4.96 18.67 -49.48
CA GLN F 83 -3.85 17.78 -49.15
C GLN F 83 -3.19 17.31 -50.43
N PRO F 84 -1.91 17.63 -50.58
CA PRO F 84 -1.20 17.22 -51.78
C PRO F 84 -0.70 15.79 -51.69
N GLU F 85 -0.74 15.24 -50.49
CA GLU F 85 -0.31 13.86 -50.18
C GLU F 85 -1.34 13.18 -49.26
N ALA F 86 -1.67 11.94 -49.60
CA ALA F 86 -2.48 11.09 -48.75
C ALA F 86 -1.59 10.38 -47.71
N HIS F 87 -1.80 10.65 -46.42
CA HIS F 87 -1.12 9.85 -45.38
C HIS F 87 -2.16 9.09 -44.57
N LEU F 88 -2.39 7.85 -44.95
CA LEU F 88 -3.47 7.03 -44.42
C LEU F 88 -2.83 5.85 -43.70
N TYR F 89 -3.31 5.57 -42.49
CA TYR F 89 -2.76 4.51 -41.68
C TYR F 89 -3.88 3.72 -41.03
N GLN F 90 -3.83 2.42 -41.23
CA GLN F 90 -4.72 1.51 -40.54
C GLN F 90 -4.39 1.47 -39.04
N ILE F 91 -5.30 1.96 -38.20
CA ILE F 91 -5.19 1.76 -36.77
C ILE F 91 -6.53 1.39 -36.19
N ASP F 92 -6.67 0.11 -35.87
CA ASP F 92 -7.69 -0.35 -34.93
C ASP F 92 -7.25 -0.14 -33.47
N VAL F 93 -7.97 0.74 -32.76
CA VAL F 93 -7.56 1.14 -31.38
C VAL F 93 -7.82 0.08 -30.32
N GLN F 94 -8.38 -1.06 -30.73
CA GLN F 94 -8.37 -2.23 -29.86
C GLN F 94 -6.99 -2.90 -29.71
N SER F 95 -6.07 -2.59 -30.62
CA SER F 95 -4.78 -3.26 -30.62
C SER F 95 -3.64 -2.31 -30.27
N ASP F 96 -2.98 -2.60 -29.15
CA ASP F 96 -1.86 -1.81 -28.73
C ASP F 96 -0.78 -1.71 -29.82
N GLU F 97 -0.47 -2.85 -30.44
CA GLU F 97 0.52 -2.91 -31.52
C GLU F 97 0.15 -1.99 -32.66
N GLU F 98 -1.14 -1.88 -32.95
CA GLU F 98 -1.57 -1.02 -34.06
C GLU F 98 -1.37 0.48 -33.80
N VAL F 99 -1.80 0.91 -32.63
CA VAL F 99 -1.61 2.28 -32.18
C VAL F 99 -0.13 2.58 -32.01
N ILE F 100 0.62 1.70 -31.35
CA ILE F 100 2.06 1.89 -31.19
C ILE F 100 2.77 1.92 -32.54
N ASN F 101 2.60 0.91 -33.38
CA ASN F 101 3.34 0.90 -34.66
C ASN F 101 2.87 1.99 -35.60
N GLY F 102 1.60 2.34 -35.56
CA GLY F 102 1.05 3.30 -36.51
C GLY F 102 1.54 4.71 -36.25
N PHE F 103 1.58 5.08 -34.97
CA PHE F 103 2.19 6.37 -34.61
C PHE F 103 3.69 6.46 -34.83
N GLU F 104 4.39 5.34 -34.72
CA GLU F 104 5.83 5.32 -34.96
C GLU F 104 6.10 5.53 -36.45
N GLN F 105 5.25 4.92 -37.28
CA GLN F 105 5.41 5.06 -38.72
C GLN F 105 4.99 6.46 -39.19
N ILE F 106 4.00 7.05 -38.52
CA ILE F 106 3.57 8.42 -38.76
C ILE F 106 4.74 9.37 -38.48
N GLY F 107 5.37 9.19 -37.32
CA GLY F 107 6.52 10.01 -36.95
C GLY F 107 7.68 9.90 -37.92
N LYS F 108 7.92 8.67 -38.41
CA LYS F 108 8.94 8.42 -39.42
C LYS F 108 8.55 9.04 -40.77
N ASP F 109 7.28 8.96 -41.16
CA ASP F 109 6.83 9.50 -42.45
C ASP F 109 6.64 11.02 -42.50
N VAL F 110 6.09 11.63 -41.45
CA VAL F 110 5.85 13.08 -41.52
C VAL F 110 6.58 13.89 -40.45
N GLY F 111 7.40 13.23 -39.64
CA GLY F 111 8.07 13.95 -38.54
C GLY F 111 7.12 14.27 -37.39
N ASN F 112 7.53 15.18 -36.51
CA ASN F 112 6.73 15.59 -35.36
C ASN F 112 5.37 16.21 -35.70
N ILE F 113 4.38 15.95 -34.86
CA ILE F 113 3.03 16.41 -35.14
C ILE F 113 2.62 17.41 -34.10
N ASP F 114 1.57 18.15 -34.43
CA ASP F 114 1.11 19.20 -33.57
C ASP F 114 -0.09 18.83 -32.73
N GLY F 115 -0.81 17.76 -33.10
CA GLY F 115 -2.13 17.51 -32.53
C GLY F 115 -2.78 16.23 -33.03
N VAL F 116 -3.72 15.71 -32.24
CA VAL F 116 -4.57 14.56 -32.57
C VAL F 116 -6.05 14.91 -32.34
N TYR F 117 -6.83 14.69 -33.39
CA TYR F 117 -8.29 14.65 -33.31
C TYR F 117 -8.80 13.20 -33.24
N HIS F 118 -9.42 12.89 -32.10
CA HIS F 118 -9.97 11.59 -31.76
C HIS F 118 -11.46 11.61 -32.00
N SER F 119 -11.93 10.74 -32.91
CA SER F 119 -13.34 10.75 -33.29
C SER F 119 -13.83 9.30 -33.40
N ILE F 120 -13.62 8.56 -32.33
CA ILE F 120 -13.75 7.10 -32.33
C ILE F 120 -14.63 6.68 -31.14
N ALA F 121 -15.68 5.90 -31.45
CA ALA F 121 -16.48 5.20 -30.44
C ALA F 121 -17.15 3.97 -31.02
N PHE F 122 -17.58 3.04 -30.19
CA PHE F 122 -18.30 1.86 -30.62
C PHE F 122 -18.99 1.22 -29.42
N ALA F 123 -20.21 0.69 -29.63
CA ALA F 123 -20.90 -0.22 -28.72
C ALA F 123 -21.83 -1.14 -29.52
N ASN F 124 -22.05 -2.36 -29.02
CA ASN F 124 -23.01 -3.27 -29.64
C ASN F 124 -24.41 -2.67 -29.64
N MET F 125 -25.10 -2.79 -30.77
N MET F 125 -25.06 -2.74 -30.80
CA MET F 125 -26.39 -2.12 -30.98
CA MET F 125 -26.48 -2.45 -30.91
C MET F 125 -27.38 -2.34 -29.83
C MET F 125 -27.26 -3.25 -29.88
N GLU F 126 -27.75 -3.59 -29.59
N GLU F 126 -26.80 -4.48 -29.65
CA GLU F 126 -28.72 -3.86 -28.53
CA GLU F 126 -27.50 -5.44 -28.81
C GLU F 126 -28.67 -2.70 -27.56
C GLU F 126 -27.55 -4.91 -27.39
N ASP F 127 -27.46 -2.41 -27.09
N ASP F 127 -26.46 -4.30 -26.93
CA ASP F 127 -27.22 -1.42 -26.03
CA ASP F 127 -26.46 -3.55 -25.69
C ASP F 127 -27.36 0.02 -26.51
C ASP F 127 -27.14 -2.19 -25.79
N LEU F 128 -28.55 0.40 -26.97
N LEU F 128 -26.95 -1.48 -26.91
CA LEU F 128 -28.81 1.76 -27.48
CA LEU F 128 -27.58 -0.16 -27.10
C LEU F 128 -30.29 2.09 -27.75
C LEU F 128 -29.12 -0.17 -27.02
N ARG F 129 -31.15 1.29 -27.12
N ARG F 129 -29.75 -1.07 -27.76
CA ARG F 129 -32.53 1.64 -26.78
CA ARG F 129 -31.20 -1.17 -27.80
C ARG F 129 -33.12 0.49 -25.97
C ARG F 129 -31.79 -2.08 -26.73
N GLY F 130 -34.06 0.79 -25.09
N GLY F 130 -31.21 -2.08 -25.54
CA GLY F 130 -34.51 -0.18 -24.09
CA GLY F 130 -31.73 -2.88 -24.45
C GLY F 130 -33.76 -0.04 -22.76
C GLY F 130 -31.93 -1.88 -23.33
N ARG F 131 -33.07 -1.10 -22.35
N ARG F 131 -32.56 -2.30 -22.24
CA ARG F 131 -32.65 -1.23 -20.96
CA ARG F 131 -32.52 -1.48 -21.04
C ARG F 131 -31.14 -1.31 -20.78
C ARG F 131 -31.10 -1.46 -20.53
N PHE F 132 -30.62 -0.31 -20.06
CA PHE F 132 -29.22 -0.21 -19.67
C PHE F 132 -28.88 -1.26 -18.59
N SER F 133 -29.84 -1.56 -17.73
CA SER F 133 -29.59 -2.52 -16.66
C SER F 133 -29.36 -3.96 -17.20
N GLU F 134 -29.66 -4.18 -18.48
CA GLU F 134 -29.45 -5.48 -19.09
C GLU F 134 -28.15 -5.56 -19.89
N THR F 135 -27.36 -4.48 -19.90
CA THR F 135 -26.10 -4.45 -20.63
C THR F 135 -25.21 -5.65 -20.29
N SER F 136 -24.59 -6.25 -21.30
CA SER F 136 -23.68 -7.35 -21.05
C SER F 136 -22.35 -6.80 -20.52
N ARG F 137 -21.65 -7.59 -19.71
CA ARG F 137 -20.27 -7.34 -19.35
C ARG F 137 -19.38 -7.12 -20.57
N GLU F 138 -19.43 -8.01 -21.55
CA GLU F 138 -18.52 -7.89 -22.69
C GLU F 138 -18.90 -6.68 -23.53
N GLY F 139 -20.19 -6.34 -23.58
CA GLY F 139 -20.64 -5.12 -24.27
C GLY F 139 -20.18 -3.85 -23.59
N PHE F 140 -20.26 -3.82 -22.26
CA PHE F 140 -19.78 -2.69 -21.44
C PHE F 140 -18.31 -2.41 -21.57
N LEU F 141 -17.48 -3.45 -21.67
CA LEU F 141 -16.05 -3.30 -21.68
C LEU F 141 -15.55 -3.00 -23.08
N LEU F 142 -16.21 -3.58 -24.10
CA LEU F 142 -15.99 -3.20 -25.50
C LEU F 142 -16.17 -1.70 -25.70
N ALA F 143 -17.20 -1.12 -25.09
CA ALA F 143 -17.47 0.30 -25.28
C ALA F 143 -16.42 1.14 -24.54
N GLN F 144 -16.00 0.71 -23.36
CA GLN F 144 -14.99 1.42 -22.60
C GLN F 144 -13.63 1.38 -23.35
N ASP F 145 -13.32 0.21 -23.88
CA ASP F 145 -12.07 -0.05 -24.56
C ASP F 145 -11.96 0.86 -25.79
N ILE F 146 -12.88 0.76 -26.75
CA ILE F 146 -12.76 1.55 -27.97
C ILE F 146 -13.08 3.03 -27.72
N SER F 147 -14.07 3.33 -26.90
CA SER F 147 -14.59 4.70 -26.80
C SER F 147 -13.87 5.54 -25.73
N SER F 148 -13.19 4.90 -24.78
CA SER F 148 -12.42 5.68 -23.83
C SER F 148 -10.93 5.30 -23.75
N TYR F 149 -10.64 4.03 -23.54
CA TYR F 149 -9.24 3.65 -23.35
C TYR F 149 -8.44 4.07 -24.60
N SER F 150 -9.05 3.97 -25.77
CA SER F 150 -8.31 4.30 -27.01
C SER F 150 -7.63 5.64 -26.86
N LEU F 151 -8.20 6.54 -26.08
CA LEU F 151 -7.62 7.88 -25.98
C LEU F 151 -6.34 7.89 -25.14
N THR F 152 -6.39 7.17 -24.02
CA THR F 152 -5.26 7.07 -23.12
C THR F 152 -4.05 6.54 -23.90
N ILE F 153 -4.22 5.45 -24.64
CA ILE F 153 -3.04 4.90 -25.37
C ILE F 153 -2.60 5.74 -26.57
N VAL F 154 -3.55 6.29 -27.34
CA VAL F 154 -3.22 7.22 -28.40
C VAL F 154 -2.40 8.40 -27.80
N ALA F 155 -2.82 8.94 -26.67
CA ALA F 155 -2.13 10.09 -26.06
C ALA F 155 -0.69 9.73 -25.71
N HIS F 156 -0.52 8.55 -25.12
CA HIS F 156 0.80 8.05 -24.82
C HIS F 156 1.70 7.93 -26.05
N GLU F 157 1.13 7.42 -27.16
CA GLU F 157 1.98 7.16 -28.32
C GLU F 157 2.24 8.45 -29.07
N ALA F 158 1.22 9.29 -29.13
CA ALA F 158 1.42 10.56 -29.79
C ALA F 158 2.22 11.55 -28.96
N LYS F 159 2.28 11.45 -27.65
CA LYS F 159 3.22 12.29 -26.89
C LYS F 159 4.66 12.17 -27.44
N LYS F 160 5.01 11.04 -28.02
CA LYS F 160 6.37 10.82 -28.47
C LYS F 160 6.68 11.72 -29.66
N LEU F 161 5.65 12.19 -30.36
CA LEU F 161 5.84 13.02 -31.53
C LEU F 161 5.53 14.48 -31.22
N MET F 162 5.47 14.81 -29.94
CA MET F 162 5.09 16.16 -29.56
C MET F 162 6.05 16.66 -28.48
N PRO F 163 7.37 16.63 -28.78
CA PRO F 163 8.44 16.92 -27.83
C PRO F 163 8.32 18.33 -27.27
N GLU F 164 7.71 19.23 -28.04
CA GLU F 164 7.51 20.63 -27.65
C GLU F 164 6.12 20.98 -27.22
N GLY F 165 5.22 19.99 -27.27
CA GLY F 165 3.84 20.13 -26.81
C GLY F 165 2.89 20.01 -28.00
N GLY F 166 1.61 19.96 -27.72
CA GLY F 166 0.60 19.99 -28.75
C GLY F 166 -0.77 19.88 -28.12
N SER F 167 -1.72 19.40 -28.93
CA SER F 167 -3.10 19.46 -28.53
C SER F 167 -3.83 18.19 -28.96
N ILE F 168 -4.67 17.69 -28.05
CA ILE F 168 -5.41 16.45 -28.24
C ILE F 168 -6.86 16.64 -27.88
N VAL F 169 -7.71 16.38 -28.87
CA VAL F 169 -9.13 16.63 -28.74
C VAL F 169 -9.90 15.34 -29.01
N ALA F 170 -10.89 15.05 -28.15
CA ALA F 170 -11.79 13.92 -28.35
C ALA F 170 -13.25 14.36 -28.43
N THR F 171 -14.04 13.47 -29.00
CA THR F 171 -15.39 13.85 -29.30
C THR F 171 -16.31 13.18 -28.29
N THR F 172 -17.08 13.97 -27.58
CA THR F 172 -18.02 13.35 -26.65
C THR F 172 -19.41 13.80 -26.95
N TYR F 173 -20.32 13.45 -26.04
CA TYR F 173 -21.74 13.76 -26.17
C TYR F 173 -22.33 13.97 -24.77
N LEU F 174 -23.26 14.91 -24.68
CA LEU F 174 -23.98 15.29 -23.47
C LEU F 174 -24.41 14.10 -22.64
N GLY F 175 -24.64 12.96 -23.29
CA GLY F 175 -25.05 11.76 -22.57
C GLY F 175 -23.93 11.20 -21.70
N GLY F 176 -22.74 11.77 -21.72
CA GLY F 176 -21.72 11.40 -20.73
C GLY F 176 -21.89 12.18 -19.45
N GLU F 177 -22.63 13.28 -19.54
CA GLU F 177 -22.87 14.14 -18.38
C GLU F 177 -24.20 13.88 -17.72
N PHE F 178 -25.22 13.48 -18.50
CA PHE F 178 -26.57 13.20 -17.95
C PHE F 178 -27.06 11.89 -18.57
N ALA F 179 -28.06 11.28 -17.93
CA ALA F 179 -28.67 10.09 -18.47
C ALA F 179 -29.67 10.52 -19.56
N VAL F 180 -29.25 10.38 -20.82
CA VAL F 180 -30.09 10.60 -21.98
C VAL F 180 -30.76 9.29 -22.41
N GLN F 181 -32.07 9.20 -22.28
CA GLN F 181 -32.84 8.02 -22.73
C GLN F 181 -32.33 7.36 -24.02
N ASN F 182 -32.21 6.04 -24.05
CA ASN F 182 -31.69 5.28 -25.21
C ASN F 182 -30.18 5.31 -25.48
N TYR F 183 -29.43 6.14 -24.75
CA TYR F 183 -28.00 6.27 -25.02
C TYR F 183 -27.20 5.24 -24.24
N ASN F 184 -27.75 4.85 -23.09
CA ASN F 184 -27.40 3.62 -22.39
C ASN F 184 -25.90 3.39 -22.18
N VAL F 185 -25.36 2.28 -22.66
CA VAL F 185 -23.94 1.94 -22.44
C VAL F 185 -22.99 3.01 -23.00
N MET F 186 -23.34 3.69 -24.10
CA MET F 186 -22.45 4.74 -24.59
C MET F 186 -22.33 5.97 -23.65
N GLY F 187 -23.37 6.28 -22.90
CA GLY F 187 -23.29 7.35 -21.95
C GLY F 187 -22.20 7.07 -20.93
N VAL F 188 -22.22 5.86 -20.37
CA VAL F 188 -21.20 5.45 -19.42
C VAL F 188 -19.79 5.43 -20.07
N ALA F 189 -19.64 5.02 -21.33
CA ALA F 189 -18.34 5.18 -22.01
C ALA F 189 -17.91 6.63 -22.14
N LYS F 190 -18.85 7.51 -22.50
CA LYS F 190 -18.56 8.94 -22.63
C LYS F 190 -18.24 9.60 -21.29
N ALA F 191 -18.80 9.12 -20.18
CA ALA F 191 -18.50 9.73 -18.90
C ALA F 191 -17.06 9.38 -18.58
N SER F 192 -16.76 8.10 -18.84
CA SER F 192 -15.41 7.58 -18.74
C SER F 192 -14.46 8.44 -19.59
N LEU F 193 -14.82 8.73 -20.84
CA LEU F 193 -13.90 9.41 -21.76
C LEU F 193 -13.61 10.84 -21.28
N GLU F 194 -14.64 11.48 -20.72
CA GLU F 194 -14.51 12.83 -20.27
C GLU F 194 -13.60 12.88 -19.03
N ALA F 195 -13.66 11.87 -18.17
CA ALA F 195 -12.69 11.77 -17.06
C ALA F 195 -11.32 11.51 -17.64
N ASN F 196 -11.26 10.67 -18.66
CA ASN F 196 -9.97 10.37 -19.33
C ASN F 196 -9.26 11.66 -19.77
N VAL F 197 -9.98 12.52 -20.49
CA VAL F 197 -9.52 13.87 -20.84
C VAL F 197 -8.97 14.69 -19.66
N LYS F 198 -9.64 14.68 -18.51
CA LYS F 198 -9.21 15.50 -17.38
C LYS F 198 -7.92 14.91 -16.81
N TYR F 199 -7.87 13.59 -16.74
CA TYR F 199 -6.72 12.90 -16.14
C TYR F 199 -5.51 12.95 -17.14
N LEU F 200 -5.76 12.84 -18.44
CA LEU F 200 -4.65 13.07 -19.38
C LEU F 200 -4.16 14.52 -19.26
N ALA F 201 -5.07 15.48 -19.13
CA ALA F 201 -4.71 16.90 -19.10
C ALA F 201 -3.78 17.21 -17.92
N LEU F 202 -4.05 16.57 -16.80
CA LEU F 202 -3.27 16.79 -15.59
C LEU F 202 -1.91 16.15 -15.70
N ASP F 203 -1.87 14.91 -16.21
CA ASP F 203 -0.64 14.14 -16.43
C ASP F 203 0.22 14.79 -17.51
N LEU F 204 -0.40 15.18 -18.62
CA LEU F 204 0.37 15.63 -19.77
C LEU F 204 0.64 17.15 -19.78
N GLY F 205 -0.03 17.91 -18.92
CA GLY F 205 0.14 19.36 -18.88
C GLY F 205 1.59 19.80 -18.78
N PRO F 206 2.38 19.21 -17.82
CA PRO F 206 3.77 19.63 -17.61
C PRO F 206 4.66 19.45 -18.83
N ASP F 207 4.19 18.64 -19.79
CA ASP F 207 4.82 18.43 -21.09
C ASP F 207 4.24 19.40 -22.12
N ASN F 208 3.39 20.32 -21.67
CA ASN F 208 2.78 21.29 -22.57
C ASN F 208 1.90 20.64 -23.67
N ILE F 209 1.21 19.56 -23.29
CA ILE F 209 0.32 18.88 -24.21
C ILE F 209 -1.07 19.12 -23.62
N ARG F 210 -1.96 19.75 -24.40
CA ARG F 210 -3.27 20.10 -23.86
C ARG F 210 -4.25 19.02 -24.33
N VAL F 211 -5.26 18.73 -23.51
CA VAL F 211 -6.18 17.63 -23.79
C VAL F 211 -7.57 18.12 -23.43
N ASN F 212 -8.47 18.07 -24.41
CA ASN F 212 -9.80 18.63 -24.29
C ASN F 212 -10.79 17.78 -25.07
N ALA F 213 -12.06 18.05 -24.78
CA ALA F 213 -13.23 17.41 -25.37
C ALA F 213 -14.08 18.45 -26.13
N ILE F 214 -14.59 18.05 -27.29
CA ILE F 214 -15.77 18.72 -27.87
C ILE F 214 -17.02 17.86 -27.60
N SER F 215 -18.05 18.44 -27.00
CA SER F 215 -19.30 17.73 -26.79
C SER F 215 -20.25 18.06 -27.93
N ALA F 216 -20.35 17.19 -28.93
CA ALA F 216 -21.09 17.61 -30.11
C ALA F 216 -22.60 17.42 -29.89
N GLY F 217 -23.41 18.31 -30.44
CA GLY F 217 -24.82 18.01 -30.55
C GLY F 217 -25.05 16.86 -31.52
N PRO F 218 -26.30 16.36 -31.56
CA PRO F 218 -26.71 15.32 -32.54
C PRO F 218 -26.49 15.71 -34.01
N ILE F 219 -25.91 14.78 -34.77
CA ILE F 219 -25.55 14.97 -36.17
C ILE F 219 -25.76 13.65 -36.94
N ARG F 220 -26.61 13.68 -37.98
CA ARG F 220 -26.75 12.53 -38.89
C ARG F 220 -25.41 11.99 -39.39
N THR F 221 -24.92 10.93 -38.76
CA THR F 221 -23.76 10.20 -39.26
C THR F 221 -24.11 8.72 -39.34
N LEU F 222 -23.27 7.93 -40.01
CA LEU F 222 -23.40 6.47 -40.03
C LEU F 222 -23.62 5.83 -38.65
N SER F 223 -22.89 6.29 -37.63
CA SER F 223 -23.02 5.76 -36.28
C SER F 223 -24.31 6.17 -35.59
N ALA F 224 -24.83 7.35 -35.92
CA ALA F 224 -26.08 7.81 -35.30
C ALA F 224 -27.21 6.85 -35.60
N LYS F 225 -27.05 6.05 -36.65
CA LYS F 225 -28.06 5.07 -37.07
C LYS F 225 -28.25 3.91 -36.08
N GLY F 226 -27.48 3.87 -35.00
CA GLY F 226 -27.44 2.72 -34.10
C GLY F 226 -28.05 3.17 -32.78
N VAL F 227 -28.33 4.46 -32.65
CA VAL F 227 -28.92 4.97 -31.42
C VAL F 227 -30.43 5.06 -31.63
N GLY F 228 -31.21 4.46 -30.75
CA GLY F 228 -32.65 4.58 -30.86
C GLY F 228 -33.05 6.01 -30.56
N GLY F 229 -34.12 6.48 -31.20
CA GLY F 229 -34.72 7.78 -30.86
C GLY F 229 -33.89 9.01 -31.21
N PHE F 230 -32.86 8.84 -32.05
CA PHE F 230 -32.04 9.92 -32.59
C PHE F 230 -32.83 10.98 -33.39
N ASN F 231 -33.78 10.58 -34.22
CA ASN F 231 -34.57 11.59 -34.92
C ASN F 231 -35.39 12.43 -33.97
N THR F 232 -36.00 11.82 -32.95
CA THR F 232 -36.81 12.61 -32.03
C THR F 232 -36.00 13.62 -31.17
N ILE F 233 -34.69 13.37 -31.01
CA ILE F 233 -33.73 14.24 -30.31
C ILE F 233 -33.33 15.39 -31.20
N LEU F 234 -33.00 15.12 -32.47
CA LEU F 234 -32.92 16.16 -33.50
C LEU F 234 -34.07 17.18 -33.42
N LYS F 235 -35.29 16.67 -33.43
CA LYS F 235 -36.47 17.53 -33.35
C LYS F 235 -36.49 18.32 -32.04
N GLU F 236 -36.06 17.70 -30.96
CA GLU F 236 -36.21 18.36 -29.69
C GLU F 236 -35.20 19.51 -29.57
N ILE F 237 -34.03 19.36 -30.19
CA ILE F 237 -33.01 20.41 -30.23
C ILE F 237 -33.52 21.67 -30.90
N GLU F 238 -34.06 21.51 -32.10
CA GLU F 238 -34.65 22.57 -32.89
C GLU F 238 -35.74 23.28 -32.10
N GLU F 239 -36.63 22.51 -31.48
CA GLU F 239 -37.67 23.08 -30.64
C GLU F 239 -37.13 23.80 -29.39
N ARG F 240 -36.11 23.24 -28.71
CA ARG F 240 -35.70 23.70 -27.39
C ARG F 240 -34.35 24.40 -27.23
N ALA F 241 -33.28 23.98 -27.93
CA ALA F 241 -31.95 24.62 -27.80
C ALA F 241 -32.00 26.13 -28.00
N PRO F 242 -31.23 26.89 -27.21
CA PRO F 242 -31.15 28.32 -27.43
C PRO F 242 -31.19 28.74 -28.89
N LEU F 243 -30.41 28.10 -29.75
CA LEU F 243 -30.32 28.59 -31.11
C LEU F 243 -31.45 28.04 -31.97
N LYS F 244 -32.27 27.16 -31.40
CA LYS F 244 -33.39 26.56 -32.15
C LYS F 244 -32.95 25.97 -33.49
N ARG F 245 -31.79 25.34 -33.57
CA ARG F 245 -31.42 24.59 -34.77
C ARG F 245 -30.39 23.59 -34.35
N ASN F 246 -30.20 22.56 -35.16
CA ASN F 246 -29.12 21.61 -34.96
C ASN F 246 -27.78 22.13 -35.52
N VAL F 247 -26.67 21.46 -35.20
CA VAL F 247 -25.33 21.88 -35.61
C VAL F 247 -24.79 20.93 -36.65
N ASP F 248 -23.58 21.17 -37.12
CA ASP F 248 -23.06 20.25 -38.13
C ASP F 248 -21.59 19.97 -37.95
N GLN F 249 -21.04 19.18 -38.85
CA GLN F 249 -19.71 18.68 -38.69
C GLN F 249 -18.68 19.82 -38.80
N VAL F 250 -18.99 20.83 -39.60
CA VAL F 250 -18.07 21.96 -39.80
C VAL F 250 -17.98 22.79 -38.52
N GLU F 251 -19.11 22.97 -37.86
CA GLU F 251 -19.15 23.71 -36.61
C GLU F 251 -18.28 23.02 -35.55
N VAL F 252 -18.22 21.69 -35.58
CA VAL F 252 -17.33 20.95 -34.70
C VAL F 252 -15.87 21.18 -35.15
N GLY F 253 -15.63 21.03 -36.45
CA GLY F 253 -14.31 21.36 -37.00
C GLY F 253 -13.81 22.76 -36.64
N LYS F 254 -14.68 23.77 -36.69
CA LYS F 254 -14.28 25.12 -36.29
C LYS F 254 -13.88 25.20 -34.82
N THR F 255 -14.57 24.52 -33.91
CA THR F 255 -14.08 24.45 -32.54
C THR F 255 -12.81 23.57 -32.43
N ALA F 256 -12.79 22.43 -33.10
CA ALA F 256 -11.53 21.68 -33.19
C ALA F 256 -10.32 22.54 -33.63
N ALA F 257 -10.51 23.37 -34.65
CA ALA F 257 -9.50 24.31 -35.09
C ALA F 257 -9.00 25.16 -33.92
N TYR F 258 -9.94 25.67 -33.13
CA TYR F 258 -9.58 26.55 -32.04
C TYR F 258 -8.76 25.75 -31.03
N LEU F 259 -9.28 24.60 -30.62
CA LEU F 259 -8.64 23.83 -29.56
C LEU F 259 -7.29 23.26 -30.03
N LEU F 260 -7.15 22.98 -31.32
CA LEU F 260 -5.89 22.36 -31.82
C LEU F 260 -4.79 23.40 -32.00
N SER F 261 -5.23 24.65 -31.95
CA SER F 261 -4.36 25.75 -32.30
C SER F 261 -3.94 26.49 -31.04
N ASP F 262 -3.07 27.47 -31.23
CA ASP F 262 -2.63 28.31 -30.13
C ASP F 262 -3.69 29.33 -29.67
N LEU F 263 -4.79 29.45 -30.39
CA LEU F 263 -5.86 30.32 -29.91
C LEU F 263 -6.27 29.83 -28.55
N SER F 264 -6.15 28.54 -28.30
CA SER F 264 -6.64 27.99 -27.03
C SER F 264 -5.55 27.68 -25.98
N SER F 265 -4.52 28.52 -25.87
N SER F 265 -4.40 28.35 -26.06
CA SER F 265 -3.29 28.11 -25.18
CA SER F 265 -3.36 28.11 -25.07
C SER F 265 -3.43 27.87 -23.67
C SER F 265 -3.90 28.63 -23.75
N GLY F 266 -4.30 28.63 -23.01
N GLY F 266 -3.66 27.90 -22.68
CA GLY F 266 -4.54 28.44 -21.58
CA GLY F 266 -4.33 28.16 -21.40
C GLY F 266 -5.68 27.52 -21.21
C GLY F 266 -5.55 27.31 -21.11
N VAL F 267 -6.10 26.70 -22.16
CA VAL F 267 -7.29 25.84 -22.05
C VAL F 267 -6.93 24.34 -22.07
N THR F 268 -7.21 23.61 -21.00
CA THR F 268 -7.01 22.16 -20.99
C THR F 268 -7.93 21.54 -19.94
N GLY F 269 -8.33 20.29 -20.16
CA GLY F 269 -9.25 19.60 -19.28
C GLY F 269 -10.66 20.15 -19.47
N GLU F 270 -10.87 20.87 -20.58
CA GLU F 270 -12.14 21.50 -20.86
C GLU F 270 -13.00 20.62 -21.76
N ASN F 271 -14.32 20.83 -21.60
CA ASN F 271 -15.36 20.28 -22.48
C ASN F 271 -16.24 21.37 -23.14
N ILE F 272 -15.99 21.67 -24.41
CA ILE F 272 -16.72 22.72 -25.12
C ILE F 272 -17.93 22.10 -25.80
N HIS F 273 -19.12 22.63 -25.48
CA HIS F 273 -20.35 22.14 -26.07
C HIS F 273 -20.61 22.86 -27.39
N VAL F 274 -20.52 22.13 -28.48
CA VAL F 274 -20.98 22.62 -29.77
C VAL F 274 -22.38 22.02 -30.06
N ASP F 275 -23.41 22.64 -29.50
CA ASP F 275 -24.70 21.99 -29.48
C ASP F 275 -25.86 22.98 -29.45
N SER F 276 -25.65 24.17 -29.99
CA SER F 276 -26.69 25.17 -29.98
C SER F 276 -27.16 25.61 -28.59
N GLY F 277 -26.40 25.24 -27.57
CA GLY F 277 -26.65 25.68 -26.18
C GLY F 277 -27.49 24.73 -25.36
N PHE F 278 -27.79 23.57 -25.93
CA PHE F 278 -28.79 22.66 -25.37
C PHE F 278 -28.31 22.12 -24.03
N HIS F 279 -26.99 22.08 -23.85
CA HIS F 279 -26.43 21.64 -22.58
C HIS F 279 -26.82 22.60 -21.47
N ALA F 280 -27.14 23.83 -21.83
CA ALA F 280 -27.27 24.85 -20.81
C ALA F 280 -28.69 24.99 -20.30
N ILE F 281 -29.63 24.22 -20.86
CA ILE F 281 -31.05 24.36 -20.50
C ILE F 281 -31.65 23.08 -19.91
N LYS F 282 -32.75 23.21 -19.17
CA LYS F 282 -33.61 22.08 -18.77
C LYS F 282 -35.06 22.57 -18.84
N VAL G 28 -10.41 32.77 -38.12
CA VAL G 28 -10.46 34.00 -37.26
C VAL G 28 -9.73 35.23 -37.86
N ASN G 29 -10.23 35.74 -38.98
CA ASN G 29 -9.91 37.07 -39.50
C ASN G 29 -11.09 38.06 -39.41
N LEU G 30 -10.91 39.21 -38.77
CA LEU G 30 -12.05 39.99 -38.27
C LEU G 30 -12.19 41.41 -38.86
N GLU G 31 -11.76 41.63 -40.10
CA GLU G 31 -12.05 42.90 -40.78
C GLU G 31 -13.54 42.99 -41.11
N ASN G 32 -14.07 44.20 -41.07
CA ASN G 32 -15.50 44.39 -41.30
C ASN G 32 -16.29 44.04 -40.06
N LYS G 33 -15.60 43.55 -39.03
CA LYS G 33 -16.17 43.36 -37.69
C LYS G 33 -15.91 44.55 -36.77
N THR G 34 -16.82 44.72 -35.80
CA THR G 34 -16.79 45.79 -34.81
C THR G 34 -17.28 45.23 -33.48
N TYR G 35 -16.49 45.43 -32.43
CA TYR G 35 -16.75 44.93 -31.08
C TYR G 35 -16.66 46.07 -30.06
N VAL G 36 -17.67 46.21 -29.22
CA VAL G 36 -17.58 47.05 -28.04
C VAL G 36 -16.87 46.30 -26.90
N ILE G 37 -15.86 46.93 -26.29
CA ILE G 37 -15.06 46.30 -25.25
C ILE G 37 -15.21 47.15 -23.99
N MET G 38 -15.97 46.65 -23.02
CA MET G 38 -16.21 47.34 -21.76
C MET G 38 -15.27 46.92 -20.62
N GLY G 39 -14.58 47.90 -20.02
CA GLY G 39 -13.90 47.66 -18.76
C GLY G 39 -12.38 47.68 -18.82
N ILE G 40 -11.79 48.49 -19.71
CA ILE G 40 -10.35 48.76 -19.67
C ILE G 40 -10.07 49.89 -18.70
N ALA G 41 -9.17 49.64 -17.75
CA ALA G 41 -8.64 50.69 -16.85
C ALA G 41 -7.13 50.95 -17.02
N ASN G 42 -6.37 50.00 -17.57
CA ASN G 42 -4.95 50.23 -17.84
C ASN G 42 -4.32 49.09 -18.67
N LYS G 43 -3.00 49.13 -18.87
CA LYS G 43 -2.31 48.11 -19.67
C LYS G 43 -2.46 46.67 -19.16
N ARG G 44 -2.78 46.50 -17.87
CA ARG G 44 -2.95 45.17 -17.26
C ARG G 44 -4.38 44.64 -17.31
N SER G 45 -5.33 45.47 -17.72
CA SER G 45 -6.72 45.03 -17.70
C SER G 45 -6.85 43.79 -18.58
N ILE G 46 -7.72 42.87 -18.19
CA ILE G 46 -8.05 41.71 -19.04
C ILE G 46 -8.63 42.21 -20.35
N ALA G 47 -9.50 43.22 -20.26
CA ALA G 47 -10.05 43.78 -21.49
C ALA G 47 -9.00 44.29 -22.49
N PHE G 48 -7.84 44.75 -22.02
CA PHE G 48 -6.81 45.23 -22.96
C PHE G 48 -6.07 44.08 -23.66
N GLY G 49 -5.96 42.94 -22.97
CA GLY G 49 -5.64 41.69 -23.64
C GLY G 49 -6.58 41.41 -24.81
N VAL G 50 -7.88 41.50 -24.53
CA VAL G 50 -8.89 41.28 -25.54
C VAL G 50 -8.69 42.23 -26.73
N ALA G 51 -8.59 43.53 -26.42
CA ALA G 51 -8.29 44.55 -27.42
C ALA G 51 -7.08 44.19 -28.32
N LYS G 52 -5.92 43.93 -27.72
CA LYS G 52 -4.68 43.71 -28.50
C LYS G 52 -4.91 42.63 -29.51
N VAL G 53 -5.70 41.63 -29.11
CA VAL G 53 -5.92 40.45 -29.95
C VAL G 53 -6.87 40.77 -31.12
N LEU G 54 -8.03 41.36 -30.81
CA LEU G 54 -9.03 41.70 -31.83
C LEU G 54 -8.48 42.76 -32.77
N ASP G 55 -7.71 43.71 -32.23
CA ASP G 55 -7.13 44.79 -33.01
C ASP G 55 -6.11 44.26 -33.99
N GLN G 56 -5.38 43.26 -33.54
CA GLN G 56 -4.44 42.50 -34.35
C GLN G 56 -5.13 41.64 -35.41
N LEU G 57 -6.41 41.32 -35.22
CA LEU G 57 -7.08 40.46 -36.20
C LEU G 57 -7.95 41.29 -37.12
N GLY G 58 -7.91 42.61 -36.94
CA GLY G 58 -8.44 43.52 -37.95
C GLY G 58 -9.76 44.11 -37.51
N ALA G 59 -10.18 43.81 -36.28
CA ALA G 59 -11.46 44.31 -35.79
C ALA G 59 -11.40 45.81 -35.59
N LYS G 60 -12.51 46.47 -35.91
CA LYS G 60 -12.71 47.84 -35.48
C LYS G 60 -13.28 47.72 -34.09
N LEU G 61 -12.80 48.56 -33.18
CA LEU G 61 -13.05 48.42 -31.74
C LEU G 61 -13.60 49.71 -31.17
N VAL G 62 -14.49 49.60 -30.19
CA VAL G 62 -15.16 50.72 -29.53
C VAL G 62 -14.96 50.43 -28.05
N PHE G 63 -14.73 51.46 -27.23
CA PHE G 63 -14.23 51.23 -25.87
C PHE G 63 -15.09 51.99 -24.90
N THR G 64 -15.59 51.32 -23.87
CA THR G 64 -16.34 52.01 -22.83
C THR G 64 -15.64 51.98 -21.46
N TYR G 65 -15.88 53.01 -20.66
CA TYR G 65 -15.09 53.20 -19.45
C TYR G 65 -15.96 53.93 -18.41
N ARG G 66 -15.56 53.89 -17.14
CA ARG G 66 -16.31 54.65 -16.14
C ARG G 66 -15.63 55.95 -15.70
N LYS G 67 -14.39 55.87 -15.22
CA LYS G 67 -13.65 56.97 -14.62
C LYS G 67 -12.85 57.76 -15.65
N GLU G 68 -12.75 59.08 -15.56
CA GLU G 68 -12.04 59.82 -16.60
CA GLU G 68 -12.03 59.83 -16.59
C GLU G 68 -10.60 59.30 -16.65
N ARG G 69 -10.09 58.89 -15.50
CA ARG G 69 -8.76 58.34 -15.39
C ARG G 69 -8.57 57.20 -16.40
N SER G 70 -9.56 56.33 -16.52
CA SER G 70 -9.43 55.18 -17.42
C SER G 70 -9.51 55.64 -18.89
N ARG G 71 -10.28 56.69 -19.15
CA ARG G 71 -10.35 57.17 -20.52
C ARG G 71 -8.98 57.71 -20.90
N LYS G 72 -8.35 58.42 -19.98
CA LYS G 72 -7.03 58.98 -20.26
C LYS G 72 -6.04 57.84 -20.51
N GLU G 73 -6.21 56.77 -19.75
CA GLU G 73 -5.41 55.60 -19.97
C GLU G 73 -5.71 54.98 -21.33
N LEU G 74 -6.98 54.99 -21.72
CA LEU G 74 -7.38 54.47 -23.03
C LEU G 74 -6.72 55.25 -24.18
N GLU G 75 -6.72 56.59 -24.09
CA GLU G 75 -6.11 57.41 -25.13
C GLU G 75 -4.65 57.05 -25.34
N LYS G 76 -3.91 56.88 -24.25
CA LYS G 76 -2.55 56.38 -24.27
C LYS G 76 -2.39 54.97 -24.89
N LEU G 77 -3.17 54.00 -24.43
CA LEU G 77 -3.02 52.64 -24.97
C LEU G 77 -3.43 52.52 -26.44
N LEU G 78 -4.31 53.39 -26.89
CA LEU G 78 -4.70 53.39 -28.29
C LEU G 78 -3.53 53.55 -29.27
N GLU G 79 -2.48 54.26 -28.87
CA GLU G 79 -1.29 54.42 -29.69
C GLU G 79 -0.55 53.12 -29.97
N GLN G 80 -0.70 52.15 -29.07
CA GLN G 80 -0.21 50.79 -29.28
C GLN G 80 -1.09 49.99 -30.24
N LEU G 81 -2.33 50.42 -30.43
CA LEU G 81 -3.24 49.69 -31.31
C LEU G 81 -3.18 50.18 -32.77
N ASN G 82 -3.83 49.43 -33.66
CA ASN G 82 -3.95 49.80 -35.07
C ASN G 82 -5.15 50.67 -35.35
N GLN G 83 -5.96 50.96 -34.35
CA GLN G 83 -7.23 51.63 -34.56
C GLN G 83 -7.02 53.01 -35.17
N PRO G 84 -7.57 53.24 -36.36
CA PRO G 84 -7.33 54.51 -37.02
C PRO G 84 -7.95 55.67 -36.22
N GLU G 85 -9.10 55.42 -35.60
CA GLU G 85 -9.74 56.42 -34.77
C GLU G 85 -10.10 55.88 -33.41
N ALA G 86 -10.24 56.80 -32.47
CA ALA G 86 -10.57 56.47 -31.10
C ALA G 86 -12.08 56.57 -31.00
N HIS G 87 -12.71 55.49 -30.59
CA HIS G 87 -14.13 55.53 -30.29
C HIS G 87 -14.31 55.26 -28.78
N LEU G 88 -14.42 56.30 -27.95
CA LEU G 88 -14.47 56.11 -26.49
C LEU G 88 -15.76 56.63 -25.85
N TYR G 89 -16.41 55.86 -24.99
CA TYR G 89 -17.69 56.26 -24.44
C TYR G 89 -17.67 56.05 -22.94
N GLN G 90 -18.17 57.01 -22.18
CA GLN G 90 -18.29 56.85 -20.75
C GLN G 90 -19.59 56.10 -20.47
N ILE G 91 -19.51 54.88 -19.95
CA ILE G 91 -20.69 54.16 -19.49
C ILE G 91 -20.43 53.60 -18.11
N ASP G 92 -21.10 54.16 -17.11
CA ASP G 92 -21.20 53.54 -15.80
C ASP G 92 -22.43 52.66 -15.83
N VAL G 93 -22.23 51.36 -15.67
CA VAL G 93 -23.31 50.36 -15.79
C VAL G 93 -24.30 50.38 -14.60
N GLN G 94 -24.05 51.25 -13.63
CA GLN G 94 -25.08 51.44 -12.60
C GLN G 94 -26.26 52.28 -13.08
N SER G 95 -26.10 52.93 -14.22
CA SER G 95 -27.13 53.85 -14.72
C SER G 95 -27.75 53.32 -16.01
N ASP G 96 -29.04 53.03 -16.00
CA ASP G 96 -29.76 52.72 -17.23
C ASP G 96 -29.54 53.71 -18.37
N GLU G 97 -29.72 54.99 -18.07
CA GLU G 97 -29.43 56.07 -19.04
C GLU G 97 -28.09 55.97 -19.74
N GLU G 98 -27.02 55.77 -18.98
CA GLU G 98 -25.70 55.82 -19.56
C GLU G 98 -25.47 54.59 -20.44
N VAL G 99 -26.03 53.45 -20.05
CA VAL G 99 -25.97 52.25 -20.89
C VAL G 99 -26.87 52.41 -22.12
N ILE G 100 -28.05 52.96 -21.92
CA ILE G 100 -28.95 53.15 -23.06
C ILE G 100 -28.40 54.15 -24.10
N ASN G 101 -28.10 55.36 -23.63
CA ASN G 101 -27.56 56.44 -24.45
C ASN G 101 -26.16 56.13 -24.95
N GLY G 102 -25.34 55.46 -24.15
CA GLY G 102 -24.05 54.95 -24.62
C GLY G 102 -24.16 54.12 -25.90
N PHE G 103 -24.95 53.04 -25.83
CA PHE G 103 -25.12 52.15 -26.98
C PHE G 103 -25.82 52.81 -28.16
N GLU G 104 -26.86 53.58 -27.89
CA GLU G 104 -27.50 54.31 -28.99
C GLU G 104 -26.47 55.21 -29.67
N GLN G 105 -25.70 55.92 -28.85
CA GLN G 105 -24.68 56.82 -29.36
C GLN G 105 -23.66 56.05 -30.19
N ILE G 106 -23.16 54.92 -29.66
CA ILE G 106 -22.33 53.95 -30.38
C ILE G 106 -22.90 53.55 -31.74
N GLY G 107 -24.19 53.23 -31.75
CA GLY G 107 -24.81 52.73 -32.98
C GLY G 107 -24.82 53.84 -34.01
N LYS G 108 -24.88 55.09 -33.57
CA LYS G 108 -24.92 56.20 -34.50
C LYS G 108 -23.54 56.56 -35.02
N ASP G 109 -22.50 56.27 -34.25
CA ASP G 109 -21.13 56.57 -34.68
C ASP G 109 -20.54 55.53 -35.61
N VAL G 110 -20.72 54.25 -35.32
CA VAL G 110 -20.00 53.21 -36.05
C VAL G 110 -20.97 52.22 -36.70
N GLY G 111 -22.28 52.42 -36.48
CA GLY G 111 -23.23 51.48 -37.04
C GLY G 111 -23.47 50.20 -36.23
N ASN G 112 -23.96 49.18 -36.94
CA ASN G 112 -24.23 47.86 -36.37
C ASN G 112 -22.96 47.20 -35.80
N ILE G 113 -23.08 46.50 -34.69
CA ILE G 113 -21.89 45.92 -34.08
C ILE G 113 -21.97 44.41 -34.19
N ASP G 114 -20.84 43.76 -33.91
CA ASP G 114 -20.81 42.30 -33.98
C ASP G 114 -20.80 41.62 -32.61
N GLY G 115 -20.51 42.35 -31.54
CA GLY G 115 -20.41 41.71 -30.25
C GLY G 115 -19.93 42.67 -29.17
N VAL G 116 -20.01 42.22 -27.93
CA VAL G 116 -19.59 42.97 -26.76
C VAL G 116 -18.68 42.07 -25.92
N TYR G 117 -17.54 42.60 -25.48
CA TYR G 117 -16.79 41.91 -24.45
C TYR G 117 -17.01 42.61 -23.11
N HIS G 118 -17.69 41.94 -22.17
CA HIS G 118 -18.05 42.56 -20.91
C HIS G 118 -16.98 42.20 -19.88
N SER G 119 -16.21 43.18 -19.41
CA SER G 119 -15.08 42.89 -18.49
C SER G 119 -15.21 43.77 -17.24
N ILE G 120 -16.38 43.67 -16.59
CA ILE G 120 -16.73 44.63 -15.55
C ILE G 120 -17.21 43.91 -14.31
N ALA G 121 -16.64 44.30 -13.17
CA ALA G 121 -17.14 43.86 -11.86
C ALA G 121 -16.79 44.88 -10.79
N PHE G 122 -17.45 44.87 -9.65
CA PHE G 122 -17.04 45.65 -8.50
C PHE G 122 -17.63 45.07 -7.20
N ALA G 123 -16.90 45.16 -6.09
CA ALA G 123 -17.49 45.00 -4.75
C ALA G 123 -16.64 45.77 -3.75
N ASN G 124 -17.25 46.35 -2.73
CA ASN G 124 -16.49 47.01 -1.66
C ASN G 124 -15.43 46.06 -1.05
N MET G 125 -14.22 46.59 -0.80
N MET G 125 -14.20 46.55 -0.96
CA MET G 125 -13.04 45.76 -0.51
CA MET G 125 -13.15 45.95 -0.14
C MET G 125 -13.11 44.93 0.76
C MET G 125 -13.68 45.58 1.23
N GLU G 126 -13.64 45.48 1.85
N GLU G 126 -14.46 46.51 1.76
CA GLU G 126 -13.64 44.74 3.11
CA GLU G 126 -15.24 46.40 3.00
C GLU G 126 -14.58 43.54 3.04
C GLU G 126 -16.04 45.11 3.16
N ASP G 127 -14.79 43.08 1.81
N ASP G 127 -16.67 44.69 2.08
CA ASP G 127 -15.57 41.88 1.54
CA ASP G 127 -17.37 43.40 2.08
C ASP G 127 -14.78 41.06 0.53
C ASP G 127 -16.39 42.25 1.79
N LEU G 128 -13.53 40.73 0.84
N LEU G 128 -15.42 42.50 0.92
CA LEU G 128 -12.67 40.00 -0.09
CA LEU G 128 -14.45 41.49 0.51
C LEU G 128 -11.47 39.39 0.64
C LEU G 128 -13.50 41.01 1.62
N ARG G 129 -11.67 39.17 1.93
N ARG G 129 -12.83 41.92 2.31
CA ARG G 129 -10.80 38.44 2.86
CA ARG G 129 -11.97 41.55 3.43
C ARG G 129 -11.46 38.65 4.22
C ARG G 129 -12.79 41.61 4.70
N GLY G 130 -11.47 37.63 5.06
N GLY G 130 -13.73 40.70 4.84
CA GLY G 130 -12.31 37.66 6.25
CA GLY G 130 -14.45 40.42 6.08
C GLY G 130 -13.55 36.77 6.17
C GLY G 130 -14.99 39.01 5.88
N ARG G 131 -14.73 37.37 6.23
N ARG G 131 -15.66 38.43 6.88
CA ARG G 131 -15.95 36.60 6.54
CA ARG G 131 -16.30 37.11 6.71
C ARG G 131 -17.22 36.98 5.77
C ARG G 131 -17.41 37.14 5.65
N PHE G 132 -17.58 36.10 4.84
CA PHE G 132 -18.72 36.19 3.94
C PHE G 132 -20.08 36.37 4.65
N SER G 133 -20.26 35.68 5.77
CA SER G 133 -21.55 35.79 6.48
C SER G 133 -21.79 37.22 7.03
N GLU G 134 -20.77 38.08 6.97
CA GLU G 134 -20.86 39.46 7.51
C GLU G 134 -21.15 40.51 6.42
N THR G 135 -21.20 40.06 5.17
CA THR G 135 -21.55 40.87 4.02
C THR G 135 -22.78 41.71 4.27
N SER G 136 -22.63 43.00 4.00
CA SER G 136 -23.74 43.95 4.01
C SER G 136 -24.72 43.76 2.82
N ARG G 137 -26.00 44.01 3.07
CA ARG G 137 -27.01 44.03 2.01
C ARG G 137 -26.53 44.93 0.85
N GLU G 138 -26.26 46.19 1.20
CA GLU G 138 -25.90 47.24 0.25
C GLU G 138 -24.71 46.76 -0.57
N GLY G 139 -23.74 46.14 0.10
CA GLY G 139 -22.54 45.62 -0.57
C GLY G 139 -22.84 44.44 -1.48
N PHE G 140 -23.60 43.48 -0.97
CA PHE G 140 -24.09 42.35 -1.77
C PHE G 140 -24.86 42.77 -3.01
N LEU G 141 -25.78 43.72 -2.85
CA LEU G 141 -26.60 44.19 -3.97
C LEU G 141 -25.82 45.03 -5.00
N LEU G 142 -24.86 45.83 -4.52
CA LEU G 142 -23.84 46.52 -5.32
C LEU G 142 -23.03 45.59 -6.21
N ALA G 143 -22.54 44.48 -5.64
CA ALA G 143 -21.79 43.49 -6.39
C ALA G 143 -22.65 42.88 -7.51
N GLN G 144 -23.87 42.46 -7.16
CA GLN G 144 -24.85 41.98 -8.14
C GLN G 144 -25.17 43.00 -9.25
N ASP G 145 -25.41 44.25 -8.85
CA ASP G 145 -25.70 45.33 -9.78
C ASP G 145 -24.60 45.51 -10.84
N ILE G 146 -23.35 45.74 -10.42
CA ILE G 146 -22.28 46.09 -11.34
C ILE G 146 -21.74 44.86 -12.07
N SER G 147 -21.68 43.73 -11.36
CA SER G 147 -20.98 42.52 -11.79
C SER G 147 -21.85 41.50 -12.53
N SER G 148 -23.16 41.64 -12.39
CA SER G 148 -24.09 40.70 -13.03
C SER G 148 -25.20 41.41 -13.79
N TYR G 149 -26.02 42.21 -13.11
CA TYR G 149 -27.11 42.86 -13.82
C TYR G 149 -26.66 43.68 -15.02
N SER G 150 -25.52 44.35 -14.90
CA SER G 150 -25.00 45.12 -16.02
C SER G 150 -24.95 44.29 -17.31
N LEU G 151 -24.72 42.99 -17.21
CA LEU G 151 -24.76 42.14 -18.43
C LEU G 151 -26.14 42.11 -19.08
N THR G 152 -27.17 42.03 -18.26
CA THR G 152 -28.54 41.94 -18.74
C THR G 152 -28.97 43.16 -19.54
N ILE G 153 -28.57 44.34 -19.06
CA ILE G 153 -28.99 45.57 -19.72
C ILE G 153 -28.07 45.91 -20.91
N VAL G 154 -26.79 45.60 -20.79
CA VAL G 154 -25.91 45.76 -21.93
C VAL G 154 -26.43 44.90 -23.09
N ALA G 155 -26.80 43.66 -22.78
CA ALA G 155 -27.26 42.76 -23.82
C ALA G 155 -28.55 43.31 -24.42
N HIS G 156 -29.43 43.84 -23.58
CA HIS G 156 -30.70 44.33 -24.08
C HIS G 156 -30.44 45.48 -25.04
N GLU G 157 -29.57 46.39 -24.65
CA GLU G 157 -29.28 47.57 -25.46
C GLU G 157 -28.38 47.21 -26.64
N ALA G 158 -27.42 46.31 -26.45
CA ALA G 158 -26.54 46.00 -27.56
C ALA G 158 -27.24 45.19 -28.66
N LYS G 159 -28.26 44.40 -28.30
CA LYS G 159 -29.10 43.70 -29.28
C LYS G 159 -29.57 44.64 -30.41
N LYS G 160 -29.91 45.88 -30.05
CA LYS G 160 -30.45 46.87 -30.99
C LYS G 160 -29.50 47.20 -32.14
N LEU G 161 -28.22 46.88 -31.96
CA LEU G 161 -27.17 47.11 -32.95
C LEU G 161 -26.74 45.80 -33.53
N MET G 162 -27.51 44.75 -33.28
CA MET G 162 -27.20 43.43 -33.81
C MET G 162 -28.40 42.77 -34.49
N PRO G 163 -29.04 43.47 -35.46
CA PRO G 163 -30.29 42.96 -36.05
C PRO G 163 -30.08 41.60 -36.73
N GLU G 164 -28.82 41.30 -36.98
CA GLU G 164 -28.39 40.17 -37.79
C GLU G 164 -27.78 39.03 -36.99
N GLY G 165 -27.64 39.21 -35.69
CA GLY G 165 -26.89 38.27 -34.87
C GLY G 165 -25.59 38.84 -34.33
N GLY G 166 -25.06 38.22 -33.27
CA GLY G 166 -23.69 38.43 -32.80
C GLY G 166 -23.32 37.63 -31.58
N SER G 167 -22.38 38.16 -30.78
CA SER G 167 -21.75 37.39 -29.71
C SER G 167 -21.47 38.26 -28.47
N ILE G 168 -21.99 37.89 -27.30
CA ILE G 168 -21.67 38.61 -26.09
C ILE G 168 -20.81 37.72 -25.19
N VAL G 169 -19.66 38.23 -24.75
CA VAL G 169 -18.79 37.45 -23.88
C VAL G 169 -18.60 38.20 -22.57
N ALA G 170 -18.83 37.54 -21.45
CA ALA G 170 -18.56 38.12 -20.13
C ALA G 170 -17.38 37.42 -19.42
N THR G 171 -16.81 38.08 -18.42
CA THR G 171 -15.63 37.52 -17.79
C THR G 171 -15.97 37.04 -16.38
N THR G 172 -15.67 35.78 -16.07
CA THR G 172 -16.00 35.27 -14.75
C THR G 172 -14.77 34.62 -14.11
N TYR G 173 -14.97 34.11 -12.90
CA TYR G 173 -13.88 33.48 -12.15
C TYR G 173 -14.45 32.21 -11.53
N LEU G 174 -13.58 31.20 -11.44
CA LEU G 174 -13.88 29.92 -10.79
C LEU G 174 -14.65 30.00 -9.45
N GLY G 175 -14.47 31.10 -8.72
CA GLY G 175 -15.19 31.33 -7.49
C GLY G 175 -16.70 31.50 -7.64
N GLY G 176 -17.16 31.63 -8.88
CA GLY G 176 -18.56 31.52 -9.27
C GLY G 176 -19.09 30.10 -9.19
N GLU G 177 -18.21 29.09 -9.23
CA GLU G 177 -18.67 27.70 -9.28
C GLU G 177 -18.46 26.97 -7.96
N PHE G 178 -17.45 27.43 -7.21
CA PHE G 178 -16.99 26.84 -5.97
C PHE G 178 -16.66 27.97 -5.01
N ALA G 179 -16.87 27.72 -3.71
CA ALA G 179 -16.54 28.68 -2.67
C ALA G 179 -15.03 28.70 -2.65
N VAL G 180 -14.43 29.81 -3.07
CA VAL G 180 -12.99 30.00 -3.00
C VAL G 180 -12.76 30.99 -1.89
N GLN G 181 -11.93 30.60 -0.93
CA GLN G 181 -11.63 31.40 0.28
C GLN G 181 -11.19 32.85 -0.06
N ASN G 182 -11.83 33.84 0.57
CA ASN G 182 -11.58 35.28 0.35
C ASN G 182 -12.31 35.93 -0.83
N TYR G 183 -12.85 35.15 -1.74
CA TYR G 183 -13.60 35.73 -2.85
C TYR G 183 -15.00 36.15 -2.43
N ASN G 184 -15.53 35.49 -1.40
CA ASN G 184 -16.70 35.97 -0.64
C ASN G 184 -17.83 36.52 -1.49
N VAL G 185 -18.21 37.78 -1.33
CA VAL G 185 -19.35 38.33 -2.05
C VAL G 185 -19.18 38.30 -3.59
N MET G 186 -17.95 38.36 -4.08
CA MET G 186 -17.79 38.34 -5.54
C MET G 186 -18.15 36.96 -6.12
N GLY G 187 -17.88 35.89 -5.38
CA GLY G 187 -18.31 34.55 -5.81
C GLY G 187 -19.80 34.40 -6.06
N VAL G 188 -20.60 34.99 -5.18
CA VAL G 188 -22.05 34.97 -5.36
C VAL G 188 -22.42 35.84 -6.57
N ALA G 189 -21.74 36.96 -6.71
CA ALA G 189 -21.94 37.77 -7.89
C ALA G 189 -21.52 37.05 -9.20
N LYS G 190 -20.43 36.28 -9.17
CA LYS G 190 -20.04 35.53 -10.37
C LYS G 190 -21.00 34.38 -10.69
N ALA G 191 -21.60 33.76 -9.65
CA ALA G 191 -22.59 32.72 -9.90
C ALA G 191 -23.82 33.27 -10.63
N SER G 192 -24.29 34.42 -10.15
CA SER G 192 -25.28 35.26 -10.81
C SER G 192 -24.93 35.55 -12.26
N LEU G 193 -23.72 36.07 -12.49
CA LEU G 193 -23.24 36.32 -13.84
C LEU G 193 -23.28 35.07 -14.72
N GLU G 194 -22.81 33.96 -14.19
CA GLU G 194 -22.72 32.76 -14.99
C GLU G 194 -24.12 32.27 -15.37
N ALA G 195 -25.09 32.39 -14.46
CA ALA G 195 -26.49 32.08 -14.73
C ALA G 195 -27.08 33.11 -15.69
N ASN G 196 -26.71 34.37 -15.49
CA ASN G 196 -27.14 35.45 -16.37
C ASN G 196 -26.73 35.12 -17.80
N VAL G 197 -25.52 34.62 -17.99
CA VAL G 197 -25.10 34.16 -19.31
C VAL G 197 -26.04 33.07 -19.90
N LYS G 198 -26.54 32.20 -19.02
CA LYS G 198 -27.28 31.03 -19.47
C LYS G 198 -28.68 31.45 -19.89
N TYR G 199 -29.30 32.29 -19.07
CA TYR G 199 -30.63 32.84 -19.31
C TYR G 199 -30.67 33.78 -20.51
N LEU G 200 -29.62 34.59 -20.70
CA LEU G 200 -29.49 35.44 -21.88
C LEU G 200 -29.32 34.62 -23.15
N ALA G 201 -28.49 33.58 -23.09
CA ALA G 201 -28.31 32.63 -24.19
C ALA G 201 -29.62 32.02 -24.71
N LEU G 202 -30.47 31.58 -23.76
CA LEU G 202 -31.77 30.97 -24.08
C LEU G 202 -32.67 32.00 -24.75
N ASP G 203 -32.64 33.22 -24.21
CA ASP G 203 -33.58 34.30 -24.54
C ASP G 203 -33.23 34.89 -25.89
N LEU G 204 -31.93 35.04 -26.16
CA LEU G 204 -31.49 35.77 -27.34
C LEU G 204 -31.00 34.81 -28.41
N GLY G 205 -30.82 33.54 -28.07
CA GLY G 205 -30.63 32.49 -29.07
C GLY G 205 -31.43 32.61 -30.38
N PRO G 206 -32.75 32.76 -30.28
CA PRO G 206 -33.48 32.75 -31.56
C PRO G 206 -33.30 34.03 -32.37
N ASP G 207 -32.66 35.03 -31.77
CA ASP G 207 -32.22 36.21 -32.50
C ASP G 207 -30.79 36.03 -32.97
N ASN G 208 -30.29 34.79 -32.89
CA ASN G 208 -28.92 34.51 -33.31
C ASN G 208 -27.83 35.29 -32.55
N ILE G 209 -28.12 35.70 -31.32
CA ILE G 209 -27.08 36.27 -30.47
C ILE G 209 -26.60 35.20 -29.51
N ARG G 210 -25.30 34.90 -29.58
CA ARG G 210 -24.70 33.92 -28.68
C ARG G 210 -24.14 34.63 -27.45
N VAL G 211 -24.27 34.01 -26.28
CA VAL G 211 -23.81 34.62 -25.04
C VAL G 211 -23.01 33.55 -24.32
N ASN G 212 -21.80 33.89 -23.87
CA ASN G 212 -20.84 32.92 -23.35
C ASN G 212 -19.97 33.63 -22.31
N ALA G 213 -19.19 32.84 -21.57
CA ALA G 213 -18.31 33.41 -20.56
C ALA G 213 -16.90 32.83 -20.68
N ILE G 214 -15.90 33.65 -20.37
CA ILE G 214 -14.57 33.12 -20.11
C ILE G 214 -14.33 33.13 -18.61
N SER G 215 -13.96 31.96 -18.08
CA SER G 215 -13.57 31.83 -16.68
C SER G 215 -12.08 31.93 -16.63
N ALA G 216 -11.59 33.15 -16.39
CA ALA G 216 -10.16 33.40 -16.43
C ALA G 216 -9.47 33.00 -15.13
N GLY G 217 -8.25 32.48 -15.28
CA GLY G 217 -7.32 32.23 -14.16
C GLY G 217 -6.95 33.52 -13.47
N PRO G 218 -6.36 33.48 -12.28
CA PRO G 218 -5.88 34.75 -11.66
C PRO G 218 -4.78 35.47 -12.47
N ILE G 219 -4.94 36.78 -12.64
CA ILE G 219 -4.09 37.66 -13.42
C ILE G 219 -3.82 38.95 -12.64
N ARG G 220 -2.59 39.45 -12.61
CA ARG G 220 -2.28 40.63 -11.82
C ARG G 220 -2.86 41.84 -12.52
N THR G 221 -3.96 42.34 -11.96
CA THR G 221 -4.62 43.55 -12.45
C THR G 221 -4.90 44.52 -11.30
N LEU G 222 -5.36 45.73 -11.61
CA LEU G 222 -5.70 46.69 -10.56
C LEU G 222 -6.72 46.10 -9.57
N SER G 223 -7.82 45.60 -10.10
CA SER G 223 -8.86 44.96 -9.29
C SER G 223 -8.39 43.78 -8.44
N ALA G 224 -7.49 42.97 -8.99
CA ALA G 224 -6.85 41.89 -8.24
C ALA G 224 -6.26 42.31 -6.90
N LYS G 225 -5.88 43.57 -6.76
CA LYS G 225 -5.38 44.11 -5.50
C LYS G 225 -6.48 44.21 -4.44
N GLY G 226 -7.72 44.07 -4.84
CA GLY G 226 -8.81 44.03 -3.87
C GLY G 226 -8.93 42.70 -3.15
N VAL G 227 -8.39 41.63 -3.71
CA VAL G 227 -8.75 40.33 -3.19
C VAL G 227 -7.73 39.84 -2.17
N GLY G 228 -8.15 39.59 -0.92
CA GLY G 228 -7.24 38.94 0.02
C GLY G 228 -6.69 37.63 -0.54
N GLY G 229 -5.43 37.32 -0.29
CA GLY G 229 -4.84 36.04 -0.65
C GLY G 229 -4.59 35.87 -2.13
N PHE G 230 -4.70 36.94 -2.92
CA PHE G 230 -4.46 36.84 -4.36
C PHE G 230 -3.08 36.23 -4.67
N ASN G 231 -2.00 36.66 -4.01
CA ASN G 231 -0.67 36.15 -4.36
C ASN G 231 -0.48 34.66 -4.05
N THR G 232 -1.07 34.20 -2.94
CA THR G 232 -0.94 32.78 -2.57
C THR G 232 -1.70 31.86 -3.55
N ILE G 233 -2.77 32.34 -4.18
CA ILE G 233 -3.45 31.61 -5.24
C ILE G 233 -2.61 31.53 -6.52
N LEU G 234 -1.89 32.59 -6.86
CA LEU G 234 -1.03 32.58 -8.04
C LEU G 234 -0.01 31.46 -7.92
N LYS G 235 0.59 31.35 -6.74
CA LYS G 235 1.56 30.34 -6.42
C LYS G 235 0.92 28.96 -6.63
N GLU G 236 -0.26 28.75 -6.10
CA GLU G 236 -0.91 27.44 -6.12
C GLU G 236 -1.18 26.98 -7.54
N ILE G 237 -1.60 27.90 -8.41
CA ILE G 237 -1.98 27.54 -9.77
C ILE G 237 -0.76 26.88 -10.42
N GLU G 238 0.39 27.43 -10.08
CA GLU G 238 1.63 27.21 -10.77
C GLU G 238 2.18 25.88 -10.29
N GLU G 239 1.97 25.60 -9.01
CA GLU G 239 2.29 24.29 -8.47
C GLU G 239 1.31 23.18 -8.86
N ARG G 240 0.02 23.50 -9.03
CA ARG G 240 -1.03 22.47 -9.08
CA ARG G 240 -1.03 22.47 -9.08
C ARG G 240 -1.79 22.38 -10.41
N ALA G 241 -1.91 23.47 -11.15
CA ALA G 241 -2.69 23.45 -12.40
C ALA G 241 -1.98 22.56 -13.40
N PRO G 242 -2.75 21.82 -14.19
CA PRO G 242 -2.17 20.99 -15.22
C PRO G 242 -0.94 21.62 -15.92
N LEU G 243 -1.06 22.84 -16.43
CA LEU G 243 0.05 23.39 -17.23
C LEU G 243 1.15 23.97 -16.35
N LYS G 244 0.95 23.91 -15.04
CA LYS G 244 1.96 24.36 -14.09
C LYS G 244 2.46 25.79 -14.30
N ARG G 245 1.58 26.69 -14.75
CA ARG G 245 1.96 28.10 -14.96
C ARG G 245 0.64 28.89 -14.89
N ASN G 246 0.76 30.20 -14.67
CA ASN G 246 -0.42 31.06 -14.77
C ASN G 246 -0.73 31.50 -16.19
N VAL G 247 -1.91 32.08 -16.40
CA VAL G 247 -2.30 32.52 -17.74
C VAL G 247 -2.09 34.01 -17.78
N ASP G 248 -2.19 34.61 -18.96
CA ASP G 248 -2.21 36.07 -19.06
C ASP G 248 -3.36 36.60 -19.91
N GLN G 249 -3.48 37.92 -19.92
CA GLN G 249 -4.56 38.63 -20.58
C GLN G 249 -4.63 38.35 -22.08
N VAL G 250 -3.50 38.17 -22.75
CA VAL G 250 -3.53 37.82 -24.17
C VAL G 250 -4.17 36.42 -24.43
N GLU G 251 -4.01 35.52 -23.48
CA GLU G 251 -4.61 34.19 -23.54
C GLU G 251 -6.14 34.28 -23.43
N VAL G 252 -6.65 35.12 -22.51
CA VAL G 252 -8.08 35.44 -22.43
C VAL G 252 -8.55 36.06 -23.75
N GLY G 253 -7.73 36.95 -24.31
CA GLY G 253 -7.99 37.53 -25.62
C GLY G 253 -8.11 36.58 -26.81
N LYS G 254 -7.20 35.63 -26.90
CA LYS G 254 -7.28 34.62 -27.94
C LYS G 254 -8.56 33.78 -27.79
N THR G 255 -9.02 33.49 -26.58
CA THR G 255 -10.30 32.77 -26.44
C THR G 255 -11.52 33.65 -26.74
N ALA G 256 -11.43 34.93 -26.35
CA ALA G 256 -12.43 35.92 -26.68
C ALA G 256 -12.62 36.04 -28.19
N ALA G 257 -11.50 36.04 -28.91
CA ALA G 257 -11.52 36.11 -30.36
C ALA G 257 -12.25 34.90 -30.97
N TYR G 258 -12.08 33.74 -30.35
CA TYR G 258 -12.78 32.56 -30.76
C TYR G 258 -14.27 32.73 -30.43
N LEU G 259 -14.60 33.11 -29.19
CA LEU G 259 -16.02 33.25 -28.82
C LEU G 259 -16.75 34.35 -29.60
N LEU G 260 -16.04 35.41 -30.00
CA LEU G 260 -16.67 36.56 -30.66
C LEU G 260 -16.80 36.37 -32.17
N SER G 261 -16.06 35.42 -32.71
CA SER G 261 -16.06 35.14 -34.14
C SER G 261 -16.90 33.92 -34.55
N ASP G 262 -17.00 33.71 -35.87
CA ASP G 262 -17.71 32.59 -36.42
C ASP G 262 -17.05 31.23 -36.12
N LEU G 263 -15.85 31.26 -35.54
CA LEU G 263 -15.24 29.98 -35.18
C LEU G 263 -16.15 29.26 -34.19
N SER G 264 -16.96 30.00 -33.44
CA SER G 264 -17.68 29.36 -32.36
C SER G 264 -19.19 29.35 -32.57
N SER G 265 -19.59 29.36 -33.84
N SER G 265 -19.64 29.22 -33.81
CA SER G 265 -20.98 29.07 -34.17
CA SER G 265 -21.03 29.57 -34.14
C SER G 265 -21.28 27.70 -33.61
C SER G 265 -22.09 28.67 -33.50
N GLY G 266 -22.47 27.55 -33.04
N GLY G 266 -21.67 27.50 -33.02
CA GLY G 266 -22.79 26.34 -32.30
CA GLY G 266 -22.58 26.51 -32.45
C GLY G 266 -22.62 26.48 -30.81
C GLY G 266 -22.55 26.49 -30.93
N VAL G 267 -21.73 27.38 -30.38
CA VAL G 267 -21.38 27.47 -28.97
C VAL G 267 -22.14 28.64 -28.33
N THR G 268 -23.09 28.37 -27.42
CA THR G 268 -23.69 29.46 -26.64
C THR G 268 -24.03 28.93 -25.26
N GLY G 269 -24.25 29.81 -24.28
CA GLY G 269 -24.47 29.37 -22.89
C GLY G 269 -23.33 28.63 -22.20
N GLU G 270 -22.14 28.74 -22.76
CA GLU G 270 -20.94 28.01 -22.39
C GLU G 270 -19.99 28.89 -21.56
N ASN G 271 -19.11 28.26 -20.79
CA ASN G 271 -18.16 28.92 -19.92
C ASN G 271 -16.83 28.21 -20.18
N ILE G 272 -15.90 28.89 -20.84
CA ILE G 272 -14.62 28.30 -21.22
C ILE G 272 -13.58 28.73 -20.20
N HIS G 273 -12.96 27.77 -19.53
CA HIS G 273 -12.04 28.13 -18.45
C HIS G 273 -10.70 28.34 -19.10
N VAL G 274 -10.19 29.56 -19.01
CA VAL G 274 -8.85 29.85 -19.54
C VAL G 274 -7.93 30.00 -18.32
N ASP G 275 -7.51 28.86 -17.78
CA ASP G 275 -6.96 28.89 -16.44
C ASP G 275 -5.92 27.81 -16.24
N SER G 276 -5.23 27.39 -17.30
CA SER G 276 -4.21 26.34 -17.16
C SER G 276 -4.73 24.99 -16.71
N GLY G 277 -5.99 24.70 -17.02
CA GLY G 277 -6.68 23.52 -16.49
C GLY G 277 -7.08 23.42 -15.02
N PHE G 278 -6.95 24.46 -14.20
CA PHE G 278 -7.16 24.37 -12.75
C PHE G 278 -8.58 23.95 -12.33
N HIS G 279 -9.56 24.36 -13.14
CA HIS G 279 -10.95 24.01 -12.96
C HIS G 279 -11.11 22.51 -12.99
N ALA G 280 -10.25 21.78 -13.71
CA ALA G 280 -10.54 20.35 -13.85
C ALA G 280 -9.98 19.50 -12.71
N ILE G 281 -9.19 20.09 -11.82
CA ILE G 281 -8.55 19.31 -10.77
C ILE G 281 -9.06 19.61 -9.37
N LYS G 282 -8.77 18.71 -8.46
CA LYS G 282 -9.12 18.93 -7.06
C LYS G 282 -7.99 18.35 -6.22
N ASN H 29 -35.00 10.81 15.34
CA ASN H 29 -35.70 11.43 16.52
C ASN H 29 -35.09 12.78 16.85
N LEU H 30 -35.89 13.82 16.70
CA LEU H 30 -35.38 15.17 16.88
C LEU H 30 -36.00 15.78 18.14
N GLU H 31 -36.27 14.96 19.16
CA GLU H 31 -36.76 15.51 20.42
C GLU H 31 -35.71 16.42 21.04
N ASN H 32 -36.17 17.47 21.71
CA ASN H 32 -35.22 18.39 22.31
C ASN H 32 -34.34 19.13 21.29
N LYS H 33 -34.62 18.93 20.00
CA LYS H 33 -34.18 19.84 18.95
C LYS H 33 -35.19 20.99 18.74
N THR H 34 -34.66 22.17 18.40
CA THR H 34 -35.48 23.33 18.07
C THR H 34 -35.12 23.84 16.68
N TYR H 35 -36.10 23.98 15.80
CA TYR H 35 -35.83 24.58 14.50
C TYR H 35 -36.69 25.80 14.19
N VAL H 36 -36.09 26.73 13.45
CA VAL H 36 -36.81 27.89 12.96
C VAL H 36 -37.21 27.68 11.48
N ILE H 37 -38.50 27.79 11.18
CA ILE H 37 -38.96 27.60 9.81
C ILE H 37 -39.50 28.91 9.23
N MET H 38 -38.83 29.39 8.18
CA MET H 38 -39.18 30.65 7.55
C MET H 38 -39.91 30.43 6.21
N GLY H 39 -41.11 31.00 6.03
CA GLY H 39 -41.75 30.92 4.71
C GLY H 39 -42.97 30.04 4.56
N ILE H 40 -43.73 29.82 5.63
CA ILE H 40 -45.05 29.22 5.48
C ILE H 40 -46.06 30.29 5.08
N ALA H 41 -46.72 30.09 3.94
CA ALA H 41 -47.82 30.95 3.52
C ALA H 41 -49.21 30.34 3.80
N ASN H 42 -49.33 29.03 3.59
CA ASN H 42 -50.60 28.31 3.70
C ASN H 42 -50.37 26.80 3.68
N LYS H 43 -51.46 26.01 3.69
CA LYS H 43 -51.32 24.55 3.87
C LYS H 43 -50.44 23.89 2.79
N ARG H 44 -50.24 24.59 1.67
CA ARG H 44 -49.55 24.05 0.52
C ARG H 44 -48.07 24.45 0.46
N SER H 45 -47.68 25.36 1.34
CA SER H 45 -46.31 25.84 1.32
C SER H 45 -45.29 24.70 1.47
N ILE H 46 -44.18 24.77 0.77
CA ILE H 46 -43.14 23.74 0.93
C ILE H 46 -42.75 23.65 2.41
N ALA H 47 -42.59 24.78 3.09
CA ALA H 47 -42.14 24.77 4.46
C ALA H 47 -43.17 24.18 5.44
N PHE H 48 -44.43 24.09 5.04
CA PHE H 48 -45.39 23.34 5.86
C PHE H 48 -45.18 21.83 5.73
N GLY H 49 -44.77 21.37 4.55
CA GLY H 49 -44.13 20.08 4.37
C GLY H 49 -43.06 19.77 5.39
N VAL H 50 -42.05 20.63 5.42
CA VAL H 50 -40.94 20.50 6.34
C VAL H 50 -41.44 20.50 7.78
N ALA H 51 -42.36 21.41 8.12
CA ALA H 51 -43.03 21.47 9.41
C ALA H 51 -43.74 20.20 9.91
N LYS H 52 -44.57 19.58 9.07
CA LYS H 52 -45.23 18.35 9.47
C LYS H 52 -44.17 17.31 9.75
N VAL H 53 -43.15 17.19 8.90
CA VAL H 53 -42.12 16.17 9.09
C VAL H 53 -41.35 16.35 10.41
N LEU H 54 -40.90 17.58 10.68
CA LEU H 54 -40.16 17.85 11.91
C LEU H 54 -41.05 17.70 13.14
N ASP H 55 -42.32 18.07 13.00
CA ASP H 55 -43.28 17.93 14.10
C ASP H 55 -43.49 16.48 14.47
N GLN H 56 -43.67 15.60 13.47
CA GLN H 56 -43.83 14.16 13.68
C GLN H 56 -42.62 13.67 14.44
N LEU H 57 -41.45 14.12 13.99
CA LEU H 57 -40.19 13.67 14.54
C LEU H 57 -39.88 14.24 15.93
N GLY H 58 -40.81 15.01 16.50
CA GLY H 58 -40.67 15.52 17.87
C GLY H 58 -39.85 16.79 18.11
N ALA H 59 -39.46 17.51 17.05
CA ALA H 59 -38.86 18.84 17.17
C ALA H 59 -39.82 19.84 17.78
N LYS H 60 -39.24 20.82 18.50
CA LYS H 60 -39.92 22.08 18.75
C LYS H 60 -39.67 23.04 17.58
N LEU H 61 -40.72 23.68 17.10
CA LEU H 61 -40.65 24.51 15.91
C LEU H 61 -41.03 25.94 16.26
N VAL H 62 -40.21 26.85 15.73
CA VAL H 62 -40.51 28.28 15.68
C VAL H 62 -40.79 28.70 14.24
N PHE H 63 -41.77 29.58 14.07
CA PHE H 63 -42.18 30.00 12.73
C PHE H 63 -41.95 31.50 12.49
N THR H 64 -41.53 31.85 11.28
CA THR H 64 -41.52 33.25 10.88
C THR H 64 -42.38 33.49 9.64
N TYR H 65 -43.05 34.63 9.59
CA TYR H 65 -43.94 34.99 8.47
C TYR H 65 -43.74 36.46 8.12
N ARG H 66 -44.18 36.88 6.94
CA ARG H 66 -44.11 38.30 6.57
C ARG H 66 -45.33 39.19 6.88
N LYS H 67 -46.51 38.76 6.46
CA LYS H 67 -47.69 39.59 6.62
C LYS H 67 -48.70 38.97 7.58
N GLU H 68 -49.52 39.82 8.21
CA GLU H 68 -50.42 39.31 9.25
C GLU H 68 -51.41 38.24 8.78
N ARG H 69 -51.68 38.20 7.48
CA ARG H 69 -52.54 37.17 6.92
C ARG H 69 -51.85 35.82 6.98
N SER H 70 -50.53 35.78 6.79
CA SER H 70 -49.84 34.51 6.94
C SER H 70 -49.80 34.06 8.42
N ARG H 71 -50.04 34.99 9.35
CA ARG H 71 -49.97 34.66 10.78
C ARG H 71 -51.24 33.98 11.27
N LYS H 72 -52.37 34.66 11.07
CA LYS H 72 -53.70 34.07 11.23
C LYS H 72 -53.79 32.66 10.64
N GLU H 73 -53.63 32.56 9.33
CA GLU H 73 -53.25 31.34 8.67
C GLU H 73 -52.40 30.42 9.54
N LEU H 74 -51.25 30.89 9.97
CA LEU H 74 -50.28 30.01 10.65
C LEU H 74 -50.89 29.46 11.92
N GLU H 75 -51.53 30.33 12.69
CA GLU H 75 -52.20 29.91 13.91
C GLU H 75 -53.20 28.79 13.62
N LYS H 76 -54.01 28.90 12.58
CA LYS H 76 -54.96 27.82 12.21
C LYS H 76 -54.23 26.53 11.79
N LEU H 77 -53.23 26.64 10.93
CA LEU H 77 -52.41 25.49 10.52
C LEU H 77 -51.72 24.77 11.69
N LEU H 78 -51.16 25.54 12.61
CA LEU H 78 -50.57 24.97 13.83
C LEU H 78 -51.46 24.04 14.67
N GLU H 79 -52.78 24.17 14.59
CA GLU H 79 -53.64 23.22 15.28
C GLU H 79 -53.49 21.80 14.75
N GLN H 80 -52.77 21.67 13.63
CA GLN H 80 -52.64 20.39 12.94
C GLN H 80 -51.39 19.67 13.44
N LEU H 81 -50.62 20.33 14.30
CA LEU H 81 -49.30 19.83 14.67
C LEU H 81 -49.32 19.53 16.17
N ASN H 82 -48.29 18.84 16.65
CA ASN H 82 -48.19 18.60 18.08
C ASN H 82 -47.33 19.67 18.70
N GLN H 83 -47.49 20.92 18.31
CA GLN H 83 -46.71 21.94 19.01
C GLN H 83 -47.55 22.31 20.21
N PRO H 84 -46.93 22.26 21.40
CA PRO H 84 -47.61 22.62 22.63
C PRO H 84 -47.74 24.13 22.78
N GLU H 85 -46.92 24.89 22.08
CA GLU H 85 -47.13 26.33 21.98
C GLU H 85 -46.81 26.89 20.62
N ALA H 86 -47.39 28.07 20.38
CA ALA H 86 -47.26 28.77 19.11
C ALA H 86 -46.15 29.80 19.24
N HIS H 87 -45.05 29.58 18.53
CA HIS H 87 -43.96 30.53 18.46
C HIS H 87 -43.88 31.12 17.05
N LEU H 88 -44.46 32.30 16.90
CA LEU H 88 -44.64 33.01 15.62
C LEU H 88 -44.06 34.43 15.67
N TYR H 89 -43.14 34.72 14.74
CA TYR H 89 -42.42 35.98 14.70
C TYR H 89 -42.48 36.52 13.27
N GLN H 90 -42.85 37.79 13.19
CA GLN H 90 -42.80 38.54 11.94
C GLN H 90 -41.37 38.87 11.50
N ILE H 91 -41.02 38.50 10.28
CA ILE H 91 -39.70 38.86 9.77
C ILE H 91 -39.80 38.97 8.26
N ASP H 92 -39.82 40.20 7.77
CA ASP H 92 -39.63 40.48 6.37
C ASP H 92 -38.12 40.55 6.21
N VAL H 93 -37.59 39.61 5.43
CA VAL H 93 -36.15 39.53 5.25
C VAL H 93 -35.57 40.68 4.43
N GLN H 94 -36.40 41.66 4.03
CA GLN H 94 -35.85 42.84 3.39
C GLN H 94 -35.40 43.82 4.43
N SER H 95 -35.74 43.59 5.68
CA SER H 95 -35.34 44.50 6.73
C SER H 95 -34.33 43.79 7.62
N ASP H 96 -33.11 44.31 7.65
CA ASP H 96 -32.14 43.91 8.67
C ASP H 96 -32.67 44.02 10.09
N GLU H 97 -33.18 45.19 10.46
CA GLU H 97 -33.84 45.37 11.76
C GLU H 97 -34.71 44.17 12.10
N GLU H 98 -35.56 43.78 11.15
CA GLU H 98 -36.53 42.72 11.43
C GLU H 98 -35.87 41.33 11.63
N VAL H 99 -34.87 41.02 10.81
CA VAL H 99 -34.08 39.80 10.94
C VAL H 99 -33.30 39.81 12.27
N ILE H 100 -32.59 40.91 12.55
CA ILE H 100 -31.77 40.99 13.76
C ILE H 100 -32.67 40.84 14.96
N ASN H 101 -33.75 41.62 15.02
CA ASN H 101 -34.61 41.65 16.21
C ASN H 101 -35.43 40.38 16.35
N GLY H 102 -35.82 39.84 15.19
CA GLY H 102 -36.52 38.54 15.10
C GLY H 102 -35.77 37.41 15.76
N PHE H 103 -34.53 37.20 15.34
CA PHE H 103 -33.73 36.17 15.99
C PHE H 103 -33.40 36.45 17.46
N GLU H 104 -33.23 37.71 17.83
CA GLU H 104 -32.96 38.00 19.22
C GLU H 104 -34.11 37.53 20.10
N GLN H 105 -35.34 37.86 19.68
CA GLN H 105 -36.52 37.55 20.45
C GLN H 105 -36.67 36.04 20.63
N ILE H 106 -36.50 35.32 19.51
CA ILE H 106 -36.49 33.87 19.46
C ILE H 106 -35.50 33.28 20.48
N GLY H 107 -34.32 33.90 20.56
CA GLY H 107 -33.30 33.52 21.51
C GLY H 107 -33.80 33.73 22.92
N LYS H 108 -34.51 34.82 23.16
CA LYS H 108 -34.99 35.08 24.51
C LYS H 108 -36.21 34.24 24.84
N ASP H 109 -36.97 33.83 23.83
CA ASP H 109 -38.25 33.17 24.09
C ASP H 109 -38.08 31.65 24.14
N VAL H 110 -37.04 31.16 23.49
CA VAL H 110 -36.98 29.75 23.16
C VAL H 110 -35.60 29.16 23.45
N GLY H 111 -34.58 30.00 23.62
CA GLY H 111 -33.20 29.54 23.79
C GLY H 111 -32.44 29.33 22.50
N ASN H 112 -31.22 28.76 22.59
CA ASN H 112 -30.46 28.29 21.44
C ASN H 112 -31.22 27.29 20.58
N ILE H 113 -31.01 27.41 19.27
CA ILE H 113 -31.71 26.58 18.30
C ILE H 113 -30.70 25.64 17.65
N ASP H 114 -31.25 24.66 16.94
CA ASP H 114 -30.46 23.62 16.32
C ASP H 114 -30.34 23.84 14.81
N GLY H 115 -31.19 24.69 14.24
CA GLY H 115 -31.16 24.94 12.81
C GLY H 115 -32.24 25.86 12.29
N VAL H 116 -32.10 26.23 11.01
CA VAL H 116 -33.07 27.05 10.29
C VAL H 116 -33.41 26.44 8.92
N TYR H 117 -34.70 26.32 8.64
CA TYR H 117 -35.12 26.02 7.27
C TYR H 117 -35.57 27.31 6.57
N HIS H 118 -34.87 27.69 5.51
CA HIS H 118 -35.19 28.88 4.75
C HIS H 118 -36.05 28.50 3.52
N SER H 119 -37.29 29.00 3.50
CA SER H 119 -38.17 28.70 2.38
C SER H 119 -38.78 29.96 1.79
N ILE H 120 -37.93 30.88 1.34
CA ILE H 120 -38.35 32.24 1.00
C ILE H 120 -37.75 32.69 -0.32
N ALA H 121 -38.59 33.28 -1.18
CA ALA H 121 -38.14 33.83 -2.46
C ALA H 121 -39.18 34.80 -3.02
N PHE H 122 -38.77 35.70 -3.89
CA PHE H 122 -39.74 36.62 -4.49
C PHE H 122 -39.19 37.26 -5.76
N ALA H 123 -40.03 37.43 -6.78
CA ALA H 123 -39.67 38.23 -7.95
C ALA H 123 -40.91 38.97 -8.42
N ASN H 124 -40.77 40.06 -9.16
CA ASN H 124 -41.97 40.71 -9.74
C ASN H 124 -42.61 39.82 -10.79
N MET H 125 -43.91 39.59 -10.65
N MET H 125 -43.94 39.84 -10.87
CA MET H 125 -44.57 38.52 -11.41
CA MET H 125 -44.58 39.31 -12.07
C MET H 125 -44.37 38.71 -12.91
C MET H 125 -44.10 40.04 -13.34
N GLU H 126 -44.18 39.96 -13.34
N GLU H 126 -44.13 41.37 -13.32
CA GLU H 126 -44.09 40.28 -14.76
CA GLU H 126 -43.66 42.20 -14.43
C GLU H 126 -42.69 39.97 -15.28
C GLU H 126 -42.34 41.73 -15.03
N ASP H 127 -41.93 39.24 -14.47
N ASP H 127 -41.48 41.15 -14.20
CA ASP H 127 -40.59 38.83 -14.89
CA ASP H 127 -40.16 40.71 -14.66
C ASP H 127 -40.51 37.33 -15.22
C ASP H 127 -40.17 39.25 -15.07
N LEU H 128 -41.54 36.53 -14.89
N LEU H 128 -40.97 38.43 -14.40
CA LEU H 128 -41.48 35.06 -15.03
CA LEU H 128 -41.10 37.02 -14.76
C LEU H 128 -42.33 34.45 -16.15
C LEU H 128 -41.74 36.80 -16.13
N ARG H 129 -42.48 35.23 -17.22
N ARG H 129 -42.67 37.67 -16.51
CA ARG H 129 -42.92 34.78 -18.54
CA ARG H 129 -43.46 37.47 -17.72
C ARG H 129 -42.14 35.62 -19.56
C ARG H 129 -42.82 38.11 -18.95
N GLY H 130 -42.43 35.44 -20.85
N GLY H 130 -41.92 39.07 -18.74
CA GLY H 130 -41.79 36.25 -21.89
CA GLY H 130 -41.19 39.68 -19.85
C GLY H 130 -40.27 36.27 -21.79
C GLY H 130 -40.15 38.70 -20.35
N ARG H 131 -39.69 37.46 -21.66
N ARG H 131 -39.45 39.03 -21.43
CA ARG H 131 -38.27 37.69 -21.94
CA ARG H 131 -38.24 38.29 -21.85
C ARG H 131 -37.41 38.15 -20.76
C ARG H 131 -37.13 38.48 -20.82
N PHE H 132 -36.26 37.48 -20.59
CA PHE H 132 -35.29 37.68 -19.51
C PHE H 132 -34.45 38.94 -19.71
N SER H 133 -34.05 39.19 -20.96
CA SER H 133 -33.22 40.35 -21.31
C SER H 133 -33.94 41.69 -21.07
N GLU H 134 -35.22 41.64 -20.74
CA GLU H 134 -36.02 42.85 -20.50
C GLU H 134 -36.21 43.11 -19.01
N THR H 135 -35.68 42.23 -18.15
CA THR H 135 -35.66 42.48 -16.71
C THR H 135 -35.14 43.87 -16.26
N SER H 136 -35.89 44.51 -15.36
CA SER H 136 -35.56 45.83 -14.87
C SER H 136 -34.56 45.65 -13.74
N ARG H 137 -33.67 46.61 -13.57
CA ARG H 137 -32.68 46.59 -12.49
C ARG H 137 -33.36 46.39 -11.14
N GLU H 138 -34.45 47.13 -10.93
CA GLU H 138 -35.17 47.12 -9.68
CA GLU H 138 -35.12 47.10 -9.62
C GLU H 138 -35.63 45.70 -9.39
N GLY H 139 -36.23 45.07 -10.41
CA GLY H 139 -36.77 43.73 -10.24
C GLY H 139 -35.66 42.72 -10.01
N PHE H 140 -34.56 42.90 -10.75
CA PHE H 140 -33.46 41.96 -10.65
C PHE H 140 -32.80 42.03 -9.26
N LEU H 141 -32.62 43.26 -8.75
CA LEU H 141 -32.05 43.41 -7.42
C LEU H 141 -33.06 42.98 -6.34
N LEU H 142 -34.35 43.21 -6.55
CA LEU H 142 -35.36 42.72 -5.57
C LEU H 142 -35.30 41.19 -5.36
N ALA H 143 -35.18 40.44 -6.46
CA ALA H 143 -35.14 38.98 -6.39
C ALA H 143 -33.86 38.53 -5.70
N GLN H 144 -32.73 39.14 -6.06
CA GLN H 144 -31.47 38.91 -5.35
C GLN H 144 -31.60 39.18 -3.86
N ASP H 145 -32.21 40.32 -3.54
CA ASP H 145 -32.36 40.73 -2.17
C ASP H 145 -33.15 39.70 -1.37
N ILE H 146 -34.36 39.36 -1.81
CA ILE H 146 -35.21 38.47 -1.02
C ILE H 146 -34.82 37.00 -1.11
N SER H 147 -34.37 36.56 -2.29
CA SER H 147 -34.18 35.13 -2.56
C SER H 147 -32.76 34.61 -2.22
N SER H 148 -31.77 35.51 -2.18
CA SER H 148 -30.39 35.13 -1.97
C SER H 148 -29.75 35.86 -0.79
N TYR H 149 -29.69 37.19 -0.79
CA TYR H 149 -29.11 37.85 0.38
C TYR H 149 -29.78 37.51 1.71
N SER H 150 -31.10 37.31 1.71
CA SER H 150 -31.80 37.01 2.97
C SER H 150 -31.20 35.83 3.70
N LEU H 151 -30.54 34.92 2.99
CA LEU H 151 -29.97 33.73 3.63
C LEU H 151 -28.70 34.07 4.40
N THR H 152 -27.95 35.04 3.86
CA THR H 152 -26.69 35.49 4.47
C THR H 152 -26.98 36.15 5.83
N ILE H 153 -27.88 37.14 5.84
CA ILE H 153 -28.24 37.85 7.08
C ILE H 153 -28.93 36.92 8.11
N VAL H 154 -29.80 36.03 7.62
CA VAL H 154 -30.38 35.00 8.47
C VAL H 154 -29.29 34.08 9.05
N ALA H 155 -28.38 33.57 8.21
CA ALA H 155 -27.24 32.79 8.70
C ALA H 155 -26.38 33.53 9.73
N HIS H 156 -26.10 34.82 9.53
CA HIS H 156 -25.30 35.59 10.51
C HIS H 156 -26.06 35.70 11.82
N GLU H 157 -27.37 35.90 11.71
CA GLU H 157 -28.14 36.15 12.94
C GLU H 157 -28.42 34.86 13.69
N ALA H 158 -28.77 33.82 12.95
CA ALA H 158 -29.04 32.49 13.54
C ALA H 158 -27.81 31.89 14.20
N LYS H 159 -26.63 32.12 13.61
CA LYS H 159 -25.38 31.69 14.20
C LYS H 159 -25.31 32.07 15.68
N LYS H 160 -25.84 33.23 16.04
CA LYS H 160 -25.76 33.66 17.43
C LYS H 160 -26.45 32.68 18.38
N LEU H 161 -27.45 31.95 17.88
CA LEU H 161 -28.24 30.99 18.66
C LEU H 161 -27.77 29.54 18.48
N MET H 162 -26.72 29.35 17.69
CA MET H 162 -26.11 28.05 17.52
C MET H 162 -24.64 28.04 17.96
N PRO H 163 -24.36 28.30 19.27
CA PRO H 163 -22.98 28.31 19.78
C PRO H 163 -22.31 26.93 19.69
N GLU H 164 -23.09 25.85 19.71
CA GLU H 164 -22.48 24.53 19.53
C GLU H 164 -22.56 23.93 18.13
N GLY H 165 -23.00 24.72 17.17
CA GLY H 165 -23.19 24.26 15.80
C GLY H 165 -24.65 24.04 15.48
N GLY H 166 -24.89 23.61 14.25
CA GLY H 166 -26.24 23.47 13.75
C GLY H 166 -26.28 23.33 12.25
N SER H 167 -27.46 23.56 11.71
CA SER H 167 -27.66 23.23 10.32
C SER H 167 -28.64 24.22 9.74
N ILE H 168 -28.32 24.73 8.56
CA ILE H 168 -29.20 25.66 7.84
C ILE H 168 -29.50 25.14 6.45
N VAL H 169 -30.76 25.15 6.05
CA VAL H 169 -31.15 24.59 4.74
C VAL H 169 -31.95 25.61 3.94
N ALA H 170 -31.57 25.83 2.69
CA ALA H 170 -32.42 26.66 1.83
C ALA H 170 -33.03 25.87 0.66
N THR H 171 -34.07 26.45 0.06
CA THR H 171 -34.86 25.71 -0.92
C THR H 171 -34.57 26.30 -2.28
N THR H 172 -33.93 25.55 -3.17
CA THR H 172 -33.61 26.11 -4.49
C THR H 172 -34.38 25.39 -5.60
N TYR H 173 -34.13 25.77 -6.85
CA TYR H 173 -34.80 25.07 -7.92
C TYR H 173 -33.78 24.83 -9.05
N LEU H 174 -33.97 23.73 -9.77
CA LEU H 174 -33.11 23.36 -10.89
C LEU H 174 -32.78 24.50 -11.83
N GLY H 175 -33.71 25.44 -11.94
CA GLY H 175 -33.46 26.61 -12.75
C GLY H 175 -32.36 27.51 -12.24
N GLY H 176 -31.76 27.19 -11.12
CA GLY H 176 -30.58 27.95 -10.70
C GLY H 176 -29.32 27.37 -11.31
N GLU H 177 -29.41 26.15 -11.84
CA GLU H 177 -28.29 25.43 -12.47
C GLU H 177 -28.35 25.44 -13.97
N PHE H 178 -29.55 25.59 -14.52
CA PHE H 178 -29.77 25.61 -15.97
C PHE H 178 -30.76 26.71 -16.28
N ALA H 179 -30.73 27.21 -17.52
CA ALA H 179 -31.79 28.10 -17.97
C ALA H 179 -33.02 27.27 -18.28
N VAL H 180 -34.06 27.48 -17.47
CA VAL H 180 -35.36 26.89 -17.62
C VAL H 180 -36.28 28.02 -18.11
N GLN H 181 -36.74 27.91 -19.35
CA GLN H 181 -37.70 28.80 -19.98
C GLN H 181 -38.76 29.35 -19.01
N ASN H 182 -38.92 30.67 -18.96
CA ASN H 182 -39.85 31.33 -18.02
C ASN H 182 -39.41 31.54 -16.58
N TYR H 183 -38.35 30.88 -16.14
CA TYR H 183 -38.01 31.00 -14.74
C TYR H 183 -37.20 32.29 -14.57
N ASN H 184 -36.47 32.66 -15.64
CA ASN H 184 -35.88 33.98 -15.85
C ASN H 184 -35.13 34.56 -14.64
N VAL H 185 -35.59 35.69 -14.10
CA VAL H 185 -34.84 36.37 -13.05
C VAL H 185 -34.71 35.48 -11.78
N MET H 186 -35.61 34.52 -11.62
CA MET H 186 -35.60 33.78 -10.36
C MET H 186 -34.46 32.77 -10.41
N GLY H 187 -34.13 32.37 -11.64
CA GLY H 187 -33.08 31.40 -11.89
C GLY H 187 -31.70 31.99 -11.59
N VAL H 188 -31.48 33.21 -12.08
CA VAL H 188 -30.31 33.97 -11.66
C VAL H 188 -30.30 34.18 -10.12
N ALA H 189 -31.45 34.41 -9.48
CA ALA H 189 -31.50 34.51 -8.04
C ALA H 189 -31.19 33.19 -7.34
N LYS H 190 -31.70 32.06 -7.85
CA LYS H 190 -31.35 30.75 -7.31
C LYS H 190 -29.88 30.41 -7.56
N ALA H 191 -29.33 30.68 -8.74
CA ALA H 191 -27.90 30.50 -8.96
C ALA H 191 -27.10 31.22 -7.89
N SER H 192 -27.48 32.46 -7.60
CA SER H 192 -26.93 33.23 -6.48
C SER H 192 -27.10 32.59 -5.09
N LEU H 193 -28.34 32.17 -4.75
CA LEU H 193 -28.60 31.43 -3.51
C LEU H 193 -27.69 30.18 -3.38
N GLU H 194 -27.57 29.43 -4.47
CA GLU H 194 -26.82 28.20 -4.47
C GLU H 194 -25.32 28.44 -4.19
N ALA H 195 -24.74 29.51 -4.76
CA ALA H 195 -23.41 29.93 -4.32
C ALA H 195 -23.38 30.51 -2.89
N ASN H 196 -24.41 31.25 -2.49
CA ASN H 196 -24.51 31.69 -1.09
C ASN H 196 -24.35 30.52 -0.09
N VAL H 197 -25.02 29.42 -0.43
CA VAL H 197 -24.91 28.20 0.35
C VAL H 197 -23.47 27.72 0.42
N LYS H 198 -22.76 27.71 -0.71
CA LYS H 198 -21.37 27.25 -0.70
C LYS H 198 -20.45 28.17 0.10
N TYR H 199 -20.60 29.48 -0.07
CA TYR H 199 -19.78 30.43 0.70
C TYR H 199 -20.17 30.43 2.18
N LEU H 200 -21.44 30.29 2.53
CA LEU H 200 -21.77 30.18 3.97
C LEU H 200 -21.24 28.88 4.58
N ALA H 201 -21.27 27.82 3.77
CA ALA H 201 -20.77 26.53 4.21
C ALA H 201 -19.28 26.62 4.56
N LEU H 202 -18.54 27.30 3.68
CA LEU H 202 -17.10 27.45 3.88
C LEU H 202 -16.82 28.35 5.10
N ASP H 203 -17.47 29.51 5.15
CA ASP H 203 -17.35 30.48 6.25
C ASP H 203 -17.79 29.87 7.59
N LEU H 204 -18.92 29.17 7.60
CA LEU H 204 -19.50 28.80 8.90
C LEU H 204 -19.08 27.39 9.34
N GLY H 205 -18.41 26.66 8.44
CA GLY H 205 -17.91 25.30 8.69
C GLY H 205 -17.12 25.16 9.97
N PRO H 206 -16.10 26.03 10.18
CA PRO H 206 -15.32 25.93 11.41
C PRO H 206 -16.14 26.15 12.68
N ASP H 207 -17.32 26.73 12.58
CA ASP H 207 -18.15 26.91 13.78
C ASP H 207 -19.13 25.74 13.92
N ASN H 208 -18.95 24.73 13.08
CA ASN H 208 -19.81 23.54 13.03
C ASN H 208 -21.26 23.84 12.62
N ILE H 209 -21.44 24.83 11.76
CA ILE H 209 -22.73 25.11 11.20
C ILE H 209 -22.62 24.65 9.75
N ARG H 210 -23.47 23.69 9.41
CA ARG H 210 -23.52 23.21 8.04
C ARG H 210 -24.61 23.96 7.28
N VAL H 211 -24.40 24.24 5.99
CA VAL H 211 -25.37 24.94 5.21
C VAL H 211 -25.56 24.17 3.92
N ASN H 212 -26.81 23.86 3.60
CA ASN H 212 -27.15 23.03 2.46
C ASN H 212 -28.41 23.51 1.74
N ALA H 213 -28.59 23.10 0.49
CA ALA H 213 -29.78 23.40 -0.29
C ALA H 213 -30.53 22.11 -0.59
N ILE H 214 -31.86 22.19 -0.61
CA ILE H 214 -32.69 21.21 -1.30
C ILE H 214 -33.21 21.80 -2.58
N SER H 215 -32.95 21.16 -3.71
CA SER H 215 -33.51 21.61 -4.98
C SER H 215 -34.81 20.85 -5.17
N ALA H 216 -35.95 21.45 -4.80
CA ALA H 216 -37.22 20.77 -4.98
C ALA H 216 -37.62 20.76 -6.45
N GLY H 217 -38.25 19.68 -6.88
CA GLY H 217 -38.98 19.68 -8.13
C GLY H 217 -40.19 20.59 -8.04
N PRO H 218 -40.91 20.77 -9.15
CA PRO H 218 -42.16 21.57 -9.17
C PRO H 218 -43.30 21.05 -8.26
N ILE H 219 -43.91 21.93 -7.48
CA ILE H 219 -44.94 21.56 -6.52
C ILE H 219 -45.97 22.66 -6.60
N ARG H 220 -47.24 22.29 -6.66
CA ARG H 220 -48.33 23.27 -6.71
C ARG H 220 -48.43 24.06 -5.41
N THR H 221 -47.93 25.30 -5.42
CA THR H 221 -47.97 26.17 -4.24
C THR H 221 -48.49 27.55 -4.64
N LEU H 222 -48.85 28.35 -3.64
CA LEU H 222 -49.24 29.75 -3.88
C LEU H 222 -48.29 30.49 -4.83
N SER H 223 -46.98 30.45 -4.56
CA SER H 223 -46.00 31.10 -5.42
C SER H 223 -45.91 30.50 -6.82
N ALA H 224 -46.02 29.18 -6.92
CA ALA H 224 -46.04 28.52 -8.22
C ALA H 224 -47.08 29.07 -9.23
N LYS H 225 -48.18 29.67 -8.77
CA LYS H 225 -49.17 30.25 -9.68
C LYS H 225 -48.59 31.44 -10.43
N GLY H 226 -47.62 32.11 -9.83
CA GLY H 226 -46.94 33.24 -10.48
C GLY H 226 -45.87 32.90 -11.52
N VAL H 227 -45.54 31.63 -11.68
CA VAL H 227 -44.57 31.22 -12.70
C VAL H 227 -45.31 30.79 -13.97
N GLY H 228 -45.03 31.47 -15.08
CA GLY H 228 -45.61 31.06 -16.35
C GLY H 228 -45.10 29.69 -16.77
N GLY H 229 -45.98 28.82 -17.26
CA GLY H 229 -45.58 27.51 -17.79
C GLY H 229 -45.52 26.39 -16.77
N PHE H 230 -45.98 26.67 -15.56
CA PHE H 230 -45.89 25.71 -14.45
C PHE H 230 -46.62 24.39 -14.74
N ASN H 231 -47.83 24.42 -15.26
CA ASN H 231 -48.51 23.14 -15.49
C ASN H 231 -47.77 22.27 -16.49
N THR H 232 -47.31 22.91 -17.56
CA THR H 232 -46.64 22.21 -18.63
C THR H 232 -45.42 21.50 -18.04
N ILE H 233 -44.79 22.17 -17.08
CA ILE H 233 -43.57 21.62 -16.46
C ILE H 233 -43.92 20.45 -15.53
N LEU H 234 -45.04 20.56 -14.81
CA LEU H 234 -45.59 19.41 -14.07
C LEU H 234 -45.76 18.16 -14.93
N LYS H 235 -46.35 18.32 -16.11
CA LYS H 235 -46.59 17.20 -17.00
C LYS H 235 -45.28 16.57 -17.49
N GLU H 236 -44.31 17.40 -17.84
CA GLU H 236 -43.05 16.86 -18.34
C GLU H 236 -42.25 16.09 -17.26
N ILE H 237 -42.36 16.46 -15.99
CA ILE H 237 -41.72 15.65 -14.96
C ILE H 237 -42.35 14.27 -15.00
N GLU H 238 -43.68 14.20 -15.05
CA GLU H 238 -44.42 12.94 -14.97
C GLU H 238 -43.92 12.08 -16.09
N GLU H 239 -43.87 12.64 -17.29
CA GLU H 239 -43.44 11.88 -18.47
CA GLU H 239 -43.44 11.93 -18.50
C GLU H 239 -41.94 11.61 -18.55
N ARG H 240 -41.09 12.46 -17.96
CA ARG H 240 -39.65 12.28 -18.20
C ARG H 240 -38.74 11.96 -17.00
N ALA H 241 -39.03 12.45 -15.80
CA ALA H 241 -38.17 12.16 -14.64
C ALA H 241 -38.09 10.64 -14.44
N PRO H 242 -36.91 10.11 -13.97
CA PRO H 242 -36.73 8.68 -13.76
C PRO H 242 -37.90 8.06 -13.02
N LEU H 243 -38.44 8.74 -12.01
CA LEU H 243 -39.48 8.12 -11.20
C LEU H 243 -40.83 8.30 -11.85
N LYS H 244 -40.87 8.96 -12.99
CA LYS H 244 -42.16 9.17 -13.69
C LYS H 244 -43.27 9.70 -12.77
N ARG H 245 -42.95 10.56 -11.81
CA ARG H 245 -44.00 11.20 -11.00
C ARG H 245 -43.47 12.53 -10.47
N ASN H 246 -44.36 13.39 -9.99
CA ASN H 246 -43.91 14.60 -9.35
C ASN H 246 -43.66 14.30 -7.88
N VAL H 247 -43.03 15.25 -7.18
CA VAL H 247 -42.81 15.15 -5.74
C VAL H 247 -43.78 16.02 -4.93
N ASP H 248 -43.72 15.92 -3.61
CA ASP H 248 -44.55 16.79 -2.78
C ASP H 248 -43.82 17.41 -1.60
N GLN H 249 -44.52 18.32 -0.93
CA GLN H 249 -44.02 19.08 0.20
C GLN H 249 -43.39 18.17 1.26
N VAL H 250 -44.01 17.01 1.44
CA VAL H 250 -43.63 16.08 2.49
C VAL H 250 -42.30 15.38 2.12
N GLU H 251 -42.11 15.05 0.86
CA GLU H 251 -40.81 14.48 0.46
C GLU H 251 -39.68 15.52 0.62
N VAL H 252 -39.99 16.81 0.42
CA VAL H 252 -38.99 17.84 0.67
C VAL H 252 -38.65 17.85 2.17
N GLY H 253 -39.68 17.87 3.01
CA GLY H 253 -39.55 17.78 4.46
C GLY H 253 -38.79 16.59 5.01
N LYS H 254 -38.99 15.41 4.43
CA LYS H 254 -38.21 14.24 4.82
C LYS H 254 -36.72 14.39 4.51
N THR H 255 -36.36 14.86 3.32
CA THR H 255 -34.98 15.27 3.06
C THR H 255 -34.51 16.43 3.98
N ALA H 256 -35.36 17.42 4.23
CA ALA H 256 -35.00 18.46 5.18
C ALA H 256 -34.68 17.88 6.57
N ALA H 257 -35.36 16.81 6.98
CA ALA H 257 -35.09 16.19 8.28
C ALA H 257 -33.71 15.56 8.28
N TYR H 258 -33.34 14.98 7.15
CA TYR H 258 -31.99 14.46 7.05
C TYR H 258 -30.96 15.61 7.15
N LEU H 259 -31.13 16.68 6.38
CA LEU H 259 -30.13 17.75 6.38
C LEU H 259 -30.05 18.47 7.73
N LEU H 260 -31.15 18.51 8.46
CA LEU H 260 -31.19 19.25 9.72
C LEU H 260 -30.72 18.42 10.90
N SER H 261 -30.69 17.10 10.75
CA SER H 261 -30.26 16.22 11.83
C SER H 261 -28.80 15.79 11.71
N ASP H 262 -28.35 15.11 12.75
CA ASP H 262 -27.04 14.46 12.79
C ASP H 262 -26.85 13.37 11.71
N LEU H 263 -27.92 12.93 11.07
CA LEU H 263 -27.80 11.94 10.04
C LEU H 263 -26.91 12.47 8.92
N SER H 264 -26.83 13.78 8.78
CA SER H 264 -26.10 14.38 7.66
C SER H 264 -24.82 15.06 8.12
N SER H 265 -24.32 14.68 9.30
CA SER H 265 -23.08 15.24 9.78
C SER H 265 -22.03 14.97 8.72
N GLY H 266 -21.14 15.90 8.43
CA GLY H 266 -20.25 15.54 7.32
C GLY H 266 -20.64 16.04 5.95
N VAL H 267 -21.92 16.38 5.78
CA VAL H 267 -22.45 16.91 4.53
C VAL H 267 -22.65 18.41 4.69
N THR H 268 -21.85 19.19 3.97
CA THR H 268 -22.11 20.62 3.93
C THR H 268 -21.79 21.18 2.53
N GLY H 269 -22.46 22.27 2.16
CA GLY H 269 -22.18 22.94 0.88
C GLY H 269 -22.85 22.12 -0.22
N GLU H 270 -23.76 21.26 0.19
CA GLU H 270 -24.40 20.30 -0.71
C GLU H 270 -25.78 20.81 -1.20
N ASN H 271 -26.19 20.32 -2.37
CA ASN H 271 -27.47 20.63 -3.00
C ASN H 271 -28.10 19.27 -3.32
N ILE H 272 -29.13 18.85 -2.58
CA ILE H 272 -29.82 17.60 -2.80
C ILE H 272 -31.08 17.83 -3.62
N HIS H 273 -31.15 17.24 -4.80
CA HIS H 273 -32.34 17.39 -5.63
C HIS H 273 -33.45 16.45 -5.17
N VAL H 274 -34.55 16.99 -4.66
CA VAL H 274 -35.69 16.16 -4.35
C VAL H 274 -36.75 16.33 -5.46
N ASP H 275 -36.60 15.58 -6.55
CA ASP H 275 -37.24 15.97 -7.81
C ASP H 275 -37.49 14.81 -8.80
N SER H 276 -37.67 13.61 -8.23
CA SER H 276 -37.86 12.39 -9.00
C SER H 276 -36.74 12.07 -9.97
N GLY H 277 -35.57 12.66 -9.70
CA GLY H 277 -34.36 12.43 -10.50
C GLY H 277 -34.26 13.25 -11.77
N PHE H 278 -35.12 14.25 -11.93
CA PHE H 278 -35.13 15.03 -13.17
C PHE H 278 -33.79 15.75 -13.42
N HIS H 279 -33.12 16.16 -12.34
CA HIS H 279 -31.81 16.80 -12.49
C HIS H 279 -30.79 15.94 -13.24
N ALA H 280 -31.00 14.63 -13.32
CA ALA H 280 -29.93 13.73 -13.80
C ALA H 280 -30.05 13.36 -15.27
N ILE H 281 -31.11 13.86 -15.91
CA ILE H 281 -31.41 13.45 -17.26
C ILE H 281 -31.43 14.69 -18.13
N LYS H 282 -31.14 14.51 -19.41
CA LYS H 282 -31.25 15.60 -20.35
C LYS H 282 -32.08 15.07 -21.53
C1 MPD I . 28.19 -20.32 -16.27
C2 MPD I . 28.29 -20.25 -14.74
O2 MPD I . 27.09 -19.59 -14.25
CM MPD I . 29.48 -19.39 -14.33
C3 MPD I . 28.49 -21.66 -14.15
C4 MPD I . 28.33 -21.86 -12.63
O4 MPD I . 27.85 -23.17 -12.34
C5 MPD I . 29.62 -21.69 -11.82
PA NAP J . 8.30 -5.43 -6.96
O1A NAP J . 9.00 -4.44 -7.82
O2A NAP J . 6.90 -5.11 -6.65
O5B NAP J . 8.45 -6.90 -7.62
C5B NAP J . 7.56 -7.94 -7.30
C4B NAP J . 7.37 -8.71 -8.58
O4B NAP J . 6.66 -9.91 -8.31
C3B NAP J . 6.54 -7.94 -9.61
O3B NAP J . 7.32 -7.69 -10.74
C2B NAP J . 5.42 -8.89 -9.96
O2B NAP J . 5.06 -8.88 -11.33
C1B NAP J . 6.05 -10.21 -9.53
N9A NAP J . 5.00 -11.22 -9.39
C8A NAP J . 4.10 -11.32 -8.38
N7A NAP J . 3.29 -12.35 -8.70
C5A NAP J . 3.70 -12.92 -9.87
C6A NAP J . 3.22 -14.01 -10.59
N6A NAP J . 2.16 -14.71 -10.17
N1A NAP J . 3.90 -14.34 -11.75
C2A NAP J . 5.01 -13.64 -12.17
N3A NAP J . 5.44 -12.53 -11.47
C4A NAP J . 4.77 -12.19 -10.33
O3 NAP J . 8.99 -5.49 -5.51
PN NAP J . 10.41 -6.07 -5.05
O1N NAP J . 10.58 -5.51 -3.70
O2N NAP J . 11.33 -5.85 -6.20
O5D NAP J . 10.13 -7.65 -4.93
C5D NAP J . 10.88 -8.66 -5.56
C4D NAP J . 11.34 -9.77 -4.62
O4D NAP J . 12.16 -9.22 -3.61
C3D NAP J . 10.23 -10.49 -3.88
O3D NAP J . 10.55 -11.87 -3.76
C2D NAP J . 10.31 -9.86 -2.50
O2D NAP J . 9.75 -10.69 -1.54
C1D NAP J . 11.81 -9.74 -2.36
N1N NAP J . 12.32 -8.86 -1.31
C2N NAP J . 11.93 -7.56 -1.22
C3N NAP J . 12.43 -6.73 -0.21
C7N NAP J . 12.10 -5.27 -0.15
O7N NAP J . 12.31 -4.62 1.07
N7N NAP J . 11.69 -4.58 -1.22
C4N NAP J . 13.35 -7.26 0.69
C5N NAP J . 13.69 -8.59 0.62
C6N NAP J . 13.19 -9.39 -0.39
P2B NAP J . 3.70 -8.12 -11.80
O1X NAP J . 3.68 -6.72 -11.20
O2X NAP J . 3.65 -8.12 -13.30
O3X NAP J . 2.49 -8.84 -11.29
C JA1 K . 9.31 -8.30 0.99
N JA1 K . 2.72 -8.90 -1.55
O JA1 K . 9.41 -9.62 0.70
C1 JA1 K . 8.70 -7.42 0.08
O1 JA1 K . 8.20 -7.98 -1.09
C2 JA1 K . 6.85 -8.32 -1.18
O2 JA1 K . 2.03 -8.88 -0.53
C3 JA1 K . 6.33 -8.79 -2.37
O3 JA1 K . 2.30 -9.22 -2.64
C4 JA1 K . 4.97 -8.97 -2.51
C5 JA1 K . 4.16 -8.70 -1.41
C6 JA1 K . 4.66 -8.28 -0.20
C7 JA1 K . 6.03 -8.09 -0.08
C8 JA1 K . 8.75 -6.06 0.30
C9 JA1 K . 9.40 -5.58 1.43
C10 JA1 K . 10.01 -6.43 2.34
C11 JA1 K . 10.70 -5.88 3.55
C12 JA1 K . 9.71 -5.89 4.69
C13 JA1 K . 10.20 -4.97 5.77
C14 JA1 K . 9.21 -4.71 6.90
C15 JA1 K . 8.64 -5.95 7.54
C16 JA1 K . 7.61 -5.54 8.54
C17 JA1 K . 9.95 -7.79 2.11
N GLU L . 15.38 -48.61 0.22
CA GLU L . 14.07 -48.79 0.86
C GLU L . 13.27 -47.47 0.90
O GLU L . 13.90 -46.43 0.63
CB GLU L . 14.24 -49.42 2.26
CG GLU L . 14.53 -48.39 3.37
CD GLU L . 16.02 -48.38 3.78
OE1 GLU L . 16.67 -49.44 3.58
OE2 GLU L . 16.47 -47.33 4.27
OXT GLU L . 12.04 -47.52 1.14
C JA1 M . 8.80 -37.08 9.39
N JA1 M . 3.85 -38.40 4.56
O JA1 M . 8.29 -35.84 9.26
C1 JA1 M . 7.96 -38.19 9.34
O1 JA1 M . 6.62 -37.90 9.36
C2 JA1 M . 5.98 -37.92 8.14
O2 JA1 M . 4.47 -38.63 3.53
C3 JA1 M . 4.60 -37.78 8.13
O3 JA1 M . 2.64 -38.32 4.61
C4 JA1 M . 3.89 -37.96 6.96
C5 JA1 M . 4.60 -38.25 5.80
C6 JA1 M . 5.97 -38.39 5.78
C7 JA1 M . 6.66 -38.23 6.98
C8 JA1 M . 8.50 -39.47 9.41
C9 JA1 M . 9.87 -39.63 9.52
C10 JA1 M . 10.72 -38.55 9.60
C11 JA1 M . 12.20 -38.72 9.67
C12 JA1 M . 12.81 -38.94 8.29
C13 JA1 M . 14.24 -39.36 8.46
C14 JA1 M . 15.00 -39.64 7.16
C15 JA1 M . 14.85 -38.57 6.13
C16 JA1 M . 15.35 -39.04 4.79
C17 JA1 M . 10.18 -37.27 9.53
C1 MRD N . 0.36 -25.15 31.40
C2 MRD N . 0.47 -23.66 31.71
O2 MRD N . -0.90 -23.22 31.83
CM MRD N . 1.14 -23.46 33.08
C3 MRD N . 1.19 -22.93 30.57
C4 MRD N . 1.63 -21.47 30.78
O4 MRD N . 1.55 -20.73 29.57
C5 MRD N . 3.07 -21.32 31.31
PA NAP O . 1.98 -41.17 12.38
O1A NAP O . 1.84 -42.05 13.56
O2A NAP O . 1.74 -41.78 11.05
O5B NAP O . 1.04 -39.92 12.62
C5B NAP O . 0.76 -39.15 11.48
C4B NAP O . -0.57 -38.54 11.87
O4B NAP O . -0.88 -37.52 10.94
C3B NAP O . -1.68 -39.57 11.79
O3B NAP O . -2.37 -39.64 13.02
C2B NAP O . -2.62 -39.00 10.74
O2B NAP O . -3.97 -39.26 11.03
C1B NAP O . -2.28 -37.52 10.90
N9A NAP O . -2.82 -36.76 9.77
C8A NAP O . -2.28 -36.78 8.52
N7A NAP O . -3.06 -35.97 7.76
C5A NAP O . -4.05 -35.45 8.51
C6A NAP O . -5.10 -34.61 8.18
N6A NAP O . -5.23 -34.18 6.92
N1A NAP O . -5.95 -34.22 9.18
C2A NAP O . -5.80 -34.71 10.46
N3A NAP O . -4.78 -35.56 10.76
C4A NAP O . -3.93 -35.94 9.80
O3 NAP O . 3.48 -40.59 12.23
PN NAP O . 4.39 -39.76 13.26
O1N NAP O . 5.74 -40.09 12.82
O2N NAP O . 3.86 -40.00 14.62
O5D NAP O . 4.01 -38.24 12.86
C5D NAP O . 3.76 -37.25 13.81
C4D NAP O . 4.49 -35.96 13.48
O4D NAP O . 5.86 -36.12 13.80
C3D NAP O . 4.44 -35.55 12.03
O3D NAP O . 4.28 -34.15 11.97
C2D NAP O . 5.83 -35.88 11.52
O2D NAP O . 6.16 -35.03 10.46
C1D NAP O . 6.66 -35.61 12.77
N1N NAP O . 7.96 -36.26 12.82
C2N NAP O . 8.04 -37.62 12.71
C3N NAP O . 9.29 -38.20 12.78
C7N NAP O . 9.46 -39.68 12.71
O7N NAP O . 10.74 -40.07 12.37
N7N NAP O . 8.50 -40.58 12.97
C4N NAP O . 10.41 -37.44 13.03
C5N NAP O . 10.32 -36.07 13.14
C6N NAP O . 9.07 -35.49 13.02
P2B NAP O . -4.81 -40.39 10.21
O1X NAP O . -4.03 -41.70 10.21
O2X NAP O . -6.14 -40.50 10.93
O3X NAP O . -5.06 -40.03 8.75
N GLU P . 24.16 4.63 32.89
CA GLU P . 24.30 3.26 33.42
C GLU P . 25.14 2.36 32.45
O GLU P . 25.16 2.63 31.23
CB GLU P . 22.90 2.69 33.74
CG GLU P . 21.84 3.00 32.66
CD GLU P . 21.63 1.84 31.67
OE1 GLU P . 21.90 0.68 32.07
OE2 GLU P . 21.12 2.14 30.56
OXT GLU P . 25.79 1.44 32.99
C JA1 Q . 25.62 -11.67 30.94
N JA1 Q . 31.56 -9.36 33.92
O JA1 Q . 26.48 -12.65 30.55
C1 JA1 Q . 25.69 -11.17 32.24
O1 JA1 Q . 26.61 -11.79 33.06
C2 JA1 Q . 27.89 -11.27 33.19
O2 JA1 Q . 31.74 -8.24 33.46
C3 JA1 Q . 28.79 -11.84 34.08
O3 JA1 Q . 32.37 -9.93 34.63
C4 JA1 Q . 29.99 -11.19 34.35
C5 JA1 Q . 30.28 -10.02 33.67
C6 JA1 Q . 29.42 -9.47 32.73
C7 JA1 Q . 28.20 -10.10 32.51
C8 JA1 Q . 24.77 -10.23 32.66
C9 JA1 Q . 23.83 -9.74 31.77
C10 JA1 Q . 23.75 -10.23 30.48
C11 JA1 Q . 22.63 -9.81 29.55
C12 JA1 Q . 22.62 -8.32 29.35
C13 JA1 Q . 23.00 -7.96 27.96
C14 JA1 Q . 22.34 -6.71 27.46
C15 JA1 Q . 22.94 -6.22 26.16
C16 JA1 Q . 24.19 -5.42 26.35
C17 JA1 Q . 24.65 -11.20 30.08
C JA1 R . 41.19 -25.96 9.62
N JA1 R . 46.79 -26.18 13.91
O JA1 R . 40.89 -24.90 10.41
C1 JA1 R . 42.49 -26.13 9.15
O1 JA1 R . 43.41 -25.19 9.58
C2 JA1 R . 44.12 -25.43 10.75
O2 JA1 R . 46.69 -27.25 14.51
C3 JA1 R . 45.07 -24.47 11.10
O3 JA1 R . 47.66 -25.36 14.12
C4 JA1 R . 45.91 -24.70 12.15
C5 JA1 R . 45.80 -25.89 12.85
C6 JA1 R . 44.85 -26.84 12.54
C7 JA1 R . 44.00 -26.60 11.48
C8 JA1 R . 42.80 -27.17 8.28
C9 JA1 R . 41.79 -28.03 7.86
C10 JA1 R . 40.49 -27.88 8.32
C11 JA1 R . 39.42 -28.87 7.94
C12 JA1 R . 39.32 -29.98 8.97
C13 JA1 R . 38.72 -31.26 8.44
C14 JA1 R . 38.72 -32.40 9.47
C15 JA1 R . 37.98 -32.11 10.74
C16 JA1 R . 37.53 -33.36 11.44
C17 JA1 R . 40.20 -26.85 9.21
C1 MPD S . 20.89 -36.77 35.12
C2 MPD S . 20.11 -38.06 34.93
O2 MPD S . 20.44 -38.96 36.03
CM MPD S . 18.62 -37.78 35.08
C3 MPD S . 20.47 -38.74 33.61
C4 MPD S . 19.92 -38.16 32.30
O4 MPD S . 21.03 -37.93 31.46
C5 MPD S . 18.95 -39.09 31.55
PA NAP T . 26.20 -13.03 39.29
O1A NAP T . 25.10 -13.19 40.26
O2A NAP T . 27.14 -11.91 39.45
O5B NAP T . 26.98 -14.41 39.18
C5B NAP T . 28.23 -14.46 38.53
C4B NAP T . 29.04 -15.53 39.28
O4B NAP T . 30.23 -15.81 38.59
C3B NAP T . 29.42 -15.05 40.66
O3B NAP T . 28.84 -15.96 41.57
C2B NAP T . 30.94 -15.13 40.68
O2B NAP T . 31.47 -15.57 41.90
C1B NAP T . 31.19 -16.14 39.57
N9A NAP T . 32.56 -16.04 39.05
C8A NAP T . 33.12 -15.09 38.23
N7A NAP T . 34.38 -15.45 37.96
C5A NAP T . 34.67 -16.60 38.60
C6A NAP T . 35.83 -17.35 38.76
N6A NAP T . 36.98 -17.00 38.17
N1A NAP T . 35.77 -18.50 39.52
C2A NAP T . 34.61 -18.88 40.16
N3A NAP T . 33.48 -18.11 40.03
C4A NAP T . 33.53 -16.97 39.31
O3 NAP T . 25.52 -12.81 37.84
PN NAP T . 24.69 -13.78 36.87
O1N NAP T . 24.07 -12.93 35.83
O2N NAP T . 23.86 -14.63 37.78
O5D NAP T . 25.79 -14.70 36.14
C5D NAP T . 25.61 -16.08 36.04
C4D NAP T . 25.72 -16.51 34.59
O4D NAP T . 24.59 -16.08 33.86
C3D NAP T . 26.93 -15.86 33.97
O3D NAP T . 27.69 -16.81 33.29
C2D NAP T . 26.39 -14.89 32.92
O2D NAP T . 27.30 -14.82 31.83
C1D NAP T . 25.03 -15.55 32.64
N1N NAP T . 23.97 -14.68 32.11
C2N NAP T . 23.44 -13.67 32.85
C3N NAP T . 22.44 -12.88 32.31
C7N NAP T . 21.82 -11.75 33.05
O7N NAP T . 20.92 -10.97 32.32
N7N NAP T . 22.03 -11.55 34.34
C4N NAP T . 21.94 -13.19 31.06
C5N NAP T . 22.42 -14.26 30.32
C6N NAP T . 23.47 -14.98 30.86
P2B NAP T . 32.15 -14.55 42.96
O1X NAP T . 31.15 -13.46 43.22
O2X NAP T . 32.43 -15.29 44.25
O3X NAP T . 33.45 -14.06 42.38
C1 MPD U . 36.06 -1.97 -2.01
C2 MPD U . 36.47 -1.13 -0.80
O2 MPD U . 37.35 -0.09 -1.32
CM MPD U . 37.23 -2.05 0.16
C3 MPD U . 35.27 -0.46 -0.10
C4 MPD U . 34.03 -1.34 0.14
O4 MPD U . 33.81 -1.40 1.53
C5 MPD U . 32.76 -0.83 -0.55
PA NAP V . 48.51 -23.15 6.32
O1A NAP V . 48.88 -22.95 4.91
O2A NAP V . 49.42 -23.99 7.10
O5B NAP V . 48.37 -21.67 6.93
C5B NAP V . 48.21 -21.45 8.30
C4B NAP V . 48.97 -20.14 8.47
O4B NAP V . 48.82 -19.62 9.76
C3B NAP V . 50.45 -20.40 8.25
O3B NAP V . 50.98 -19.53 7.27
C2B NAP V . 51.02 -20.11 9.61
O2B NAP V . 52.33 -19.60 9.58
C1B NAP V . 50.05 -19.02 10.06
N9A NAP V . 50.23 -18.77 11.48
C8A NAP V . 50.04 -19.65 12.51
N7A NAP V . 50.30 -19.01 13.67
C5A NAP V . 50.70 -17.75 13.38
C6A NAP V . 51.12 -16.70 14.17
N6A NAP V . 51.19 -16.86 15.50
N1A NAP V . 51.47 -15.50 13.58
C2A NAP V . 51.41 -15.34 12.22
N3A NAP V . 50.99 -16.40 11.44
C4A NAP V . 50.67 -17.58 12.00
O3 NAP V . 47.03 -23.80 6.37
PN NAP V . 45.62 -23.32 5.75
O1N NAP V . 44.74 -24.51 5.63
O2N NAP V . 45.94 -22.42 4.59
O5D NAP V . 45.05 -22.46 6.98
C5D NAP V . 44.79 -21.08 6.80
C4D NAP V . 43.48 -20.69 7.47
O4D NAP V . 42.41 -21.37 6.84
C3D NAP V . 43.39 -21.08 8.92
O3D NAP V . 42.66 -20.08 9.59
C2D NAP V . 42.57 -22.33 8.89
O2D NAP V . 41.92 -22.60 10.11
C1D NAP V . 41.59 -21.99 7.78
N1N NAP V . 40.86 -23.14 7.19
C2N NAP V . 41.52 -24.20 6.61
C3N NAP V . 40.80 -25.29 6.10
C7N NAP V . 41.44 -26.40 5.31
O7N NAP V . 40.70 -27.57 5.12
N7N NAP V . 42.67 -26.30 4.80
C4N NAP V . 39.40 -25.24 6.13
C5N NAP V . 38.77 -24.14 6.70
C6N NAP V . 39.50 -23.11 7.25
P2B NAP V . 53.64 -20.51 9.87
O1X NAP V . 53.80 -21.57 8.80
O2X NAP V . 54.78 -19.50 9.78
O3X NAP V . 53.56 -21.19 11.22
N GLU W . 3.83 9.04 -1.75
CA GLU W . 3.67 8.21 -0.54
C GLU W . 3.24 6.79 -0.98
O GLU W . 3.28 6.57 -2.20
CB GLU W . 2.69 8.96 0.36
CG GLU W . 2.28 8.18 1.61
CD GLU W . 0.75 7.98 1.58
OE1 GLU W . 0.30 7.08 0.84
OE2 GLU W . 0.07 8.80 2.22
OXT GLU W . 3.05 5.92 -0.10
C JA1 X . -10.93 5.20 -3.04
N JA1 X . -7.58 -0.63 -5.50
O JA1 X . -11.83 4.91 -4.01
C1 JA1 X . -10.40 4.16 -2.26
O1 JA1 X . -10.80 2.87 -2.60
C2 JA1 X . -10.08 2.10 -3.50
O2 JA1 X . -6.54 -0.22 -6.01
C3 JA1 X . -10.51 0.81 -3.71
O3 JA1 X . -7.98 -1.78 -5.63
C4 JA1 X . -9.69 -0.09 -4.35
C5 JA1 X . -8.45 0.34 -4.79
C6 JA1 X . -8.03 1.63 -4.63
C7 JA1 X . -8.87 2.54 -3.99
C8 JA1 X . -9.57 4.47 -1.19
C9 JA1 X . -9.24 5.79 -0.93
C10 JA1 X . -9.72 6.82 -1.73
C11 JA1 X . -9.35 8.26 -1.46
C12 JA1 X . -8.25 8.75 -2.41
C13 JA1 X . -7.67 10.02 -1.88
C14 JA1 X . -6.29 10.35 -2.41
C15 JA1 X . -6.22 10.34 -3.89
C16 JA1 X . -4.81 10.55 -4.30
C17 JA1 X . -10.57 6.51 -2.79
C JA1 Y . -22.84 9.38 -30.37
N JA1 Y . -21.98 2.60 -31.82
O JA1 Y . -21.85 9.07 -29.50
C1 JA1 Y . -22.84 8.81 -31.64
O1 JA1 Y . -21.68 8.15 -32.00
C2 JA1 Y . -21.70 6.77 -31.83
O2 JA1 Y . -22.99 2.08 -31.37
C3 JA1 Y . -20.64 6.02 -32.28
O3 JA1 Y . -21.08 1.98 -32.38
C4 JA1 Y . -20.71 4.64 -32.25
C5 JA1 Y . -21.84 4.05 -31.72
C6 JA1 Y . -22.89 4.78 -31.21
C7 JA1 Y . -22.82 6.16 -31.28
C8 JA1 Y . -23.87 9.12 -32.53
C9 JA1 Y . -24.88 9.99 -32.14
C10 JA1 Y . -24.87 10.57 -30.88
C11 JA1 Y . -26.01 11.45 -30.42
C12 JA1 Y . -27.13 10.58 -29.92
C13 JA1 Y . -28.41 11.36 -29.77
C14 JA1 Y . -29.59 10.50 -29.31
C15 JA1 Y . -29.56 10.13 -27.84
C16 JA1 Y . -30.60 9.11 -27.50
C17 JA1 Y . -23.85 10.25 -30.00
C1 MPD Z . -38.20 1.31 -1.12
C2 MPD Z . -37.65 1.67 0.26
O2 MPD Z . -38.26 0.71 1.19
CM MPD Z . -36.15 1.43 0.34
C3 MPD Z . -38.01 3.12 0.67
C4 MPD Z . -38.36 4.22 -0.37
O4 MPD Z . -37.99 3.93 -1.70
C5 MPD Z . -39.83 4.68 -0.31
PA NAP AA . -11.97 -1.83 1.65
O1A NAP AA . -12.31 -1.95 3.10
O2A NAP AA . -10.63 -2.32 1.27
O5B NAP AA . -13.10 -2.50 0.75
C5B NAP AA . -13.00 -2.68 -0.65
C4B NAP AA . -13.86 -3.92 -0.83
O4B NAP AA . -14.04 -4.19 -2.21
C3B NAP AA . -13.29 -5.19 -0.19
O3B NAP AA . -14.21 -5.74 0.75
C2B NAP AA . -13.12 -6.10 -1.38
O2B NAP AA . -13.32 -7.47 -1.04
C1B NAP AA . -14.18 -5.58 -2.34
N9A NAP AA . -13.85 -6.07 -3.70
C8A NAP AA . -12.77 -5.72 -4.46
N7A NAP AA . -12.84 -6.47 -5.59
C5A NAP AA . -13.94 -7.28 -5.54
C6A NAP AA . -14.46 -8.23 -6.41
N6A NAP AA . -13.87 -8.52 -7.58
N1A NAP AA . -15.63 -8.86 -6.04
C2A NAP AA . -16.28 -8.60 -4.86
N3A NAP AA . -15.72 -7.68 -4.01
C4A NAP AA . -14.57 -7.04 -4.34
O3 NAP AA . -11.91 -0.27 1.27
PN NAP AA . -12.97 0.92 1.25
O1N NAP AA . -12.08 2.08 1.27
O2N NAP AA . -14.01 0.64 2.30
O5D NAP AA . -13.64 0.80 -0.20
C5D NAP AA . -15.00 0.51 -0.47
C4D NAP AA . -15.53 1.47 -1.54
O4D NAP AA . -15.38 2.80 -1.05
C3D NAP AA . -14.76 1.45 -2.85
O3D NAP AA . -15.60 1.64 -3.97
C2D NAP AA . -13.88 2.66 -2.76
O2D NAP AA . -13.63 3.18 -4.03
C1D NAP AA . -14.81 3.61 -2.05
N1N NAP AA . -14.20 4.84 -1.52
C2N NAP AA . -13.20 4.80 -0.59
C3N NAP AA . -12.69 5.99 -0.05
C7N NAP AA . -11.70 6.01 1.11
O7N NAP AA . -11.14 7.25 1.38
N7N NAP AA . -11.36 4.96 1.84
C4N NAP AA . -13.17 7.20 -0.52
C5N NAP AA . -14.16 7.24 -1.49
C6N NAP AA . -14.67 6.03 -1.98
P2B NAP AA . -12.14 -8.52 -0.69
O1X NAP AA . -11.14 -7.91 0.28
O2X NAP AA . -12.93 -9.67 -0.16
O3X NAP AA . -11.41 -8.88 -1.96
N GLU BA . -37.04 4.39 -34.49
CA GLU BA . -35.99 4.04 -35.46
C GLU BA . -34.76 3.54 -34.70
O GLU BA . -34.88 3.44 -33.47
CB GLU BA . -35.68 5.24 -36.37
CG GLU BA . -35.30 6.52 -35.60
CD GLU BA . -36.51 7.38 -35.17
OE1 GLU BA . -37.50 7.39 -35.93
OE2 GLU BA . -36.39 8.04 -34.11
OXT GLU BA . -33.76 3.21 -35.37
C1 MPD CA . 1.44 23.87 -31.73
C2 MPD CA . 0.34 24.00 -30.66
O2 MPD CA . -0.55 22.84 -30.77
CM MPD CA . -0.51 25.23 -31.00
C3 MPD CA . 0.88 24.17 -29.24
C4 MPD CA . -0.09 24.19 -28.02
O4 MPD CA . 0.51 23.50 -26.93
C5 MPD CA . -0.52 25.60 -27.55
PA NAP DA . -18.91 7.85 -37.70
O1A NAP DA . -18.86 8.66 -38.93
O2A NAP DA . -19.59 6.54 -37.90
O5B NAP DA . -17.46 7.63 -37.08
C5B NAP DA . -17.22 6.57 -36.18
C4B NAP DA . -15.76 6.19 -36.37
O4B NAP DA . -15.30 5.35 -35.34
C3B NAP DA . -15.57 5.43 -37.67
O3B NAP DA . -14.63 6.15 -38.45
C2B NAP DA . -14.98 4.12 -37.20
O2B NAP DA . -14.04 3.58 -38.10
C1B NAP DA . -14.31 4.53 -35.92
N9A NAP DA . -14.03 3.34 -35.12
C8A NAP DA . -14.96 2.55 -34.48
N7A NAP DA . -14.29 1.55 -33.87
C5A NAP DA . -12.96 1.70 -34.09
C6A NAP DA . -11.84 0.95 -33.70
N6A NAP DA . -12.01 -0.13 -32.94
N1A NAP DA . -10.57 1.33 -34.10
C2A NAP DA . -10.43 2.47 -34.84
N3A NAP DA . -11.54 3.20 -35.24
C4A NAP DA . -12.78 2.81 -34.88
O3 NAP DA . -19.81 8.62 -36.61
PN NAP DA . -19.48 9.95 -35.76
O1N NAP DA . -20.73 10.40 -35.14
O2N NAP DA . -18.65 10.80 -36.65
O5D NAP DA . -18.52 9.38 -34.61
C5D NAP DA . -17.32 10.04 -34.32
C4D NAP DA . -17.28 10.51 -32.87
O4D NAP DA . -18.30 11.47 -32.70
C3D NAP DA . -17.55 9.39 -31.87
O3D NAP DA . -16.74 9.45 -30.72
C2D NAP DA . -18.99 9.64 -31.45
O2D NAP DA . -19.17 9.04 -30.19
C1D NAP DA . -18.94 11.16 -31.49
N1N NAP DA . -20.22 11.88 -31.42
C2N NAP DA . -21.13 11.74 -32.42
C3N NAP DA . -22.34 12.40 -32.31
C7N NAP DA . -23.32 12.44 -33.46
O7N NAP DA . -24.55 13.00 -33.13
N7N NAP DA . -23.08 11.94 -34.68
C4N NAP DA . -22.61 13.18 -31.21
C5N NAP DA . -21.69 13.32 -30.19
C6N NAP DA . -20.48 12.67 -30.33
P2B NAP DA . -14.47 2.39 -39.12
O1X NAP DA . -15.71 2.83 -39.90
O2X NAP DA . -13.27 2.14 -40.02
O3X NAP DA . -14.78 1.15 -38.32
N GLU EA . -3.74 38.89 1.47
CA GLU EA . -2.97 39.78 0.61
C GLU EA . -3.49 41.20 0.84
O GLU EA . -3.52 41.62 2.02
CB GLU EA . -3.16 39.41 -0.88
CG GLU EA . -2.02 38.61 -1.54
CD GLU EA . -1.21 37.72 -0.57
OE1 GLU EA . -0.25 38.26 0.03
OE2 GLU EA . -1.49 36.49 -0.50
OXT GLU EA . -3.90 41.79 -0.17
C JA1 FA . -11.74 38.76 -10.00
N JA1 FA . -13.62 44.65 -6.56
O JA1 FA . -13.07 38.77 -10.26
C1 JA1 FA . -11.06 39.98 -9.90
O1 JA1 FA . -11.74 41.09 -10.40
C2 JA1 FA . -12.39 41.87 -9.47
O2 JA1 FA . -13.27 44.47 -5.40
C3 JA1 FA . -13.00 43.05 -9.86
O3 JA1 FA . -14.20 45.66 -6.94
C4 JA1 FA . -13.39 43.97 -8.91
C5 JA1 FA . -13.21 43.67 -7.58
C6 JA1 FA . -12.67 42.47 -7.16
C7 JA1 FA . -12.25 41.57 -8.12
C8 JA1 FA . -9.71 39.99 -9.63
C9 JA1 FA . -9.05 38.79 -9.43
C10 JA1 FA . -9.70 37.57 -9.50
C11 JA1 FA . -9.02 36.30 -9.09
C12 JA1 FA . -9.29 36.00 -7.63
C13 JA1 FA . -8.39 34.88 -7.15
C14 JA1 FA . -8.11 34.89 -5.66
C15 JA1 FA . -9.28 34.45 -4.86
C16 JA1 FA . -8.84 34.05 -3.52
C17 JA1 FA . -11.06 37.57 -9.82
C1 MPD GA . -20.31 37.37 -34.45
C2 MPD GA . -20.74 36.77 -35.79
O2 MPD GA . -20.95 37.87 -36.71
CM MPD GA . -19.57 35.95 -36.36
C3 MPD GA . -22.02 35.91 -35.66
C4 MPD GA . -22.04 34.69 -34.70
O4 MPD GA . -23.31 34.63 -34.07
C5 MPD GA . -21.74 33.36 -35.39
PA NAP HA . -9.58 45.84 -13.88
O1A NAP HA . -8.44 46.09 -14.81
O2A NAP HA . -9.56 46.58 -12.61
O5B NAP HA . -10.92 46.19 -14.68
C5B NAP HA . -12.14 46.32 -14.01
C4B NAP HA . -12.98 47.24 -14.89
O4B NAP HA . -14.24 47.29 -14.27
C3B NAP HA . -12.42 48.66 -14.88
O3B NAP HA . -12.19 49.08 -16.21
C2B NAP HA . -13.54 49.48 -14.26
O2B NAP HA . -13.63 50.77 -14.84
C1B NAP HA . -14.74 48.59 -14.55
N9A NAP HA . -15.91 48.96 -13.75
C8A NAP HA . -16.11 48.69 -12.43
N7A NAP HA . -17.32 49.20 -12.13
C5A NAP HA . -17.90 49.76 -13.21
C6A NAP HA . -19.09 50.44 -13.39
N6A NAP HA . -19.94 50.61 -12.38
N1A NAP HA . -19.39 50.90 -14.65
C2A NAP HA . -18.50 50.72 -15.70
N3A NAP HA . -17.31 50.06 -15.49
C4A NAP HA . -17.01 49.60 -14.26
O3 NAP HA . -9.58 44.27 -13.50
PN NAP HA . -9.75 42.96 -14.42
O1N NAP HA . -9.14 41.91 -13.61
O2N NAP HA . -9.30 43.26 -15.80
O5D NAP HA . -11.36 42.89 -14.40
C5D NAP HA . -12.11 42.62 -15.56
C4D NAP HA . -13.06 41.45 -15.32
O4D NAP HA . -12.34 40.24 -15.20
C3D NAP HA . -13.85 41.56 -14.03
O3D NAP HA . -15.17 41.16 -14.27
C2D NAP HA . -13.24 40.55 -13.07
O2D NAP HA . -14.20 40.09 -12.15
C1D NAP HA . -12.85 39.50 -14.10
N1N NAP HA . -11.84 38.55 -13.63
C2N NAP HA . -10.59 38.99 -13.24
C3N NAP HA . -9.63 38.05 -12.89
C7N NAP HA . -8.25 38.43 -12.53
O7N NAP HA . -7.54 37.50 -11.77
N7N NAP HA . -7.69 39.61 -12.80
C4N NAP HA . -9.95 36.70 -12.87
C5N NAP HA . -11.22 36.27 -13.25
C6N NAP HA . -12.13 37.21 -13.67
P2B NAP HA . -13.11 52.08 -14.01
O1X NAP HA . -11.75 51.82 -13.41
O2X NAP HA . -13.05 53.22 -15.00
O3X NAP HA . -14.11 52.39 -12.91
C JA1 IA . -39.91 28.29 -7.57
N JA1 IA . -42.25 35.06 -6.93
O JA1 IA . -38.77 28.89 -7.11
C1 JA1 IA . -41.17 28.76 -7.18
O1 JA1 IA . -41.22 29.63 -6.10
C2 JA1 IA . -41.37 30.99 -6.33
O2 JA1 IA . -42.31 35.47 -8.07
C3 JA1 IA . -41.36 31.86 -5.25
O3 JA1 IA . -42.38 35.77 -5.94
C4 JA1 IA . -41.65 33.19 -5.44
C5 JA1 IA . -41.92 33.64 -6.73
C6 JA1 IA . -41.89 32.80 -7.81
C7 JA1 IA . -41.61 31.46 -7.62
C8 JA1 IA . -42.31 28.18 -7.71
C9 JA1 IA . -42.19 27.17 -8.64
C10 JA1 IA . -40.96 26.69 -9.03
C11 JA1 IA . -40.84 25.77 -10.22
C12 JA1 IA . -41.20 26.58 -11.44
C13 JA1 IA . -41.42 25.83 -12.71
C14 JA1 IA . -40.59 26.41 -13.81
C15 JA1 IA . -41.39 26.88 -15.01
C16 JA1 IA . -40.54 27.57 -16.07
C17 JA1 IA . -39.82 27.24 -8.47
C1 MPD JA . -28.08 20.38 14.06
C2 MPD JA . -27.34 19.32 14.87
O2 MPD JA . -27.71 19.50 16.27
CM MPD JA . -27.90 17.93 14.53
C3 MPD JA . -25.82 19.39 14.61
C4 MPD JA . -25.36 19.53 13.14
O4 MPD JA . -24.25 20.41 13.01
C5 MPD JA . -24.97 18.23 12.47
PA NAP KA . -44.96 29.86 -0.88
O1A NAP KA . -45.76 28.96 -0.03
O2A NAP KA . -45.78 30.94 -1.47
O5B NAP KA . -43.75 30.44 -0.02
C5B NAP KA . -43.05 31.61 -0.36
C4B NAP KA . -42.84 32.25 1.00
O4B NAP KA . -41.94 33.33 0.89
C3B NAP KA . -44.12 32.81 1.56
O3B NAP KA . -44.30 32.30 2.85
C2B NAP KA . -43.86 34.30 1.69
O2B NAP KA . -44.48 34.81 2.85
C1B NAP KA . -42.35 34.27 1.85
N9A NAP KA . -41.75 35.57 1.54
C8A NAP KA . -41.66 36.18 0.31
N7A NAP KA . -40.97 37.34 0.49
C5A NAP KA . -40.65 37.46 1.81
C6A NAP KA . -40.00 38.44 2.55
N6A NAP KA . -39.54 39.53 1.97
N1A NAP KA . -39.80 38.27 3.92
C2A NAP KA . -40.26 37.13 4.56
N3A NAP KA . -40.91 36.15 3.81
C4A NAP KA . -41.11 36.33 2.47
O3 NAP KA . -44.29 29.03 -2.10
PN NAP KA . -43.23 27.82 -2.14
O1N NAP KA . -43.29 27.34 -3.52
O2N NAP KA . -43.36 26.93 -0.96
O5D NAP KA . -41.85 28.62 -1.91
C5D NAP KA . -40.94 28.23 -0.90
C4D NAP KA . -39.53 28.13 -1.48
O4D NAP KA . -39.35 27.00 -2.32
C3D NAP KA . -39.07 29.31 -2.33
O3D NAP KA . -37.72 29.55 -2.07
C2D NAP KA . -39.19 28.81 -3.75
O2D NAP KA . -38.31 29.50 -4.58
C1D NAP KA . -38.75 27.37 -3.53
N1N NAP KA . -39.15 26.39 -4.57
C2N NAP KA . -40.47 26.22 -4.88
C3N NAP KA . -40.80 25.26 -5.84
C7N NAP KA . -42.24 24.95 -6.18
O7N NAP KA . -42.48 24.19 -7.33
N7N NAP KA . -43.28 25.34 -5.45
C4N NAP KA . -39.79 24.51 -6.45
C5N NAP KA . -38.46 24.70 -6.11
C6N NAP KA . -38.16 25.66 -5.15
P2B NAP KA . -45.73 35.84 2.88
O1X NAP KA . -46.91 35.10 2.29
O2X NAP KA . -45.90 36.20 4.35
O3X NAP KA . -45.53 37.07 2.03
#